data_6L6D
# 
_entry.id   6L6D 
# 
_audit_conform.dict_name       mmcif_pdbx.dic 
_audit_conform.dict_version    5.380 
_audit_conform.dict_location   http://mmcif.pdb.org/dictionaries/ascii/mmcif_pdbx.dic 
# 
loop_
_database_2.database_id 
_database_2.database_code 
_database_2.pdbx_database_accession 
_database_2.pdbx_DOI 
PDB   6L6D         pdb_00006l6d 10.2210/pdb6l6d/pdb 
WWPDB D_1300014293 ?            ?                   
# 
_pdbx_database_status.status_code                     REL 
_pdbx_database_status.status_code_sf                  REL 
_pdbx_database_status.status_code_mr                  ? 
_pdbx_database_status.entry_id                        6L6D 
_pdbx_database_status.recvd_initial_deposition_date   2019-10-28 
_pdbx_database_status.SG_entry                        N 
_pdbx_database_status.deposit_site                    PDBJ 
_pdbx_database_status.process_site                    PDBJ 
_pdbx_database_status.status_code_cs                  ? 
_pdbx_database_status.methods_development_category    ? 
_pdbx_database_status.pdb_format_compatible           Y 
_pdbx_database_status.status_code_nmr_data            ? 
# 
_audit_author.name               'Kamitori, S.' 
_audit_author.pdbx_ordinal       1 
_audit_author.identifier_ORCID   0000-0002-3950-3372 
# 
_citation.abstract                  ? 
_citation.abstract_id_CAS           ? 
_citation.book_id_ISBN              ? 
_citation.book_publisher            ? 
_citation.book_publisher_city       ? 
_citation.book_title                ? 
_citation.coordinate_linkage        ? 
_citation.country                   US 
_citation.database_id_Medline       ? 
_citation.details                   ? 
_citation.id                        primary 
_citation.journal_abbrev            Biochem.Biophys.Res.Commun. 
_citation.journal_id_ASTM           BBRCA9 
_citation.journal_id_CSD            0146 
_citation.journal_id_ISSN           1090-2104 
_citation.journal_full              ? 
_citation.journal_issue             ? 
_citation.journal_volume            ? 
_citation.language                  ? 
_citation.page_first                ? 
_citation.page_last                 ? 
_citation.title                     
;Structures of human galectin-10/monosaccharide complexes demonstrate potential of monosaccharides as effectors in forming Charcot-Leyden crystals.
;
_citation.year                      2020 
_citation.database_id_CSD           ? 
_citation.pdbx_database_id_DOI      10.1016/j.bbrc.2020.02.037 
_citation.pdbx_database_id_PubMed   32081418 
_citation.unpublished_flag          ? 
# 
loop_
_citation_author.citation_id 
_citation_author.name 
_citation_author.ordinal 
_citation_author.identifier_ORCID 
primary 'Itoh, A.'       1 ? 
primary 'Nonaka, Y.'     2 ? 
primary 'Nakakita, S.I.' 3 ? 
primary 'Yoshida, H.'    4 ? 
primary 'Nishi, N.'      5 ? 
primary 'Nakamura, T.'   6 ? 
primary 'Kamitori, S.'   7 ? 
# 
_cell.angle_alpha                  90.000 
_cell.angle_alpha_esd              ? 
_cell.angle_beta                   90.000 
_cell.angle_beta_esd               ? 
_cell.angle_gamma                  120.000 
_cell.angle_gamma_esd              ? 
_cell.entry_id                     6L6D 
_cell.details                      ? 
_cell.formula_units_Z              ? 
_cell.length_a                     48.900 
_cell.length_a_esd                 ? 
_cell.length_b                     48.900 
_cell.length_b_esd                 ? 
_cell.length_c                     261.660 
_cell.length_c_esd                 ? 
_cell.volume                       ? 
_cell.volume_esd                   ? 
_cell.Z_PDB                        12 
_cell.reciprocal_angle_alpha       ? 
_cell.reciprocal_angle_beta        ? 
_cell.reciprocal_angle_gamma       ? 
_cell.reciprocal_angle_alpha_esd   ? 
_cell.reciprocal_angle_beta_esd    ? 
_cell.reciprocal_angle_gamma_esd   ? 
_cell.reciprocal_length_a          ? 
_cell.reciprocal_length_b          ? 
_cell.reciprocal_length_c          ? 
_cell.reciprocal_length_a_esd      ? 
_cell.reciprocal_length_b_esd      ? 
_cell.reciprocal_length_c_esd      ? 
_cell.pdbx_unique_axis             ? 
# 
_symmetry.entry_id                         6L6D 
_symmetry.cell_setting                     ? 
_symmetry.Int_Tables_number                179 
_symmetry.space_group_name_Hall            ? 
_symmetry.space_group_name_H-M             'P 65 2 2' 
_symmetry.pdbx_full_space_group_name_H-M   ? 
# 
loop_
_entity.id 
_entity.type 
_entity.src_method 
_entity.pdbx_description 
_entity.formula_weight 
_entity.pdbx_number_of_molecules 
_entity.pdbx_ec 
_entity.pdbx_mutation 
_entity.pdbx_fragment 
_entity.details 
1 polymer     man Galectin-10                                16644.016 1  ? ? ? ? 
2 non-polymer man 2-acetamido-2-deoxy-beta-D-galactopyranose 221.208   1  ? ? ? ? 
3 water       nat water                                      18.015    70 ? ? ? ? 
# 
_entity_name_com.entity_id   1 
_entity_name_com.name        'Gal-10,Charcot-Leyden crystal protein,CLC,Eosinophil lysophospholipase,Lysolecithin acylhydrolase' 
# 
_entity_poly.entity_id                      1 
_entity_poly.type                           'polypeptide(L)' 
_entity_poly.nstd_linkage                   no 
_entity_poly.nstd_monomer                   no 
_entity_poly.pdbx_seq_one_letter_code       
;GSMSLLPVPYTEAASLSTGSTVTIKGRPLVCFLNEPYLQVDFHTEMKEESDIVFHFQVCFGRRVVMNSREYGAWKQQVES
KNMPFQDGQEFELSISVLPDKYQVMVNGQSSYTFDHRIKPEAVKMVQVWRDISLTKFNVSYLKR
;
_entity_poly.pdbx_seq_one_letter_code_can   
;GSMSLLPVPYTEAASLSTGSTVTIKGRPLVCFLNEPYLQVDFHTEMKEESDIVFHFQVCFGRRVVMNSREYGAWKQQVES
KNMPFQDGQEFELSISVLPDKYQVMVNGQSSYTFDHRIKPEAVKMVQVWRDISLTKFNVSYLKR
;
_entity_poly.pdbx_strand_id                 A 
_entity_poly.pdbx_target_identifier         ? 
# 
loop_
_entity_poly_seq.entity_id 
_entity_poly_seq.num 
_entity_poly_seq.mon_id 
_entity_poly_seq.hetero 
1 1   GLY n 
1 2   SER n 
1 3   MET n 
1 4   SER n 
1 5   LEU n 
1 6   LEU n 
1 7   PRO n 
1 8   VAL n 
1 9   PRO n 
1 10  TYR n 
1 11  THR n 
1 12  GLU n 
1 13  ALA n 
1 14  ALA n 
1 15  SER n 
1 16  LEU n 
1 17  SER n 
1 18  THR n 
1 19  GLY n 
1 20  SER n 
1 21  THR n 
1 22  VAL n 
1 23  THR n 
1 24  ILE n 
1 25  LYS n 
1 26  GLY n 
1 27  ARG n 
1 28  PRO n 
1 29  LEU n 
1 30  VAL n 
1 31  CYS n 
1 32  PHE n 
1 33  LEU n 
1 34  ASN n 
1 35  GLU n 
1 36  PRO n 
1 37  TYR n 
1 38  LEU n 
1 39  GLN n 
1 40  VAL n 
1 41  ASP n 
1 42  PHE n 
1 43  HIS n 
1 44  THR n 
1 45  GLU n 
1 46  MET n 
1 47  LYS n 
1 48  GLU n 
1 49  GLU n 
1 50  SER n 
1 51  ASP n 
1 52  ILE n 
1 53  VAL n 
1 54  PHE n 
1 55  HIS n 
1 56  PHE n 
1 57  GLN n 
1 58  VAL n 
1 59  CYS n 
1 60  PHE n 
1 61  GLY n 
1 62  ARG n 
1 63  ARG n 
1 64  VAL n 
1 65  VAL n 
1 66  MET n 
1 67  ASN n 
1 68  SER n 
1 69  ARG n 
1 70  GLU n 
1 71  TYR n 
1 72  GLY n 
1 73  ALA n 
1 74  TRP n 
1 75  LYS n 
1 76  GLN n 
1 77  GLN n 
1 78  VAL n 
1 79  GLU n 
1 80  SER n 
1 81  LYS n 
1 82  ASN n 
1 83  MET n 
1 84  PRO n 
1 85  PHE n 
1 86  GLN n 
1 87  ASP n 
1 88  GLY n 
1 89  GLN n 
1 90  GLU n 
1 91  PHE n 
1 92  GLU n 
1 93  LEU n 
1 94  SER n 
1 95  ILE n 
1 96  SER n 
1 97  VAL n 
1 98  LEU n 
1 99  PRO n 
1 100 ASP n 
1 101 LYS n 
1 102 TYR n 
1 103 GLN n 
1 104 VAL n 
1 105 MET n 
1 106 VAL n 
1 107 ASN n 
1 108 GLY n 
1 109 GLN n 
1 110 SER n 
1 111 SER n 
1 112 TYR n 
1 113 THR n 
1 114 PHE n 
1 115 ASP n 
1 116 HIS n 
1 117 ARG n 
1 118 ILE n 
1 119 LYS n 
1 120 PRO n 
1 121 GLU n 
1 122 ALA n 
1 123 VAL n 
1 124 LYS n 
1 125 MET n 
1 126 VAL n 
1 127 GLN n 
1 128 VAL n 
1 129 TRP n 
1 130 ARG n 
1 131 ASP n 
1 132 ILE n 
1 133 SER n 
1 134 LEU n 
1 135 THR n 
1 136 LYS n 
1 137 PHE n 
1 138 ASN n 
1 139 VAL n 
1 140 SER n 
1 141 TYR n 
1 142 LEU n 
1 143 LYS n 
1 144 ARG n 
# 
_entity_src_gen.entity_id                          1 
_entity_src_gen.pdbx_src_id                        1 
_entity_src_gen.pdbx_alt_source_flag               sample 
_entity_src_gen.pdbx_seq_type                      'Biological sequence' 
_entity_src_gen.pdbx_beg_seq_num                   1 
_entity_src_gen.pdbx_end_seq_num                   144 
_entity_src_gen.gene_src_common_name               Human 
_entity_src_gen.gene_src_genus                     ? 
_entity_src_gen.pdbx_gene_src_gene                 'CLC, LGALS10, LGALS10A' 
_entity_src_gen.gene_src_species                   ? 
_entity_src_gen.gene_src_strain                    ? 
_entity_src_gen.gene_src_tissue                    ? 
_entity_src_gen.gene_src_tissue_fraction           ? 
_entity_src_gen.gene_src_details                   ? 
_entity_src_gen.pdbx_gene_src_fragment             ? 
_entity_src_gen.pdbx_gene_src_scientific_name      'Homo sapiens' 
_entity_src_gen.pdbx_gene_src_ncbi_taxonomy_id     9606 
_entity_src_gen.pdbx_gene_src_variant              ? 
_entity_src_gen.pdbx_gene_src_cell_line            ? 
_entity_src_gen.pdbx_gene_src_atcc                 ? 
_entity_src_gen.pdbx_gene_src_organ                ? 
_entity_src_gen.pdbx_gene_src_organelle            ? 
_entity_src_gen.pdbx_gene_src_cell                 ? 
_entity_src_gen.pdbx_gene_src_cellular_location    ? 
_entity_src_gen.host_org_common_name               ? 
_entity_src_gen.pdbx_host_org_scientific_name      'Escherichia coli' 
_entity_src_gen.pdbx_host_org_ncbi_taxonomy_id     562 
_entity_src_gen.host_org_genus                     ? 
_entity_src_gen.pdbx_host_org_gene                 ? 
_entity_src_gen.pdbx_host_org_organ                ? 
_entity_src_gen.host_org_species                   ? 
_entity_src_gen.pdbx_host_org_tissue               ? 
_entity_src_gen.pdbx_host_org_tissue_fraction      ? 
_entity_src_gen.pdbx_host_org_strain               ? 
_entity_src_gen.pdbx_host_org_variant              ? 
_entity_src_gen.pdbx_host_org_cell_line            ? 
_entity_src_gen.pdbx_host_org_atcc                 ? 
_entity_src_gen.pdbx_host_org_culture_collection   ? 
_entity_src_gen.pdbx_host_org_cell                 ? 
_entity_src_gen.pdbx_host_org_organelle            ? 
_entity_src_gen.pdbx_host_org_cellular_location    ? 
_entity_src_gen.pdbx_host_org_vector_type          ? 
_entity_src_gen.pdbx_host_org_vector               ? 
_entity_src_gen.host_org_details                   ? 
_entity_src_gen.expression_system_id               ? 
_entity_src_gen.plasmid_name                       ? 
_entity_src_gen.plasmid_details                    ? 
_entity_src_gen.pdbx_description                   ? 
# 
_struct_ref.id                         1 
_struct_ref.db_name                    UNP 
_struct_ref.db_code                    LEG10_HUMAN 
_struct_ref.pdbx_db_accession          Q05315 
_struct_ref.pdbx_db_isoform            ? 
_struct_ref.entity_id                  1 
_struct_ref.pdbx_seq_one_letter_code   
;MSLLPVPYTEAASLSTGSTVTIKGRPLACFLNEPYLQVDFHTEMKEESDIVFHFQVCFGRRVVMNSREYGAWKQQVESKN
MPFQDGQEFELSISVLPDKYQVMVNGQSSYTFDHRIKPEAVKMVQVWRDISLTKFNVSYLKR
;
_struct_ref.pdbx_align_begin           1 
# 
_struct_ref_seq.align_id                      1 
_struct_ref_seq.ref_id                        1 
_struct_ref_seq.pdbx_PDB_id_code              6L6D 
_struct_ref_seq.pdbx_strand_id                A 
_struct_ref_seq.seq_align_beg                 3 
_struct_ref_seq.pdbx_seq_align_beg_ins_code   ? 
_struct_ref_seq.seq_align_end                 144 
_struct_ref_seq.pdbx_seq_align_end_ins_code   ? 
_struct_ref_seq.pdbx_db_accession             Q05315 
_struct_ref_seq.db_align_beg                  1 
_struct_ref_seq.pdbx_db_align_beg_ins_code    ? 
_struct_ref_seq.db_align_end                  142 
_struct_ref_seq.pdbx_db_align_end_ins_code    ? 
_struct_ref_seq.pdbx_auth_seq_align_beg       1 
_struct_ref_seq.pdbx_auth_seq_align_end       142 
# 
loop_
_struct_ref_seq_dif.align_id 
_struct_ref_seq_dif.pdbx_pdb_id_code 
_struct_ref_seq_dif.mon_id 
_struct_ref_seq_dif.pdbx_pdb_strand_id 
_struct_ref_seq_dif.seq_num 
_struct_ref_seq_dif.pdbx_pdb_ins_code 
_struct_ref_seq_dif.pdbx_seq_db_name 
_struct_ref_seq_dif.pdbx_seq_db_accession_code 
_struct_ref_seq_dif.db_mon_id 
_struct_ref_seq_dif.pdbx_seq_db_seq_num 
_struct_ref_seq_dif.details 
_struct_ref_seq_dif.pdbx_auth_seq_num 
_struct_ref_seq_dif.pdbx_ordinal 
1 6L6D GLY A 1  ? UNP Q05315 ?   ?  'expression tag' -1 1 
1 6L6D SER A 2  ? UNP Q05315 ?   ?  'expression tag' 0  2 
1 6L6D VAL A 30 ? UNP Q05315 ALA 28 variant          28 3 
# 
loop_
_chem_comp.id 
_chem_comp.type 
_chem_comp.mon_nstd_flag 
_chem_comp.name 
_chem_comp.pdbx_synonyms 
_chem_comp.formula 
_chem_comp.formula_weight 
ALA 'L-peptide linking'          y ALANINE                                    ? 'C3 H7 N O2'     89.093  
ARG 'L-peptide linking'          y ARGININE                                   ? 'C6 H15 N4 O2 1' 175.209 
ASN 'L-peptide linking'          y ASPARAGINE                                 ? 'C4 H8 N2 O3'    132.118 
ASP 'L-peptide linking'          y 'ASPARTIC ACID'                            ? 'C4 H7 N O4'     133.103 
CYS 'L-peptide linking'          y CYSTEINE                                   ? 'C3 H7 N O2 S'   121.158 
GLN 'L-peptide linking'          y GLUTAMINE                                  ? 'C5 H10 N2 O3'   146.144 
GLU 'L-peptide linking'          y 'GLUTAMIC ACID'                            ? 'C5 H9 N O4'     147.129 
GLY 'peptide linking'            y GLYCINE                                    ? 'C2 H5 N O2'     75.067  
HIS 'L-peptide linking'          y HISTIDINE                                  ? 'C6 H10 N3 O2 1' 156.162 
HOH non-polymer                  . WATER                                      ? 'H2 O'           18.015  
ILE 'L-peptide linking'          y ISOLEUCINE                                 ? 'C6 H13 N O2'    131.173 
LEU 'L-peptide linking'          y LEUCINE                                    ? 'C6 H13 N O2'    131.173 
LYS 'L-peptide linking'          y LYSINE                                     ? 'C6 H15 N2 O2 1' 147.195 
MET 'L-peptide linking'          y METHIONINE                                 ? 'C5 H11 N O2 S'  149.211 
NGA 'D-saccharide, beta linking' . 2-acetamido-2-deoxy-beta-D-galactopyranose 
;N-acetyl-beta-D-galactosamine; 2-acetamido-2-deoxy-beta-D-galactose; 2-acetamido-2-deoxy-D-galactose; 2-acetamido-2-deoxy-galactose; N-ACETYL-D-GALACTOSAMINE
;
'C8 H15 N O6'    221.208 
PHE 'L-peptide linking'          y PHENYLALANINE                              ? 'C9 H11 N O2'    165.189 
PRO 'L-peptide linking'          y PROLINE                                    ? 'C5 H9 N O2'     115.130 
SER 'L-peptide linking'          y SERINE                                     ? 'C3 H7 N O3'     105.093 
THR 'L-peptide linking'          y THREONINE                                  ? 'C4 H9 N O3'     119.119 
TRP 'L-peptide linking'          y TRYPTOPHAN                                 ? 'C11 H12 N2 O2'  204.225 
TYR 'L-peptide linking'          y TYROSINE                                   ? 'C9 H11 N O3'    181.189 
VAL 'L-peptide linking'          y VALINE                                     ? 'C5 H11 N O2'    117.146 
# 
_exptl.absorpt_coefficient_mu     ? 
_exptl.absorpt_correction_T_max   ? 
_exptl.absorpt_correction_T_min   ? 
_exptl.absorpt_correction_type    ? 
_exptl.absorpt_process_details    ? 
_exptl.entry_id                   6L6D 
_exptl.crystals_number            1 
_exptl.details                    ? 
_exptl.method                     'X-RAY DIFFRACTION' 
_exptl.method_details             ? 
# 
_exptl_crystal.colour                      ? 
_exptl_crystal.density_diffrn              ? 
_exptl_crystal.density_Matthews            2.71 
_exptl_crystal.density_method              ? 
_exptl_crystal.density_percent_sol         54.66 
_exptl_crystal.description                 ? 
_exptl_crystal.F_000                       ? 
_exptl_crystal.id                          1 
_exptl_crystal.preparation                 ? 
_exptl_crystal.size_max                    ? 
_exptl_crystal.size_mid                    ? 
_exptl_crystal.size_min                    ? 
_exptl_crystal.size_rad                    ? 
_exptl_crystal.colour_lustre               ? 
_exptl_crystal.colour_modifier             ? 
_exptl_crystal.colour_primary              ? 
_exptl_crystal.density_meas                ? 
_exptl_crystal.density_meas_esd            ? 
_exptl_crystal.density_meas_gt             ? 
_exptl_crystal.density_meas_lt             ? 
_exptl_crystal.density_meas_temp           ? 
_exptl_crystal.density_meas_temp_esd       ? 
_exptl_crystal.density_meas_temp_gt        ? 
_exptl_crystal.density_meas_temp_lt        ? 
_exptl_crystal.pdbx_crystal_image_url      ? 
_exptl_crystal.pdbx_crystal_image_format   ? 
_exptl_crystal.pdbx_mosaicity              ? 
_exptl_crystal.pdbx_mosaicity_esd          ? 
# 
_exptl_crystal_grow.apparatus       ? 
_exptl_crystal_grow.atmosphere      ? 
_exptl_crystal_grow.crystal_id      1 
_exptl_crystal_grow.details         ? 
_exptl_crystal_grow.method          'VAPOR DIFFUSION, SITTING DROP' 
_exptl_crystal_grow.method_ref      ? 
_exptl_crystal_grow.pH              ? 
_exptl_crystal_grow.pressure        ? 
_exptl_crystal_grow.pressure_esd    ? 
_exptl_crystal_grow.seeding         ? 
_exptl_crystal_grow.seeding_ref     ? 
_exptl_crystal_grow.temp            293 
_exptl_crystal_grow.temp_details    ? 
_exptl_crystal_grow.temp_esd        ? 
_exptl_crystal_grow.time            ? 
_exptl_crystal_grow.pdbx_details    '1.6 M ammonium sulfate, 0.1 M MES monohydrate pH 6.5, 10 % (v/v) 1,4-dioxane' 
_exptl_crystal_grow.pdbx_pH_range   ? 
# 
_diffrn.ambient_environment              ? 
_diffrn.ambient_temp                     100 
_diffrn.ambient_temp_details             ? 
_diffrn.ambient_temp_esd                 ? 
_diffrn.crystal_id                       1 
_diffrn.crystal_support                  ? 
_diffrn.crystal_treatment                ? 
_diffrn.details                          ? 
_diffrn.id                               1 
_diffrn.ambient_pressure                 ? 
_diffrn.ambient_pressure_esd             ? 
_diffrn.ambient_pressure_gt              ? 
_diffrn.ambient_pressure_lt              ? 
_diffrn.ambient_temp_gt                  ? 
_diffrn.ambient_temp_lt                  ? 
_diffrn.pdbx_serial_crystal_experiment   N 
# 
_diffrn_detector.details                      ? 
_diffrn_detector.detector                     'IMAGE PLATE' 
_diffrn_detector.diffrn_id                    1 
_diffrn_detector.type                         RIGAKU 
_diffrn_detector.area_resol_mean              ? 
_diffrn_detector.dtime                        ? 
_diffrn_detector.pdbx_frames_total            ? 
_diffrn_detector.pdbx_collection_time_total   ? 
_diffrn_detector.pdbx_collection_date         2019-08-28 
_diffrn_detector.pdbx_frequency               ? 
# 
_diffrn_radiation.collimation                      ? 
_diffrn_radiation.diffrn_id                        1 
_diffrn_radiation.filter_edge                      ? 
_diffrn_radiation.inhomogeneity                    ? 
_diffrn_radiation.monochromator                    ? 
_diffrn_radiation.polarisn_norm                    ? 
_diffrn_radiation.polarisn_ratio                   ? 
_diffrn_radiation.probe                            ? 
_diffrn_radiation.type                             ? 
_diffrn_radiation.xray_symbol                      ? 
_diffrn_radiation.wavelength_id                    1 
_diffrn_radiation.pdbx_monochromatic_or_laue_m_l   M 
_diffrn_radiation.pdbx_wavelength_list             ? 
_diffrn_radiation.pdbx_wavelength                  ? 
_diffrn_radiation.pdbx_diffrn_protocol             'SINGLE WAVELENGTH' 
_diffrn_radiation.pdbx_analyzer                    ? 
_diffrn_radiation.pdbx_scattering_type             x-ray 
# 
_diffrn_radiation_wavelength.id           1 
_diffrn_radiation_wavelength.wavelength   1.5418 
_diffrn_radiation_wavelength.wt           1.0 
# 
_diffrn_source.current                     ? 
_diffrn_source.details                     ? 
_diffrn_source.diffrn_id                   1 
_diffrn_source.power                       ? 
_diffrn_source.size                        ? 
_diffrn_source.source                      'ROTATING ANODE' 
_diffrn_source.target                      ? 
_diffrn_source.type                        RIGAKU 
_diffrn_source.voltage                     ? 
_diffrn_source.take-off_angle              ? 
_diffrn_source.pdbx_wavelength_list        1.5418 
_diffrn_source.pdbx_wavelength             ? 
_diffrn_source.pdbx_synchrotron_beamline   ? 
_diffrn_source.pdbx_synchrotron_site       ? 
# 
_reflns.B_iso_Wilson_estimate            ? 
_reflns.entry_id                         6L6D 
_reflns.data_reduction_details           ? 
_reflns.data_reduction_method            ? 
_reflns.d_resolution_high                1.93 
_reflns.d_resolution_low                 19.63 
_reflns.details                          ? 
_reflns.limit_h_max                      ? 
_reflns.limit_h_min                      ? 
_reflns.limit_k_max                      ? 
_reflns.limit_k_min                      ? 
_reflns.limit_l_max                      ? 
_reflns.limit_l_min                      ? 
_reflns.number_all                       ? 
_reflns.number_obs                       14992 
_reflns.observed_criterion               ? 
_reflns.observed_criterion_F_max         ? 
_reflns.observed_criterion_F_min         ? 
_reflns.observed_criterion_I_max         ? 
_reflns.observed_criterion_I_min         ? 
_reflns.observed_criterion_sigma_F       ? 
_reflns.observed_criterion_sigma_I       ? 
_reflns.percent_possible_obs             99.8 
_reflns.R_free_details                   ? 
_reflns.Rmerge_F_all                     ? 
_reflns.Rmerge_F_obs                     ? 
_reflns.Friedel_coverage                 ? 
_reflns.number_gt                        ? 
_reflns.threshold_expression             ? 
_reflns.pdbx_redundancy                  19.3 
_reflns.pdbx_Rmerge_I_obs                ? 
_reflns.pdbx_Rmerge_I_all                ? 
_reflns.pdbx_Rsym_value                  ? 
_reflns.pdbx_netI_over_av_sigmaI         ? 
_reflns.pdbx_netI_over_sigmaI            16.8 
_reflns.pdbx_res_netI_over_av_sigmaI_2   ? 
_reflns.pdbx_res_netI_over_sigmaI_2      ? 
_reflns.pdbx_chi_squared                 ? 
_reflns.pdbx_scaling_rejects             ? 
_reflns.pdbx_d_res_high_opt              ? 
_reflns.pdbx_d_res_low_opt               ? 
_reflns.pdbx_d_res_opt_method            ? 
_reflns.phase_calculation_details        ? 
_reflns.pdbx_Rrim_I_all                  ? 
_reflns.pdbx_Rpim_I_all                  ? 
_reflns.pdbx_d_opt                       ? 
_reflns.pdbx_number_measured_all         ? 
_reflns.pdbx_diffrn_id                   1 
_reflns.pdbx_ordinal                     1 
_reflns.pdbx_CC_half                     0.998 
_reflns.pdbx_CC_star                     ? 
_reflns.pdbx_R_split                     ? 
# 
_reflns_shell.d_res_high                  1.93 
_reflns_shell.d_res_low                   1.98 
_reflns_shell.meanI_over_sigI_all         ? 
_reflns_shell.meanI_over_sigI_obs         ? 
_reflns_shell.number_measured_all         ? 
_reflns_shell.number_measured_obs         ? 
_reflns_shell.number_possible             ? 
_reflns_shell.number_unique_all           ? 
_reflns_shell.number_unique_obs           1048 
_reflns_shell.percent_possible_all        ? 
_reflns_shell.percent_possible_obs        ? 
_reflns_shell.Rmerge_F_all                ? 
_reflns_shell.Rmerge_F_obs                ? 
_reflns_shell.Rmerge_I_all                ? 
_reflns_shell.Rmerge_I_obs                ? 
_reflns_shell.meanI_over_sigI_gt          ? 
_reflns_shell.meanI_over_uI_all           ? 
_reflns_shell.meanI_over_uI_gt            ? 
_reflns_shell.number_measured_gt          ? 
_reflns_shell.number_unique_gt            ? 
_reflns_shell.percent_possible_gt         ? 
_reflns_shell.Rmerge_F_gt                 ? 
_reflns_shell.Rmerge_I_gt                 ? 
_reflns_shell.pdbx_redundancy             ? 
_reflns_shell.pdbx_Rsym_value             ? 
_reflns_shell.pdbx_chi_squared            ? 
_reflns_shell.pdbx_netI_over_sigmaI_all   ? 
_reflns_shell.pdbx_netI_over_sigmaI_obs   ? 
_reflns_shell.pdbx_Rrim_I_all             ? 
_reflns_shell.pdbx_Rpim_I_all             ? 
_reflns_shell.pdbx_rejects                ? 
_reflns_shell.pdbx_ordinal                1 
_reflns_shell.pdbx_diffrn_id              1 
_reflns_shell.pdbx_CC_half                0.903 
_reflns_shell.pdbx_CC_star                ? 
_reflns_shell.pdbx_R_split                ? 
# 
_refine.aniso_B[1][1]                            0.001 
_refine.aniso_B[1][2]                            0.001 
_refine.aniso_B[1][3]                            0.000 
_refine.aniso_B[2][2]                            0.001 
_refine.aniso_B[2][3]                            0.000 
_refine.aniso_B[3][3]                            -0.004 
_refine.B_iso_max                                ? 
_refine.B_iso_mean                               17.848 
_refine.B_iso_min                                ? 
_refine.correlation_coeff_Fo_to_Fc               0.935 
_refine.correlation_coeff_Fo_to_Fc_free          0.947 
_refine.details                                  'Hydrogens have been added in their riding positions' 
_refine.diff_density_max                         ? 
_refine.diff_density_max_esd                     ? 
_refine.diff_density_min                         ? 
_refine.diff_density_min_esd                     ? 
_refine.diff_density_rms                         ? 
_refine.diff_density_rms_esd                     ? 
_refine.entry_id                                 6L6D 
_refine.pdbx_refine_id                           'X-RAY DIFFRACTION' 
_refine.ls_abs_structure_details                 ? 
_refine.ls_abs_structure_Flack                   ? 
_refine.ls_abs_structure_Flack_esd               ? 
_refine.ls_abs_structure_Rogers                  ? 
_refine.ls_abs_structure_Rogers_esd              ? 
_refine.ls_d_res_high                            1.930 
_refine.ls_d_res_low                             19.628 
_refine.ls_extinction_coef                       ? 
_refine.ls_extinction_coef_esd                   ? 
_refine.ls_extinction_expression                 ? 
_refine.ls_extinction_method                     ? 
_refine.ls_goodness_of_fit_all                   ? 
_refine.ls_goodness_of_fit_all_esd               ? 
_refine.ls_goodness_of_fit_obs                   ? 
_refine.ls_goodness_of_fit_obs_esd               ? 
_refine.ls_hydrogen_treatment                    ? 
_refine.ls_matrix_type                           ? 
_refine.ls_number_constraints                    ? 
_refine.ls_number_parameters                     ? 
_refine.ls_number_reflns_all                     ? 
_refine.ls_number_reflns_obs                     14992 
_refine.ls_number_reflns_R_free                  759 
_refine.ls_number_reflns_R_work                  ? 
_refine.ls_number_restraints                     ? 
_refine.ls_percent_reflns_obs                    99.814 
_refine.ls_percent_reflns_R_free                 5.063 
_refine.ls_R_factor_all                          0.203 
_refine.ls_R_factor_obs                          ? 
_refine.ls_R_factor_R_free                       0.2332 
_refine.ls_R_factor_R_free_error                 ? 
_refine.ls_R_factor_R_free_error_details         ? 
_refine.ls_R_factor_R_work                       0.2017 
_refine.ls_R_Fsqd_factor_obs                     ? 
_refine.ls_R_I_factor_obs                        ? 
_refine.ls_redundancy_reflns_all                 ? 
_refine.ls_redundancy_reflns_obs                 ? 
_refine.ls_restrained_S_all                      ? 
_refine.ls_restrained_S_obs                      ? 
_refine.ls_shift_over_esd_max                    ? 
_refine.ls_shift_over_esd_mean                   ? 
_refine.ls_structure_factor_coef                 ? 
_refine.ls_weighting_details                     ? 
_refine.ls_weighting_scheme                      ? 
_refine.ls_wR_factor_all                         ? 
_refine.ls_wR_factor_obs                         ? 
_refine.ls_wR_factor_R_free                      ? 
_refine.ls_wR_factor_R_work                      ? 
_refine.occupancy_max                            ? 
_refine.occupancy_min                            ? 
_refine.solvent_model_details                    ? 
_refine.solvent_model_param_bsol                 ? 
_refine.solvent_model_param_ksol                 ? 
_refine.pdbx_R_complete                          ? 
_refine.ls_R_factor_gt                           ? 
_refine.ls_goodness_of_fit_gt                    ? 
_refine.ls_goodness_of_fit_ref                   ? 
_refine.ls_shift_over_su_max                     ? 
_refine.ls_shift_over_su_max_lt                  ? 
_refine.ls_shift_over_su_mean                    ? 
_refine.ls_shift_over_su_mean_lt                 ? 
_refine.pdbx_ls_sigma_I                          ? 
_refine.pdbx_ls_sigma_F                          ? 
_refine.pdbx_ls_sigma_Fsqd                       ? 
_refine.pdbx_data_cutoff_high_absF               ? 
_refine.pdbx_data_cutoff_high_rms_absF           ? 
_refine.pdbx_data_cutoff_low_absF                ? 
_refine.pdbx_isotropic_thermal_model             ? 
_refine.pdbx_ls_cross_valid_method               'FREE R-VALUE' 
_refine.pdbx_method_to_determine_struct          'MOLECULAR REPLACEMENT' 
_refine.pdbx_starting_model                      1QKQ 
_refine.pdbx_stereochemistry_target_values       ? 
_refine.pdbx_R_Free_selection_details            ? 
_refine.pdbx_stereochem_target_val_spec_case     ? 
_refine.pdbx_overall_ESU_R                       0.145 
_refine.pdbx_overall_ESU_R_Free                  0.135 
_refine.pdbx_solvent_vdw_probe_radii             1.200 
_refine.pdbx_solvent_ion_probe_radii             0.800 
_refine.pdbx_solvent_shrinkage_radii             0.800 
_refine.pdbx_real_space_R                        ? 
_refine.pdbx_density_correlation                 ? 
_refine.pdbx_pd_number_of_powder_patterns        ? 
_refine.pdbx_pd_number_of_points                 ? 
_refine.pdbx_pd_meas_number_of_points            ? 
_refine.pdbx_pd_proc_ls_prof_R_factor            ? 
_refine.pdbx_pd_proc_ls_prof_wR_factor           ? 
_refine.pdbx_pd_Marquardt_correlation_coeff      ? 
_refine.pdbx_pd_Fsqrd_R_factor                   ? 
_refine.pdbx_pd_ls_matrix_band_width             ? 
_refine.pdbx_overall_phase_error                 ? 
_refine.pdbx_overall_SU_R_free_Cruickshank_DPI   ? 
_refine.pdbx_overall_SU_R_free_Blow_DPI          ? 
_refine.pdbx_overall_SU_R_Blow_DPI               ? 
_refine.pdbx_TLS_residual_ADP_flag               ? 
_refine.pdbx_diffrn_id                           1 
_refine.overall_SU_B                             3.315 
_refine.overall_SU_ML                            0.095 
_refine.overall_SU_R_Cruickshank_DPI             ? 
_refine.overall_SU_R_free                        ? 
_refine.overall_FOM_free_R_set                   ? 
_refine.overall_FOM_work_R_set                   ? 
_refine.pdbx_average_fsc_overall                 ? 
_refine.pdbx_average_fsc_work                    ? 
_refine.pdbx_average_fsc_free                    ? 
# 
_refine_hist.pdbx_refine_id                   'X-RAY DIFFRACTION' 
_refine_hist.cycle_id                         LAST 
_refine_hist.pdbx_number_atoms_protein        1159 
_refine_hist.pdbx_number_atoms_nucleic_acid   0 
_refine_hist.pdbx_number_atoms_ligand         15 
_refine_hist.number_atoms_solvent             70 
_refine_hist.number_atoms_total               1244 
_refine_hist.d_res_high                       1.930 
_refine_hist.d_res_low                        19.628 
# 
loop_
_refine_ls_restr.pdbx_refine_id 
_refine_ls_restr.criterion 
_refine_ls_restr.dev_ideal 
_refine_ls_restr.dev_ideal_target 
_refine_ls_restr.number 
_refine_ls_restr.rejects 
_refine_ls_restr.type 
_refine_ls_restr.weight 
_refine_ls_restr.pdbx_restraint_function 
'X-RAY DIFFRACTION' ? 0.006  0.013  1202 ? r_bond_refined_d               ? ? 
'X-RAY DIFFRACTION' ? 0.002  0.017  1099 ? r_bond_other_d                 ? ? 
'X-RAY DIFFRACTION' ? 1.363  1.665  1626 ? r_angle_refined_deg            ? ? 
'X-RAY DIFFRACTION' ? 1.189  1.588  2558 ? r_angle_other_deg              ? ? 
'X-RAY DIFFRACTION' ? 9.076  5.000  141  ? r_dihedral_angle_1_deg         ? ? 
'X-RAY DIFFRACTION' ? 34.522 22.500 64   ? r_dihedral_angle_2_deg         ? ? 
'X-RAY DIFFRACTION' ? 17.407 15.000 212  ? r_dihedral_angle_3_deg         ? ? 
'X-RAY DIFFRACTION' ? 22.931 15.000 7    ? r_dihedral_angle_4_deg         ? ? 
'X-RAY DIFFRACTION' ? 0.057  0.200  153  ? r_chiral_restr                 ? ? 
'X-RAY DIFFRACTION' ? 0.006  0.020  1320 ? r_gen_planes_refined           ? ? 
'X-RAY DIFFRACTION' ? 0.002  0.020  258  ? r_gen_planes_other             ? ? 
'X-RAY DIFFRACTION' ? 0.170  0.150  160  ? r_nbd_refined                  ? ? 
'X-RAY DIFFRACTION' ? 0.165  0.150  975  ? r_symmetry_nbd_other           ? ? 
'X-RAY DIFFRACTION' ? 0.159  0.150  552  ? r_nbtor_refined                ? ? 
'X-RAY DIFFRACTION' ? 0.073  0.150  585  ? r_symmetry_nbtor_other         ? ? 
'X-RAY DIFFRACTION' ? 0.120  0.150  70   ? r_xyhbond_nbd_refined          ? ? 
'X-RAY DIFFRACTION' ? 0.083  0.150  12   ? r_symmetry_nbd_refined         ? ? 
'X-RAY DIFFRACTION' ? 0.154  0.150  35   ? r_nbd_other                    ? ? 
'X-RAY DIFFRACTION' ? 0.155  0.150  17   ? r_symmetry_xyhbond_nbd_refined ? ? 
'X-RAY DIFFRACTION' ? 1.068  1.740  567  ? r_mcbond_it                    ? ? 
'X-RAY DIFFRACTION' ? 1.068  1.736  566  ? r_mcbond_other                 ? ? 
'X-RAY DIFFRACTION' ? 1.780  2.592  707  ? r_mcangle_it                   ? ? 
'X-RAY DIFFRACTION' ? 1.779  2.597  708  ? r_mcangle_other                ? ? 
'X-RAY DIFFRACTION' ? 1.635  1.979  635  ? r_scbond_it                    ? ? 
'X-RAY DIFFRACTION' ? 1.634  1.979  636  ? r_scbond_other                 ? ? 
'X-RAY DIFFRACTION' ? 2.653  2.873  919  ? r_scangle_it                   ? ? 
'X-RAY DIFFRACTION' ? 2.651  2.873  920  ? r_scangle_other                ? ? 
'X-RAY DIFFRACTION' ? 3.915  19.429 1242 ? r_lrange_it                    ? ? 
'X-RAY DIFFRACTION' ? 3.915  19.360 1237 ? r_lrange_other                 ? ? 
# 
loop_
_refine_ls_shell.pdbx_refine_id 
_refine_ls_shell.d_res_high 
_refine_ls_shell.d_res_low 
_refine_ls_shell.number_reflns_all 
_refine_ls_shell.number_reflns_obs 
_refine_ls_shell.number_reflns_R_free 
_refine_ls_shell.number_reflns_R_work 
_refine_ls_shell.percent_reflns_obs 
_refine_ls_shell.percent_reflns_R_free 
_refine_ls_shell.R_factor_all 
_refine_ls_shell.R_factor_obs 
_refine_ls_shell.R_factor_R_free 
_refine_ls_shell.R_factor_R_free_error 
_refine_ls_shell.R_factor_R_work 
_refine_ls_shell.redundancy_reflns_all 
_refine_ls_shell.redundancy_reflns_obs 
_refine_ls_shell.wR_factor_all 
_refine_ls_shell.wR_factor_obs 
_refine_ls_shell.wR_factor_R_free 
_refine_ls_shell.wR_factor_R_work 
_refine_ls_shell.pdbx_R_complete 
_refine_ls_shell.pdbx_total_number_of_bins_used 
_refine_ls_shell.pdbx_phase_error 
_refine_ls_shell.pdbx_fsc_work 
_refine_ls_shell.pdbx_fsc_free 
'X-RAY DIFFRACTION' 1.930 1.980  1048 . 50 998  100.0000 . 0.221 . 0.244 . 0.220 . . . . . 0.190 . 20 . 0.913 0.901 
'X-RAY DIFFRACTION' 1.980 2.033  1054 . 50 1004 100.0000 . 0.217 . 0.271 . 0.214 . . . . . 0.185 . 20 . 0.917 0.889 
'X-RAY DIFFRACTION' 2.033 2.092  989  . 57 932  100.0000 . 0.220 . 0.314 . 0.214 . . . . . 0.183 . 20 . 0.920 0.897 
'X-RAY DIFFRACTION' 2.092 2.155  989  . 57 932  100.0000 . 0.201 . 0.241 . 0.199 . . . . . 0.173 . 20 . 0.935 0.912 
'X-RAY DIFFRACTION' 2.155 2.225  978  . 47 931  100.0000 . 0.201 . 0.236 . 0.199 . . . . . 0.172 . 20 . 0.938 0.936 
'X-RAY DIFFRACTION' 2.225 2.302  899  . 52 847  100.0000 . 0.208 . 0.281 . 0.204 . . . . . 0.174 . 20 . 0.931 0.901 
'X-RAY DIFFRACTION' 2.302 2.388  898  . 48 850  100.0000 . 0.209 . 0.321 . 0.204 . . . . . 0.175 . 20 . 0.934 0.865 
'X-RAY DIFFRACTION' 2.388 2.484  874  . 44 830  100.0000 . 0.208 . 0.241 . 0.206 . . . . . 0.181 . 20 . 0.937 0.922 
'X-RAY DIFFRACTION' 2.484 2.592  838  . 47 791  100.0000 . 0.220 . 0.233 . 0.220 . . . . . 0.195 . 20 . 0.936 0.936 
'X-RAY DIFFRACTION' 2.592 2.716  815  . 35 780  100.0000 . 0.211 . 0.288 . 0.208 . . . . . 0.181 . 20 . 0.943 0.911 
'X-RAY DIFFRACTION' 2.716 2.860  762  . 29 733  100.0000 . 0.201 . 0.261 . 0.198 . . . . . 0.177 . 20 . 0.948 0.930 
'X-RAY DIFFRACTION' 2.860 3.030  738  . 39 699  100.0000 . 0.220 . 0.288 . 0.217 . . . . . 0.196 . 20 . 0.937 0.898 
'X-RAY DIFFRACTION' 3.030 3.234  690  . 33 657  100.0000 . 0.204 . 0.223 . 0.203 . . . . . 0.187 . 20 . 0.950 0.940 
'X-RAY DIFFRACTION' 3.234 3.485  661  . 34 627  100.0000 . 0.207 . 0.223 . 0.206 . . . . . 0.197 . 20 . 0.952 0.947 
'X-RAY DIFFRACTION' 3.485 3.805  604  . 34 570  100.0000 . 0.199 . 0.218 . 0.198 . . . . . 0.189 . 20 . 0.959 0.960 
'X-RAY DIFFRACTION' 3.805 4.235  565  . 29 536  100.0000 . 0.170 . 0.158 . 0.171 . . . . . 0.171 . 20 . 0.970 0.977 
'X-RAY DIFFRACTION' 4.235 4.852  510  . 25 485  100.0000 . 0.158 . 0.145 . 0.159 . . . . . 0.165 . 20 . 0.974 0.988 
'X-RAY DIFFRACTION' 4.852 5.854  440  . 19 421  100.0000 . 0.205 . 0.220 . 0.204 . . . . . 0.202 . 20 . 0.965 0.968 
'X-RAY DIFFRACTION' 5.854 7.933  375  . 19 356  100.0000 . 0.221 . 0.310 . 0.218 . . . . . 0.216 . 20 . 0.959 0.922 
'X-RAY DIFFRACTION' 7.933 19.628 266  . 11 254  99.6241  . 0.235 . 0.170 . 0.238 . . . . . 0.254 . 20 . 0.964 0.981 
# 
_struct.entry_id                     6L6D 
_struct.title                        'X-ray structure of human galectin-10 in complex with D-N-acetylgalactosamine' 
_struct.pdbx_model_details           ? 
_struct.pdbx_formula_weight          ? 
_struct.pdbx_formula_weight_method   ? 
_struct.pdbx_model_type_details      ? 
_struct.pdbx_CASP_flag               N 
# 
_struct_keywords.entry_id        6L6D 
_struct_keywords.text            'beta-sandwich structure, lectin, SUGAR BINDING PROTEIN' 
_struct_keywords.pdbx_keywords   'SUGAR BINDING PROTEIN' 
# 
loop_
_struct_asym.id 
_struct_asym.pdbx_blank_PDB_chainid_flag 
_struct_asym.pdbx_modified 
_struct_asym.entity_id 
_struct_asym.details 
A N N 1 ? 
B N N 2 ? 
C N N 3 ? 
# 
loop_
_struct_conf.conf_type_id 
_struct_conf.id 
_struct_conf.pdbx_PDB_helix_id 
_struct_conf.beg_label_comp_id 
_struct_conf.beg_label_asym_id 
_struct_conf.beg_label_seq_id 
_struct_conf.pdbx_beg_PDB_ins_code 
_struct_conf.end_label_comp_id 
_struct_conf.end_label_asym_id 
_struct_conf.end_label_seq_id 
_struct_conf.pdbx_end_PDB_ins_code 
_struct_conf.beg_auth_comp_id 
_struct_conf.beg_auth_asym_id 
_struct_conf.beg_auth_seq_id 
_struct_conf.end_auth_comp_id 
_struct_conf.end_auth_asym_id 
_struct_conf.end_auth_seq_id 
_struct_conf.pdbx_PDB_helix_class 
_struct_conf.details 
_struct_conf.pdbx_PDB_helix_length 
HELX_P HELX_P1 AA1 CYS A 31  ? GLU A 35  ? CYS A 29  GLU A 33  5 ? 5 
HELX_P HELX_P2 AA2 LYS A 119 ? VAL A 123 ? LYS A 117 VAL A 121 5 ? 5 
# 
_struct_conf_type.id          HELX_P 
_struct_conf_type.criteria    ? 
_struct_conf_type.reference   ? 
# 
_struct_mon_prot_cis.pdbx_id                1 
_struct_mon_prot_cis.label_comp_id          VAL 
_struct_mon_prot_cis.label_seq_id           8 
_struct_mon_prot_cis.label_asym_id          A 
_struct_mon_prot_cis.label_alt_id           . 
_struct_mon_prot_cis.pdbx_PDB_ins_code      ? 
_struct_mon_prot_cis.auth_comp_id           VAL 
_struct_mon_prot_cis.auth_seq_id            6 
_struct_mon_prot_cis.auth_asym_id           A 
_struct_mon_prot_cis.pdbx_label_comp_id_2   PRO 
_struct_mon_prot_cis.pdbx_label_seq_id_2    9 
_struct_mon_prot_cis.pdbx_label_asym_id_2   A 
_struct_mon_prot_cis.pdbx_PDB_ins_code_2    ? 
_struct_mon_prot_cis.pdbx_auth_comp_id_2    PRO 
_struct_mon_prot_cis.pdbx_auth_seq_id_2     7 
_struct_mon_prot_cis.pdbx_auth_asym_id_2    A 
_struct_mon_prot_cis.pdbx_PDB_model_num     1 
_struct_mon_prot_cis.pdbx_omega_angle       -1.06 
# 
loop_
_struct_sheet.id 
_struct_sheet.type 
_struct_sheet.number_strands 
_struct_sheet.details 
AA1 ? 6 ? 
AA2 ? 6 ? 
AA3 ? 5 ? 
# 
loop_
_struct_sheet_order.sheet_id 
_struct_sheet_order.range_id_1 
_struct_sheet_order.range_id_2 
_struct_sheet_order.offset 
_struct_sheet_order.sense 
AA1 1 2 ? anti-parallel 
AA1 2 3 ? anti-parallel 
AA1 3 4 ? anti-parallel 
AA1 4 5 ? anti-parallel 
AA1 5 6 ? anti-parallel 
AA2 1 2 ? anti-parallel 
AA2 2 3 ? anti-parallel 
AA2 3 4 ? anti-parallel 
AA2 4 5 ? anti-parallel 
AA2 5 6 ? anti-parallel 
AA3 1 2 ? anti-parallel 
AA3 2 3 ? anti-parallel 
AA3 3 4 ? anti-parallel 
AA3 4 5 ? anti-parallel 
# 
loop_
_struct_sheet_range.sheet_id 
_struct_sheet_range.id 
_struct_sheet_range.beg_label_comp_id 
_struct_sheet_range.beg_label_asym_id 
_struct_sheet_range.beg_label_seq_id 
_struct_sheet_range.pdbx_beg_PDB_ins_code 
_struct_sheet_range.end_label_comp_id 
_struct_sheet_range.end_label_asym_id 
_struct_sheet_range.end_label_seq_id 
_struct_sheet_range.pdbx_end_PDB_ins_code 
_struct_sheet_range.beg_auth_comp_id 
_struct_sheet_range.beg_auth_asym_id 
_struct_sheet_range.beg_auth_seq_id 
_struct_sheet_range.end_auth_comp_id 
_struct_sheet_range.end_auth_asym_id 
_struct_sheet_range.end_auth_seq_id 
AA1 1 TYR A 10  ? ALA A 13  ? TYR A 8   ALA A 11  
AA1 2 MET A 125 ? ARG A 130 ? MET A 123 ARG A 128 
AA1 3 TYR A 37  ? HIS A 43  ? TYR A 35  HIS A 41  
AA1 4 ILE A 52  ? CYS A 59  ? ILE A 50  CYS A 57  
AA1 5 ARG A 63  ? GLU A 70  ? ARG A 61  GLU A 68  
AA1 6 ALA A 73  ? TRP A 74  ? ALA A 71  TRP A 72  
AA2 1 TYR A 10  ? ALA A 13  ? TYR A 8   ALA A 11  
AA2 2 MET A 125 ? ARG A 130 ? MET A 123 ARG A 128 
AA2 3 TYR A 37  ? HIS A 43  ? TYR A 35  HIS A 41  
AA2 4 ILE A 52  ? CYS A 59  ? ILE A 50  CYS A 57  
AA2 5 ARG A 63  ? GLU A 70  ? ARG A 61  GLU A 68  
AA2 6 VAL A 78  ? SER A 80  ? VAL A 76  SER A 78  
AA3 1 GLN A 109 ? ASP A 115 ? GLN A 107 ASP A 113 
AA3 2 LYS A 101 ? VAL A 106 ? LYS A 99  VAL A 104 
AA3 3 PHE A 91  ? VAL A 97  ? PHE A 89  VAL A 95  
AA3 4 THR A 21  ? PRO A 28  ? THR A 19  PRO A 26  
AA3 5 ILE A 132 ? VAL A 139 ? ILE A 130 VAL A 137 
# 
loop_
_pdbx_struct_sheet_hbond.sheet_id 
_pdbx_struct_sheet_hbond.range_id_1 
_pdbx_struct_sheet_hbond.range_id_2 
_pdbx_struct_sheet_hbond.range_1_label_atom_id 
_pdbx_struct_sheet_hbond.range_1_label_comp_id 
_pdbx_struct_sheet_hbond.range_1_label_asym_id 
_pdbx_struct_sheet_hbond.range_1_label_seq_id 
_pdbx_struct_sheet_hbond.range_1_PDB_ins_code 
_pdbx_struct_sheet_hbond.range_1_auth_atom_id 
_pdbx_struct_sheet_hbond.range_1_auth_comp_id 
_pdbx_struct_sheet_hbond.range_1_auth_asym_id 
_pdbx_struct_sheet_hbond.range_1_auth_seq_id 
_pdbx_struct_sheet_hbond.range_2_label_atom_id 
_pdbx_struct_sheet_hbond.range_2_label_comp_id 
_pdbx_struct_sheet_hbond.range_2_label_asym_id 
_pdbx_struct_sheet_hbond.range_2_label_seq_id 
_pdbx_struct_sheet_hbond.range_2_PDB_ins_code 
_pdbx_struct_sheet_hbond.range_2_auth_atom_id 
_pdbx_struct_sheet_hbond.range_2_auth_comp_id 
_pdbx_struct_sheet_hbond.range_2_auth_asym_id 
_pdbx_struct_sheet_hbond.range_2_auth_seq_id 
AA1 1 2 N TYR A 10  ? N TYR A 8   O VAL A 128 ? O VAL A 126 
AA1 2 3 O MET A 125 ? O MET A 123 N HIS A 43  ? N HIS A 41  
AA1 3 4 N LEU A 38  ? N LEU A 36  O VAL A 58  ? O VAL A 56  
AA1 4 5 N CYS A 59  ? N CYS A 57  O ARG A 63  ? O ARG A 61  
AA1 5 6 N GLU A 70  ? N GLU A 68  O ALA A 73  ? O ALA A 71  
AA2 1 2 N TYR A 10  ? N TYR A 8   O VAL A 128 ? O VAL A 126 
AA2 2 3 O MET A 125 ? O MET A 123 N HIS A 43  ? N HIS A 41  
AA2 3 4 N LEU A 38  ? N LEU A 36  O VAL A 58  ? O VAL A 56  
AA2 4 5 N CYS A 59  ? N CYS A 57  O ARG A 63  ? O ARG A 61  
AA2 5 6 N VAL A 64  ? N VAL A 62  O SER A 80  ? O SER A 78  
AA3 1 2 O TYR A 112 ? O TYR A 110 N VAL A 104 ? N VAL A 102 
AA3 2 3 O MET A 105 ? O MET A 103 N SER A 94  ? N SER A 92  
AA3 3 4 O LEU A 93  ? O LEU A 91  N ILE A 24  ? N ILE A 22  
AA3 4 5 N THR A 23  ? N THR A 21  O ASN A 138 ? O ASN A 136 
# 
_atom_sites.entry_id                    6L6D 
_atom_sites.Cartn_transf_matrix[1][1]   ? 
_atom_sites.Cartn_transf_matrix[1][2]   ? 
_atom_sites.Cartn_transf_matrix[1][3]   ? 
_atom_sites.Cartn_transf_matrix[2][1]   ? 
_atom_sites.Cartn_transf_matrix[2][2]   ? 
_atom_sites.Cartn_transf_matrix[2][3]   ? 
_atom_sites.Cartn_transf_matrix[3][1]   ? 
_atom_sites.Cartn_transf_matrix[3][2]   ? 
_atom_sites.Cartn_transf_matrix[3][3]   ? 
_atom_sites.Cartn_transf_vector[1]      ? 
_atom_sites.Cartn_transf_vector[2]      ? 
_atom_sites.Cartn_transf_vector[3]      ? 
_atom_sites.fract_transf_matrix[1][1]   0.01393379 
_atom_sites.fract_transf_matrix[1][2]   0.00172020 
_atom_sites.fract_transf_matrix[1][3]   0.01898679 
_atom_sites.fract_transf_matrix[2][1]   -0.00191584 
_atom_sites.fract_transf_matrix[2][2]   0.01861384 
_atom_sites.fract_transf_matrix[2][3]   0.01440401 
_atom_sites.fract_transf_matrix[3][1]   -0.00260104 
_atom_sites.fract_transf_matrix[3][2]   -0.00187637 
_atom_sites.fract_transf_matrix[3][3]   0.00207882 
_atom_sites.fract_transf_vector[1]      0.285411 
_atom_sites.fract_transf_vector[2]      0.711861 
_atom_sites.fract_transf_vector[3]      0.303159 
_atom_sites.solution_primary            ? 
_atom_sites.solution_secondary          ? 
_atom_sites.solution_hydrogens          ? 
_atom_sites.special_details             ? 
# 
loop_
_atom_type.symbol 
_atom_type.pdbx_scat_Z 
_atom_type.pdbx_N_electrons 
_atom_type.scat_Cromer_Mann_a1 
_atom_type.scat_Cromer_Mann_b1 
_atom_type.scat_Cromer_Mann_a2 
_atom_type.scat_Cromer_Mann_b2 
_atom_type.scat_Cromer_Mann_a3 
_atom_type.scat_Cromer_Mann_b3 
_atom_type.scat_Cromer_Mann_a4 
_atom_type.scat_Cromer_Mann_b4 
_atom_type.scat_Cromer_Mann_c 
C 6  6  2.310  20.844 1.020 10.208 1.589 0.569  0.865 51.651 0.216   
H 1  1  0.493  10.511 0.323 26.126 0.140 3.142  0.041 57.800 0.003   
N 7  7  12.222 0.006  3.135 9.893  2.014 28.997 1.167 0.583  -11.538 
O 8  8  3.049  13.277 2.287 5.701  1.546 0.324  0.867 32.909 0.251   
S 16 16 6.905  1.468  5.203 22.215 1.438 0.254  1.586 56.172 1.184   
# 
loop_
_atom_site.group_PDB 
_atom_site.id 
_atom_site.type_symbol 
_atom_site.label_atom_id 
_atom_site.label_alt_id 
_atom_site.label_comp_id 
_atom_site.label_asym_id 
_atom_site.label_entity_id 
_atom_site.label_seq_id 
_atom_site.pdbx_PDB_ins_code 
_atom_site.Cartn_x 
_atom_site.Cartn_y 
_atom_site.Cartn_z 
_atom_site.occupancy 
_atom_site.B_iso_or_equiv 
_atom_site.pdbx_formal_charge 
_atom_site.auth_seq_id 
_atom_site.auth_comp_id 
_atom_site.auth_asym_id 
_atom_site.auth_atom_id 
_atom_site.pdbx_PDB_model_num 
ATOM   1    N N   . MET A 1 3   ? -4.257  20.265  1.896   1.000 61.835 ? 1   MET A N   1 
ATOM   2    C CA  . MET A 1 3   ? -3.846  20.474  3.327   1.000 62.839 ? 1   MET A CA  1 
ATOM   3    C C   . MET A 1 3   ? -2.361  20.088  3.492   1.000 59.563 ? 1   MET A C   1 
ATOM   4    O O   . MET A 1 3   ? -1.688  19.906  2.454   1.000 56.012 ? 1   MET A O   1 
ATOM   5    C CB  . MET A 1 3   ? -4.743  19.662  4.280   1.000 65.598 ? 1   MET A CB  1 
ATOM   6    C CG  . MET A 1 3   ? -5.418  20.488  5.384   1.000 68.214 ? 1   MET A CG  1 
ATOM   7    S SD  . MET A 1 3   ? -4.457  21.903  6.013   1.000 74.705 ? 1   MET A SD  1 
ATOM   8    C CE  . MET A 1 3   ? -5.319  23.279  5.250   1.000 70.081 ? 1   MET A CE  1 
ATOM   9    N N   . SER A 1 4   ? -1.864  19.999  4.738   1.000 54.096 ? 2   SER A N   1 
ATOM   10   C CA  . SER A 1 4   ? -0.432  19.812  5.109   1.000 49.457 ? 2   SER A CA  1 
ATOM   11   C C   . SER A 1 4   ? 0.156   18.546  4.464   1.000 45.204 ? 2   SER A C   1 
ATOM   12   O O   . SER A 1 4   ? -0.626  17.633  4.111   1.000 44.807 ? 2   SER A O   1 
ATOM   13   C CB  . SER A 1 4   ? -0.272  19.771  6.609   1.000 50.371 ? 2   SER A CB  1 
ATOM   14   O OG  . SER A 1 4   ? 1.099   19.754  6.971   1.000 51.327 ? 2   SER A OG  1 
ATOM   15   N N   . LEU A 1 5   ? 1.487   18.496  4.319   1.000 38.701 ? 3   LEU A N   1 
ATOM   16   C CA  . LEU A 1 5   ? 2.230   17.291  3.855   1.000 34.062 ? 3   LEU A CA  1 
ATOM   17   C C   . LEU A 1 5   ? 2.689   16.464  5.067   1.000 31.002 ? 3   LEU A C   1 
ATOM   18   O O   . LEU A 1 5   ? 3.214   17.043  6.044   1.000 29.885 ? 3   LEU A O   1 
ATOM   19   C CB  . LEU A 1 5   ? 3.416   17.712  2.976   1.000 33.781 ? 3   LEU A CB  1 
ATOM   20   C CG  . LEU A 1 5   ? 3.074   18.336  1.618   1.000 34.571 ? 3   LEU A CG  1 
ATOM   21   C CD1 . LEU A 1 5   ? 4.337   18.565  0.795   1.000 34.547 ? 3   LEU A CD1 1 
ATOM   22   C CD2 . LEU A 1 5   ? 2.080   17.493  0.827   1.000 33.371 ? 3   LEU A CD2 1 
ATOM   23   N N   . LEU A 1 6   ? 2.485   15.148  5.009   1.000 27.097 ? 4   LEU A N   1 
ATOM   24   C CA  . LEU A 1 6   ? 3.055   14.179  5.978   1.000 26.250 ? 4   LEU A CA  1 
ATOM   25   C C   . LEU A 1 6   ? 4.492   13.900  5.558   1.000 23.636 ? 4   LEU A C   1 
ATOM   26   O O   . LEU A 1 6   ? 4.807   13.999  4.377   1.000 22.932 ? 4   LEU A O   1 
ATOM   27   C CB  . LEU A 1 6   ? 2.216   12.896  5.977   1.000 26.753 ? 4   LEU A CB  1 
ATOM   28   C CG  . LEU A 1 6   ? 0.762   13.053  6.425   1.000 28.402 ? 4   LEU A CG  1 
ATOM   29   C CD1 . LEU A 1 6   ? -0.039  11.794  6.109   1.000 29.441 ? 4   LEU A CD1 1 
ATOM   30   C CD2 . LEU A 1 6   ? 0.686   13.370  7.908   1.000 28.918 ? 4   LEU A CD2 1 
ATOM   31   N N   . PRO A 1 7   ? 5.404   13.534  6.485   1.000 22.372 ? 5   PRO A N   1 
ATOM   32   C CA  . PRO A 1 7   ? 6.744   13.092  6.096   1.000 21.549 ? 5   PRO A CA  1 
ATOM   33   C C   . PRO A 1 7   ? 6.673   11.847  5.204   1.000 19.859 ? 5   PRO A C   1 
ATOM   34   O O   . PRO A 1 7   ? 5.828   10.999  5.463   1.000 20.705 ? 5   PRO A O   1 
ATOM   35   C CB  . PRO A 1 7   ? 7.418   12.740  7.428   1.000 22.803 ? 5   PRO A CB  1 
ATOM   36   C CG  . PRO A 1 7   ? 6.249   12.474  8.368   1.000 23.188 ? 5   PRO A CG  1 
ATOM   37   C CD  . PRO A 1 7   ? 5.196   13.478  7.940   1.000 23.039 ? 5   PRO A CD  1 
ATOM   38   N N   . VAL A 1 8   ? 7.534   11.774  4.186   1.000 17.692 ? 6   VAL A N   1 
ATOM   39   C CA  . VAL A 1 8   ? 7.752   10.551  3.356   1.000 17.270 ? 6   VAL A CA  1 
ATOM   40   C C   . VAL A 1 8   ? 9.248   10.249  3.363   1.000 17.105 ? 6   VAL A C   1 
ATOM   41   O O   . VAL A 1 8   ? 10.040  11.138  3.066   1.000 15.339 ? 6   VAL A O   1 
ATOM   42   C CB  . VAL A 1 8   ? 7.208   10.725  1.926   1.000 17.729 ? 6   VAL A CB  1 
ATOM   43   C CG1 . VAL A 1 8   ? 7.385   9.457   1.105   1.000 17.728 ? 6   VAL A CG1 1 
ATOM   44   C CG2 . VAL A 1 8   ? 5.749   11.169  1.911   1.000 17.711 ? 6   VAL A CG2 1 
ATOM   45   N N   . PRO A 1 9   ? 9.716   9.022   3.690   1.000 17.866 ? 7   PRO A N   1 
ATOM   46   C CA  . PRO A 1 9   ? 8.876   7.886   4.085   1.000 17.609 ? 7   PRO A CA  1 
ATOM   47   C C   . PRO A 1 9   ? 7.999   8.097   5.327   1.000 17.636 ? 7   PRO A C   1 
ATOM   48   O O   . PRO A 1 9   ? 8.419   8.741   6.286   1.000 16.993 ? 7   PRO A O   1 
ATOM   49   C CB  . PRO A 1 9   ? 9.886   6.775   4.418   1.000 17.688 ? 7   PRO A CB  1 
ATOM   50   C CG  . PRO A 1 9   ? 11.115  7.151   3.625   1.000 17.572 ? 7   PRO A CG  1 
ATOM   51   C CD  . PRO A 1 9   ? 11.145  8.663   3.665   1.000 17.805 ? 7   PRO A CD  1 
ATOM   52   N N   . TYR A 1 10  ? 6.786   7.555   5.264   1.000 17.360 ? 8   TYR A N   1 
ATOM   53   C CA  . TYR A 1 10  ? 5.763   7.665   6.328   1.000 17.015 ? 8   TYR A CA  1 
ATOM   54   C C   . TYR A 1 10  ? 5.654   6.320   7.038   1.000 16.646 ? 8   TYR A C   1 
ATOM   55   O O   . TYR A 1 10  ? 5.409   5.303   6.356   1.000 15.989 ? 8   TYR A O   1 
ATOM   56   C CB  . TYR A 1 10  ? 4.413   8.074   5.743   1.000 18.561 ? 8   TYR A CB  1 
ATOM   57   C CG  . TYR A 1 10  ? 3.390   8.304   6.818   1.000 18.467 ? 8   TYR A CG  1 
ATOM   58   C CD1 . TYR A 1 10  ? 3.428   9.449   7.594   1.000 19.607 ? 8   TYR A CD1 1 
ATOM   59   C CD2 . TYR A 1 10  ? 2.441   7.339   7.111   1.000 19.127 ? 8   TYR A CD2 1 
ATOM   60   C CE1 . TYR A 1 10  ? 2.511   9.654   8.613   1.000 20.036 ? 8   TYR A CE1 1 
ATOM   61   C CE2 . TYR A 1 10  ? 1.516   7.526   8.125   1.000 19.188 ? 8   TYR A CE2 1 
ATOM   62   C CZ  . TYR A 1 10  ? 1.558   8.686   8.884   1.000 19.993 ? 8   TYR A CZ  1 
ATOM   63   O OH  . TYR A 1 10  ? 0.657   8.865   9.896   1.000 22.139 ? 8   TYR A OH  1 
ATOM   64   N N   . THR A 1 11  ? 5.810   6.324   8.359   1.000 15.860 ? 9   THR A N   1 
ATOM   65   C CA  . THR A 1 11  ? 5.633   5.131   9.215   1.000 16.850 ? 9   THR A CA  1 
ATOM   66   C C   . THR A 1 11  ? 4.535   5.408   10.248  1.000 16.417 ? 9   THR A C   1 
ATOM   67   O O   . THR A 1 11  ? 4.587   6.460   10.883  1.000 16.673 ? 9   THR A O   1 
ATOM   68   C CB  . THR A 1 11  ? 6.975   4.742   9.828   1.000 17.263 ? 9   THR A CB  1 
ATOM   69   O OG1 . THR A 1 11  ? 7.895   4.621   8.743   1.000 18.824 ? 9   THR A OG1 1 
ATOM   70   C CG2 . THR A 1 11  ? 6.893   3.463   10.625  1.000 18.023 ? 9   THR A CG2 1 
ATOM   71   N N   . GLU A 1 12  ? 3.573   4.493   10.390  1.000 15.713 ? 10  GLU A N   1 
ATOM   72   C CA  . GLU A 1 12  ? 2.550   4.508   11.470  1.000 15.941 ? 10  GLU A CA  1 
ATOM   73   C C   . GLU A 1 12  ? 2.451   3.088   12.027  1.000 14.999 ? 10  GLU A C   1 
ATOM   74   O O   . GLU A 1 12  ? 2.287   2.153   11.223  1.000 14.592 ? 10  GLU A O   1 
ATOM   75   C CB  . GLU A 1 12  ? 1.209   5.031   10.938  1.000 17.012 ? 10  GLU A CB  1 
ATOM   76   C CG  . GLU A 1 12  ? 0.219   5.433   12.024  1.000 17.308 ? 10  GLU A CG  1 
ATOM   77   C CD  . GLU A 1 12  ? -1.087  6.052   11.540  1.000 17.464 ? 10  GLU A CD  1 
ATOM   78   O OE1 . GLU A 1 12  ? -1.030  7.125   10.920  1.000 16.974 ? 10  GLU A OE1 1 
ATOM   79   O OE2 . GLU A 1 12  ? -2.172  5.481   11.828  1.000 17.659 ? 10  GLU A OE2 1 
ATOM   80   N N   . ALA A 1 13  ? 2.618   2.924   13.340  1.000 14.367 ? 11  ALA A N   1 
ATOM   81   C CA  . ALA A 1 13  ? 2.173   1.712   14.065  1.000 14.374 ? 11  ALA A CA  1 
ATOM   82   C C   . ALA A 1 13  ? 0.718   1.452   13.666  1.000 13.110 ? 11  ALA A C   1 
ATOM   83   O O   . ALA A 1 13  ? -0.045  2.412   13.537  1.000 14.299 ? 11  ALA A O   1 
ATOM   84   C CB  . ALA A 1 13  ? 2.343   1.888   15.556  1.000 14.374 ? 11  ALA A CB  1 
ATOM   85   N N   . ALA A 1 14  ? 0.360   0.198   13.434  1.000 13.441 ? 12  ALA A N   1 
ATOM   86   C CA  . ALA A 1 14  ? -0.962  -0.204  12.915  1.000 13.810 ? 12  ALA A CA  1 
ATOM   87   C C   . ALA A 1 14  ? -1.328  -1.601  13.413  1.000 13.851 ? 12  ALA A C   1 
ATOM   88   O O   . ALA A 1 14  ? -0.440  -2.429  13.596  1.000 13.546 ? 12  ALA A O   1 
ATOM   89   C CB  . ALA A 1 14  ? -0.970  -0.157  11.409  1.000 14.134 ? 12  ALA A CB  1 
ATOM   90   N N   . SER A 1 15  ? -2.620  -1.837  13.581  1.000 14.870 ? 13  SER A N   1 
ATOM   91   C CA  . SER A 1 15  ? -3.230  -3.189  13.625  1.000 15.201 ? 13  SER A CA  1 
ATOM   92   C C   . SER A 1 15  ? -4.291  -3.267  12.534  1.000 15.191 ? 13  SER A C   1 
ATOM   93   O O   . SER A 1 15  ? -4.943  -2.231  12.262  1.000 15.301 ? 13  SER A O   1 
ATOM   94   C CB  . SER A 1 15  ? -3.814  -3.472  14.967  1.000 15.662 ? 13  SER A CB  1 
ATOM   95   O OG  . SER A 1 15  ? -2.829  -3.310  15.965  1.000 16.925 ? 13  SER A OG  1 
ATOM   96   N N   . LEU A 1 16  ? -4.438  -4.458  11.965  1.000 14.756 ? 14  LEU A N   1 
ATOM   97   C CA  . LEU A 1 16  ? -5.416  -4.803  10.910  1.000 15.364 ? 14  LEU A CA  1 
ATOM   98   C C   . LEU A 1 16  ? -6.176  -6.051  11.360  1.000 15.915 ? 14  LEU A C   1 
ATOM   99   O O   . LEU A 1 16  ? -5.563  -6.948  11.972  1.000 16.935 ? 14  LEU A O   1 
ATOM   100  C CB  . LEU A 1 16  ? -4.667  -5.042  9.594   1.000 14.818 ? 14  LEU A CB  1 
ATOM   101  C CG  . LEU A 1 16  ? -3.920  -3.834  9.031   1.000 14.819 ? 14  LEU A CG  1 
ATOM   102  C CD1 . LEU A 1 16  ? -3.263  -4.182  7.711   1.000 15.142 ? 14  LEU A CD1 1 
ATOM   103  C CD2 . LEU A 1 16  ? -4.844  -2.644  8.832   1.000 15.272 ? 14  LEU A CD2 1 
ATOM   104  N N   . SER A 1 17  ? -7.481  -6.057  11.109  1.000 17.519 ? 15  SER A N   1 
ATOM   105  C CA  . SER A 1 17  ? -8.338  -7.263  11.053  1.000 18.006 ? 15  SER A CA  1 
ATOM   106  C C   . SER A 1 17  ? -9.367  -7.081  9.929   1.000 18.180 ? 15  SER A C   1 
ATOM   107  O O   . SER A 1 17  ? -9.329  -6.032  9.240   1.000 16.503 ? 15  SER A O   1 
ATOM   108  C CB  . SER A 1 17  ? -8.978  -7.492  12.393  1.000 18.584 ? 15  SER A CB  1 
ATOM   109  O OG  . SER A 1 17  ? -9.657  -6.317  12.827  1.000 19.260 ? 15  SER A OG  1 
ATOM   110  N N   . THR A 1 18  ? -10.254 -8.061  9.746   1.000 17.956 ? 16  THR A N   1 
ATOM   111  C CA  . THR A 1 18  ? -11.343 -8.021  8.740   1.000 18.361 ? 16  THR A CA  1 
ATOM   112  C C   . THR A 1 18  ? -12.183 -6.758  8.951   1.000 18.088 ? 16  THR A C   1 
ATOM   113  O O   . THR A 1 18  ? -12.593 -6.521  10.093  1.000 17.716 ? 16  THR A O   1 
ATOM   114  C CB  . THR A 1 18  ? -12.197 -9.290  8.813   1.000 19.165 ? 16  THR A CB  1 
ATOM   115  O OG1 . THR A 1 18  ? -11.265 -10.373 8.764   1.000 19.247 ? 16  THR A OG1 1 
ATOM   116  C CG2 . THR A 1 18  ? -13.208 -9.376  7.691   1.000 19.224 ? 16  THR A CG2 1 
ATOM   117  N N   . GLY A 1 19  ? -12.403 -5.979  7.887   1.000 17.134 ? 17  GLY A N   1 
ATOM   118  C CA  . GLY A 1 19  ? -13.151 -4.708  7.924   1.000 17.318 ? 17  GLY A CA  1 
ATOM   119  C C   . GLY A 1 19  ? -12.255 -3.492  8.118   1.000 16.663 ? 17  GLY A C   1 
ATOM   120  O O   . GLY A 1 19  ? -12.759 -2.406  7.868   1.000 16.999 ? 17  GLY A O   1 
ATOM   121  N N   . SER A 1 20  ? -10.982 -3.646  8.518   1.000 15.505 ? 18  SER A N   1 
ATOM   122  C CA  . SER A 1 20  ? -9.978  -2.545  8.545   1.000 14.718 ? 18  SER A CA  1 
ATOM   123  C C   . SER A 1 20  ? -9.811  -1.972  7.129   1.000 15.231 ? 18  SER A C   1 
ATOM   124  O O   . SER A 1 20  ? -9.755  -2.777  6.149   1.000 14.310 ? 18  SER A O   1 
ATOM   125  C CB  . SER A 1 20  ? -8.635  -2.983  9.091   1.000 13.925 ? 18  SER A CB  1 
ATOM   126  O OG  . SER A 1 20  ? -8.699  -3.344  10.459  1.000 13.101 ? 18  SER A OG  1 
ATOM   127  N N   . THR A 1 21  ? -9.735  -0.642  7.024   1.000 14.162 ? 19  THR A N   1 
ATOM   128  C CA  . THR A 1 21  ? -9.388  0.084   5.778   1.000 14.495 ? 19  THR A CA  1 
ATOM   129  C C   . THR A 1 21  ? -8.205  1.024   6.026   1.000 14.378 ? 19  THR A C   1 
ATOM   130  O O   . THR A 1 21  ? -8.274  1.847   6.978   1.000 13.205 ? 19  THR A O   1 
ATOM   131  C CB  . THR A 1 21  ? -10.585 0.859   5.211   1.000 14.303 ? 19  THR A CB  1 
ATOM   132  O OG1 . THR A 1 21  ? -11.668 -0.052  5.024   1.000 14.656 ? 19  THR A OG1 1 
ATOM   133  C CG2 . THR A 1 21  ? -10.276 1.520   3.889   1.000 14.650 ? 19  THR A CG2 1 
ATOM   134  N N   . VAL A 1 22  ? -7.194  0.939   5.151   1.000 13.877 ? 20  VAL A N   1 
ATOM   135  C CA  . VAL A 1 22  ? -6.061  1.903   5.060   1.000 14.105 ? 20  VAL A CA  1 
ATOM   136  C C   . VAL A 1 22  ? -6.355  2.861   3.902   1.000 14.007 ? 20  VAL A C   1 
ATOM   137  O O   . VAL A 1 22  ? -6.469  2.381   2.752   1.000 13.310 ? 20  VAL A O   1 
ATOM   138  C CB  . VAL A 1 22  ? -4.710  1.202   4.854   1.000 14.973 ? 20  VAL A CB  1 
ATOM   139  C CG1 . VAL A 1 22  ? -3.554  2.173   5.025   1.000 15.184 ? 20  VAL A CG1 1 
ATOM   140  C CG2 . VAL A 1 22  ? -4.551  -0.010  5.764   1.000 15.714 ? 20  VAL A CG2 1 
ATOM   141  N N   . THR A 1 23  ? -6.484  4.154   4.198   1.000 13.619 ? 21  THR A N   1 
ATOM   142  C CA  . THR A 1 23  ? -6.773  5.191   3.187   1.000 14.788 ? 21  THR A CA  1 
ATOM   143  C C   . THR A 1 23  ? -5.551  6.090   3.049   1.000 15.238 ? 21  THR A C   1 
ATOM   144  O O   . THR A 1 23  ? -5.066  6.594   4.079   1.000 15.485 ? 21  THR A O   1 
ATOM   145  C CB  . THR A 1 23  ? -8.031  5.988   3.532   1.000 15.606 ? 21  THR A CB  1 
ATOM   146  O OG1 . THR A 1 23  ? -9.041  5.014   3.790   1.000 17.109 ? 21  THR A OG1 1 
ATOM   147  C CG2 . THR A 1 23  ? -8.444  6.934   2.424   1.000 16.742 ? 21  THR A CG2 1 
ATOM   148  N N   . ILE A 1 24  ? -5.108  6.281   1.811   1.000 15.092 ? 22  ILE A N   1 
ATOM   149  C CA  . ILE A 1 24  ? -3.877  7.029   1.446   1.000 15.843 ? 22  ILE A CA  1 
ATOM   150  C C   . ILE A 1 24  ? -4.276  8.042   0.376   1.000 16.424 ? 22  ILE A C   1 
ATOM   151  O O   . ILE A 1 24  ? -4.818  7.617   -0.669  1.000 17.649 ? 22  ILE A O   1 
ATOM   152  C CB  . ILE A 1 24  ? -2.775  6.067   0.963   1.000 16.147 ? 22  ILE A CB  1 
ATOM   153  C CG1 . ILE A 1 24  ? -2.385  5.055   2.045   1.000 16.528 ? 22  ILE A CG1 1 
ATOM   154  C CG2 . ILE A 1 24  ? -1.578  6.842   0.453   1.000 16.884 ? 22  ILE A CG2 1 
ATOM   155  C CD1 . ILE A 1 24  ? -1.679  3.815   1.514   1.000 16.903 ? 22  ILE A CD1 1 
ATOM   156  N N   . LYS A 1 25  ? -4.069  9.327   0.642   1.000 16.885 ? 23  LYS A N   1 
ATOM   157  C CA  . LYS A 1 25  ? -4.179  10.386  -0.390  1.000 17.785 ? 23  LYS A CA  1 
ATOM   158  C C   . LYS A 1 25  ? -2.805  11.007  -0.642  1.000 16.564 ? 23  LYS A C   1 
ATOM   159  O O   . LYS A 1 25  ? -2.157  11.438  0.315   1.000 16.160 ? 23  LYS A O   1 
ATOM   160  C CB  . LYS A 1 25  ? -5.176  11.469  0.018   1.000 20.481 ? 23  LYS A CB  1 
ATOM   161  C CG  . LYS A 1 25  ? -5.595  12.380  -1.129  1.000 23.897 ? 23  LYS A CG  1 
ATOM   162  C CD  . LYS A 1 25  ? -6.634  13.418  -0.762  1.000 26.506 ? 23  LYS A CD  1 
ATOM   163  C CE  . LYS A 1 25  ? -7.962  12.811  -0.366  1.000 28.868 ? 23  LYS A CE  1 
ATOM   164  N NZ  . LYS A 1 25  ? -9.043  13.823  -0.431  1.000 31.249 ? 23  LYS A NZ  1 
ATOM   165  N N   . GLY A 1 26  ? -2.419  11.106  -1.907  1.000 16.405 ? 24  GLY A N   1 
ATOM   166  C CA  . GLY A 1 26  ? -1.075  11.566  -2.290  1.000 17.382 ? 24  GLY A CA  1 
ATOM   167  C C   . GLY A 1 26  ? -1.012  11.908  -3.754  1.000 17.709 ? 24  GLY A C   1 
ATOM   168  O O   . GLY A 1 26  ? -2.037  11.790  -4.433  1.000 17.536 ? 24  GLY A O   1 
ATOM   169  N N   . ARG A 1 27  ? 0.159   12.326  -4.216  1.000 20.022 ? 25  ARG A N   1 
ATOM   170  C CA  . ARG A 1 27  ? 0.407   12.514  -5.664  1.000 21.631 ? 25  ARG A CA  1 
ATOM   171  C C   . ARG A 1 27  ? 1.856   12.175  -5.958  1.000 19.577 ? 25  ARG A C   1 
ATOM   172  O O   . ARG A 1 27  ? 2.720   12.360  -5.100  1.000 17.440 ? 25  ARG A O   1 
ATOM   173  C CB  . ARG A 1 27  ? 0.069   13.925  -6.146  1.000 25.088 ? 25  ARG A CB  1 
ATOM   174  C CG  . ARG A 1 27  ? 0.570   15.044  -5.254  1.000 29.172 ? 25  ARG A CG  1 
ATOM   175  C CD  . ARG A 1 27  ? -0.166  16.356  -5.494  1.000 33.705 ? 25  ARG A CD  1 
ATOM   176  N NE  . ARG A 1 27  ? -0.593  16.566  -6.876  1.000 35.257 ? 25  ARG A NE  1 
ATOM   177  C CZ  . ARG A 1 27  ? -1.745  17.129  -7.260  1.000 37.048 ? 25  ARG A CZ  1 
ATOM   178  N NH1 . ARG A 1 27  ? -2.636  17.555  -6.376  1.000 36.679 ? 25  ARG A NH1 1 
ATOM   179  N NH2 . ARG A 1 27  ? -2.004  17.259  -8.551  1.000 37.494 ? 25  ARG A NH2 1 
ATOM   180  N N   . PRO A 1 28  ? 2.127   11.685  -7.186  1.000 18.169 ? 26  PRO A N   1 
ATOM   181  C CA  . PRO A 1 28  ? 3.488   11.436  -7.640  1.000 17.893 ? 26  PRO A CA  1 
ATOM   182  C C   . PRO A 1 28  ? 4.262   12.760  -7.635  1.000 16.496 ? 26  PRO A C   1 
ATOM   183  O O   . PRO A 1 28  ? 3.671   13.791  -7.900  1.000 14.152 ? 26  PRO A O   1 
ATOM   184  C CB  . PRO A 1 28  ? 3.326   10.884  -9.066  1.000 18.524 ? 26  PRO A CB  1 
ATOM   185  C CG  . PRO A 1 28  ? 1.881   10.464  -9.166  1.000 18.391 ? 26  PRO A CG  1 
ATOM   186  C CD  . PRO A 1 28  ? 1.136   11.395  -8.239  1.000 18.608 ? 26  PRO A CD  1 
ATOM   187  N N   . LEU A 1 29  ? 5.545   12.701  -7.289  1.000 16.310 ? 27  LEU A N   1 
ATOM   188  C CA  . LEU A 1 29  ? 6.416   13.901  -7.218  1.000 17.015 ? 27  LEU A CA  1 
ATOM   189  C C   . LEU A 1 29  ? 6.722   14.424  -8.630  1.000 17.652 ? 27  LEU A C   1 
ATOM   190  O O   . LEU A 1 29  ? 7.024   15.630  -8.753  1.000 17.361 ? 27  LEU A O   1 
ATOM   191  C CB  . LEU A 1 29  ? 7.689   13.552  -6.440  1.000 16.515 ? 27  LEU A CB  1 
ATOM   192  C CG  . LEU A 1 29  ? 7.464   13.284  -4.950  1.000 16.119 ? 27  LEU A CG  1 
ATOM   193  C CD1 . LEU A 1 29  ? 8.716   12.735  -4.297  1.000 16.307 ? 27  LEU A CD1 1 
ATOM   194  C CD2 . LEU A 1 29  ? 6.981   14.540  -4.229  1.000 16.137 ? 27  LEU A CD2 1 
ATOM   195  N N   . VAL A 1 30  ? 6.657   13.572  -9.660  1.000 17.337 ? 28  VAL A N   1 
ATOM   196  C CA  . VAL A 1 30  ? 7.126   13.938  -11.028 1.000 17.147 ? 28  VAL A CA  1 
ATOM   197  C C   . VAL A 1 30  ? 6.196   13.274  -12.042 1.000 17.901 ? 28  VAL A C   1 
ATOM   198  O O   . VAL A 1 30  ? 5.417   12.382  -11.646 1.000 17.918 ? 28  VAL A O   1 
ATOM   199  C CB  . VAL A 1 30  ? 8.615   13.575  -11.237 1.000 16.679 ? 28  VAL A CB  1 
ATOM   200  C CG1 . VAL A 1 30  ? 9.513   14.275  -10.230 1.000 16.739 ? 28  VAL A CG1 1 
ATOM   201  C CG2 . VAL A 1 30  ? 8.875   12.075  -11.209 1.000 16.313 ? 28  VAL A CG2 1 
ATOM   202  N N   . CYS A 1 31  ? 6.269   13.723  -13.294 1.000 17.586 ? 29  CYS A N   1 
ATOM   203  C CA  . CYS A 1 31  ? 5.492   13.198  -14.444 1.000 18.248 ? 29  CYS A CA  1 
ATOM   204  C C   . CYS A 1 31  ? 5.770   11.697  -14.594 1.000 17.107 ? 29  CYS A C   1 
ATOM   205  O O   . CYS A 1 31  ? 6.847   11.246  -14.149 1.000 16.977 ? 29  CYS A O   1 
ATOM   206  C CB  . CYS A 1 31  ? 5.853   13.960  -15.713 1.000 19.623 ? 29  CYS A CB  1 
ATOM   207  S SG  . CYS A 1 31  ? 7.595   13.765  -16.176 1.000 21.117 ? 29  CYS A SG  1 
ATOM   208  N N   . PHE A 1 32  ? 4.820   10.959  -15.170 1.000 16.515 ? 30  PHE A N   1 
ATOM   209  C CA  . PHE A 1 32  ? 4.889   9.493   -15.430 1.000 16.460 ? 30  PHE A CA  1 
ATOM   210  C C   . PHE A 1 32  ? 6.040   9.152   -16.388 1.000 16.674 ? 30  PHE A C   1 
ATOM   211  O O   . PHE A 1 32  ? 6.582   8.050   -16.267 1.000 16.624 ? 30  PHE A O   1 
ATOM   212  C CB  . PHE A 1 32  ? 3.555   8.988   -15.996 1.000 16.721 ? 30  PHE A CB  1 
ATOM   213  C CG  . PHE A 1 32  ? 2.460   8.720   -14.993 1.000 17.024 ? 30  PHE A CG  1 
ATOM   214  C CD1 . PHE A 1 32  ? 2.496   9.237   -13.704 1.000 17.755 ? 30  PHE A CD1 1 
ATOM   215  C CD2 . PHE A 1 32  ? 1.379   7.927   -15.349 1.000 17.214 ? 30  PHE A CD2 1 
ATOM   216  C CE1 . PHE A 1 32  ? 1.481   8.954   -12.801 1.000 18.232 ? 30  PHE A CE1 1 
ATOM   217  C CE2 . PHE A 1 32  ? 0.373   7.638   -14.441 1.000 17.443 ? 30  PHE A CE2 1 
ATOM   218  C CZ  . PHE A 1 32  ? 0.415   8.170   -13.174 1.000 17.605 ? 30  PHE A CZ  1 
ATOM   219  N N   . LEU A 1 33  ? 6.403   10.042  -17.320 1.000 17.122 ? 31  LEU A N   1 
ATOM   220  C CA  . LEU A 1 33  ? 7.562   9.824   -18.232 1.000 17.378 ? 31  LEU A CA  1 
ATOM   221  C C   . LEU A 1 33  ? 8.840   9.508   -17.432 1.000 16.343 ? 31  LEU A C   1 
ATOM   222  O O   . LEU A 1 33  ? 9.646   8.705   -17.915 1.000 16.214 ? 31  LEU A O   1 
ATOM   223  C CB  . LEU A 1 33  ? 7.762   11.047  -19.133 1.000 18.252 ? 31  LEU A CB  1 
ATOM   224  C CG  . LEU A 1 33  ? 8.774   10.867  -20.261 1.000 19.347 ? 31  LEU A CG  1 
ATOM   225  C CD1 . LEU A 1 33  ? 8.260   9.911   -21.335 1.000 20.210 ? 31  LEU A CD1 1 
ATOM   226  C CD2 . LEU A 1 33  ? 9.148   12.215  -20.861 1.000 19.968 ? 31  LEU A CD2 1 
ATOM   227  N N   . ASN A 1 34  ? 9.012   10.083  -16.242 1.000 15.616 ? 32  ASN A N   1 
ATOM   228  C CA  . ASN A 1 34  ? 10.206  9.864   -15.384 1.000 15.266 ? 32  ASN A CA  1 
ATOM   229  C C   . ASN A 1 34  ? 10.002  8.656   -14.452 1.000 15.519 ? 32  ASN A C   1 
ATOM   230  O O   . ASN A 1 34  ? 10.949  8.334   -13.717 1.000 14.461 ? 32  ASN A O   1 
ATOM   231  C CB  . ASN A 1 34  ? 10.575  11.158  -14.647 1.000 15.128 ? 32  ASN A CB  1 
ATOM   232  C CG  . ASN A 1 34  ? 11.089  12.225  -15.598 1.000 14.841 ? 32  ASN A CG  1 
ATOM   233  O OD1 . ASN A 1 34  ? 11.189  11.989  -16.802 1.000 13.566 ? 32  ASN A OD1 1 
ATOM   234  N ND2 . ASN A 1 34  ? 11.384  13.408  -15.079 1.000 14.761 ? 32  ASN A ND2 1 
ATOM   235  N N   . GLU A 1 35  ? 8.850   7.976   -14.521 1.000 16.197 ? 33  GLU A N   1 
ATOM   236  C CA  . GLU A 1 35  ? 8.606   6.661   -13.863 1.000 16.709 ? 33  GLU A CA  1 
ATOM   237  C C   . GLU A 1 35  ? 8.851   6.769   -12.363 1.000 14.660 ? 33  GLU A C   1 
ATOM   238  O O   . GLU A 1 35  ? 9.668   6.030   -11.801 1.000 13.156 ? 33  GLU A O   1 
ATOM   239  C CB  . GLU A 1 35  ? 9.493   5.583   -14.481 1.000 19.811 ? 33  GLU A CB  1 
ATOM   240  C CG  . GLU A 1 35  ? 9.302   5.445   -15.978 1.000 22.882 ? 33  GLU A CG  1 
ATOM   241  C CD  . GLU A 1 35  ? 9.849   4.152   -16.553 1.000 26.281 ? 33  GLU A CD  1 
ATOM   242  O OE1 . GLU A 1 35  ? 10.814  3.605   -15.981 1.000 31.479 ? 33  GLU A OE1 1 
ATOM   243  O OE2 . GLU A 1 35  ? 9.303   3.695   -17.560 1.000 32.300 ? 33  GLU A OE2 1 
ATOM   244  N N   . PRO A 1 36  ? 8.092   7.642   -11.663 1.000 14.120 ? 34  PRO A N   1 
ATOM   245  C CA  . PRO A 1 36  ? 8.085   7.651   -10.202 1.000 14.446 ? 34  PRO A CA  1 
ATOM   246  C C   . PRO A 1 36  ? 7.497   6.330   -9.685  1.000 15.267 ? 34  PRO A C   1 
ATOM   247  O O   . PRO A 1 36  ? 6.694   5.724   -10.401 1.000 14.528 ? 34  PRO A O   1 
ATOM   248  C CB  . PRO A 1 36  ? 7.179   8.831   -9.829  1.000 14.031 ? 34  PRO A CB  1 
ATOM   249  C CG  . PRO A 1 36  ? 6.294   9.036   -11.031 1.000 13.915 ? 34  PRO A CG  1 
ATOM   250  C CD  . PRO A 1 36  ? 7.102   8.574   -12.226 1.000 13.991 ? 34  PRO A CD  1 
ATOM   251  N N   . TYR A 1 37  ? 7.910   5.921   -8.487  1.000 15.769 ? 35  TYR A N   1 
ATOM   252  C CA  . TYR A 1 37  ? 7.369   4.745   -7.761  1.000 16.982 ? 35  TYR A CA  1 
ATOM   253  C C   . TYR A 1 37  ? 6.507   5.202   -6.581  1.000 15.914 ? 35  TYR A C   1 
ATOM   254  O O   . TYR A 1 37  ? 6.655   6.346   -6.089  1.000 14.672 ? 35  TYR A O   1 
ATOM   255  C CB  . TYR A 1 37  ? 8.491   3.830   -7.269  1.000 19.855 ? 35  TYR A CB  1 
ATOM   256  C CG  . TYR A 1 37  ? 9.224   3.086   -8.352  1.000 23.370 ? 35  TYR A CG  1 
ATOM   257  C CD1 . TYR A 1 37  ? 8.762   1.865   -8.832  1.000 26.714 ? 35  TYR A CD1 1 
ATOM   258  C CD2 . TYR A 1 37  ? 10.415  3.573   -8.866  1.000 25.694 ? 35  TYR A CD2 1 
ATOM   259  C CE1 . TYR A 1 37  ? 9.451   1.169   -9.814  1.000 27.872 ? 35  TYR A CE1 1 
ATOM   260  C CE2 . TYR A 1 37  ? 11.116  2.892   -9.852  1.000 28.034 ? 35  TYR A CE2 1 
ATOM   261  C CZ  . TYR A 1 37  ? 10.629  1.686   -10.325 1.000 29.274 ? 35  TYR A CZ  1 
ATOM   262  O OH  . TYR A 1 37  ? 11.302  0.999   -11.291 1.000 33.731 ? 35  TYR A OH  1 
ATOM   263  N N   . LEU A 1 38  ? 5.599   4.317   -6.176  1.000 14.761 ? 36  LEU A N   1 
ATOM   264  C CA  . LEU A 1 38  ? 4.882   4.333   -4.877  1.000 13.804 ? 36  LEU A CA  1 
ATOM   265  C C   . LEU A 1 38  ? 5.036   2.942   -4.259  1.000 13.546 ? 36  LEU A C   1 
ATOM   266  O O   . LEU A 1 38  ? 4.857   1.940   -4.976  1.000 12.044 ? 36  LEU A O   1 
ATOM   267  C CB  . LEU A 1 38  ? 3.413   4.696   -5.099  1.000 14.080 ? 36  LEU A CB  1 
ATOM   268  C CG  . LEU A 1 38  ? 2.458   4.358   -3.955  1.000 14.173 ? 36  LEU A CG  1 
ATOM   269  C CD1 . LEU A 1 38  ? 2.784   5.173   -2.709  1.000 14.523 ? 36  LEU A CD1 1 
ATOM   270  C CD2 . LEU A 1 38  ? 1.018   4.571   -4.371  1.000 14.290 ? 36  LEU A CD2 1 
ATOM   271  N N   . GLN A 1 39  ? 5.360   2.888   -2.972  1.000 12.996 ? 37  GLN A N   1 
ATOM   272  C CA  . GLN A 1 39  ? 5.414   1.616   -2.228  1.000 12.867 ? 37  GLN A CA  1 
ATOM   273  C C   . GLN A 1 39  ? 4.619   1.772   -0.930  1.000 12.624 ? 37  GLN A C   1 
ATOM   274  O O   . GLN A 1 39  ? 4.786   2.799   -0.235  1.000 13.149 ? 37  GLN A O   1 
ATOM   275  C CB  . GLN A 1 39  ? 6.863   1.197   -2.021  1.000 12.894 ? 37  GLN A CB  1 
ATOM   276  C CG  . GLN A 1 39  ? 6.990   -0.222  -1.524  1.000 13.079 ? 37  GLN A CG  1 
ATOM   277  C CD  . GLN A 1 39  ? 8.354   -0.805  -1.758  1.000 13.171 ? 37  GLN A CD  1 
ATOM   278  O OE1 . GLN A 1 39  ? 8.971   -0.584  -2.801  1.000 14.924 ? 37  GLN A OE1 1 
ATOM   279  N NE2 . GLN A 1 39  ? 8.804   -1.621  -0.814  1.000 12.892 ? 37  GLN A NE2 1 
ATOM   280  N N   . VAL A 1 40  ? 3.759   0.787   -0.673  1.000 11.931 ? 38  VAL A N   1 
ATOM   281  C CA  . VAL A 1 40  ? 3.017   0.573   0.599   1.000 11.728 ? 38  VAL A CA  1 
ATOM   282  C C   . VAL A 1 40  ? 3.379   -0.831  1.083   1.000 11.897 ? 38  VAL A C   1 
ATOM   283  O O   . VAL A 1 40  ? 3.177   -1.798  0.304   1.000 11.432 ? 38  VAL A O   1 
ATOM   284  C CB  . VAL A 1 40  ? 1.505   0.753   0.382   1.000 11.619 ? 38  VAL A CB  1 
ATOM   285  C CG1 . VAL A 1 40  ? 0.723   0.585   1.675   1.000 11.872 ? 38  VAL A CG1 1 
ATOM   286  C CG2 . VAL A 1 40  ? 1.201   2.095   -0.250  1.000 11.718 ? 38  VAL A CG2 1 
ATOM   287  N N   . ASP A 1 41  ? 3.986   -0.917  2.273   1.000 11.924 ? 39  ASP A N   1 
ATOM   288  C CA  . ASP A 1 41  ? 4.392   -2.185  2.925   1.000 12.236 ? 39  ASP A CA  1 
ATOM   289  C C   . ASP A 1 41  ? 3.682   -2.304  4.275   1.000 12.521 ? 39  ASP A C   1 
ATOM   290  O O   . ASP A 1 41  ? 3.766   -1.352  5.087   1.000 12.906 ? 39  ASP A O   1 
ATOM   291  C CB  . ASP A 1 41  ? 5.905   -2.282  3.071   1.000 12.041 ? 39  ASP A CB  1 
ATOM   292  C CG  . ASP A 1 41  ? 6.645   -2.197  1.756   1.000 12.287 ? 39  ASP A CG  1 
ATOM   293  O OD1 . ASP A 1 41  ? 6.279   -2.956  0.828   1.000 12.774 ? 39  ASP A OD1 1 
ATOM   294  O OD2 . ASP A 1 41  ? 7.586   -1.383  1.675   1.000 11.828 ? 39  ASP A OD2 1 
ATOM   295  N N   . PHE A 1 42  ? 2.973   -3.416  4.471   1.000 12.390 ? 40  PHE A N   1 
ATOM   296  C CA  . PHE A 1 42  ? 2.357   -3.799  5.763   1.000 12.495 ? 40  PHE A CA  1 
ATOM   297  C C   . PHE A 1 42  ? 3.352   -4.714  6.478   1.000 11.944 ? 40  PHE A C   1 
ATOM   298  O O   . PHE A 1 42  ? 3.530   -5.880  6.019   1.000 11.881 ? 40  PHE A O   1 
ATOM   299  C CB  . PHE A 1 42  ? 1.008   -4.480  5.547   1.000 13.078 ? 40  PHE A CB  1 
ATOM   300  C CG  . PHE A 1 42  ? -0.110  -3.632  4.996   1.000 14.009 ? 40  PHE A CG  1 
ATOM   301  C CD1 . PHE A 1 42  ? 0.024   -2.272  4.761   1.000 14.624 ? 40  PHE A CD1 1 
ATOM   302  C CD2 . PHE A 1 42  ? -1.327  -4.228  4.693   1.000 14.466 ? 40  PHE A CD2 1 
ATOM   303  C CE1 . PHE A 1 42  ? -1.032  -1.544  4.227   1.000 14.635 ? 40  PHE A CE1 1 
ATOM   304  C CE2 . PHE A 1 42  ? -2.382  -3.496  4.182   1.000 14.102 ? 40  PHE A CE2 1 
ATOM   305  C CZ  . PHE A 1 42  ? -2.234  -2.152  3.956   1.000 14.760 ? 40  PHE A CZ  1 
ATOM   306  N N   . HIS A 1 43  ? 4.025   -4.168  7.491   1.000 11.590 ? 41  HIS A N   1 
ATOM   307  C CA  . HIS A 1 43  ? 5.166   -4.791  8.208   1.000 11.428 ? 41  HIS A CA  1 
ATOM   308  C C   . HIS A 1 43  ? 4.677   -5.528  9.461   1.000 11.777 ? 41  HIS A C   1 
ATOM   309  O O   . HIS A 1 43  ? 3.723   -5.045  10.091  1.000 11.742 ? 41  HIS A O   1 
ATOM   310  C CB  . HIS A 1 43  ? 6.202   -3.727  8.580   1.000 11.474 ? 41  HIS A CB  1 
ATOM   311  C CG  . HIS A 1 43  ? 7.142   -3.392  7.477   1.000 11.257 ? 41  HIS A CG  1 
ATOM   312  N ND1 . HIS A 1 43  ? 8.288   -4.126  7.239   1.000 11.328 ? 41  HIS A ND1 1 
ATOM   313  C CD2 . HIS A 1 43  ? 7.132   -2.397  6.571   1.000 11.505 ? 41  HIS A CD2 1 
ATOM   314  C CE1 . HIS A 1 43  ? 8.940   -3.596  6.230   1.000 11.210 ? 41  HIS A CE1 1 
ATOM   315  N NE2 . HIS A 1 43  ? 8.252   -2.537  5.801   1.000 11.528 ? 41  HIS A NE2 1 
ATOM   316  N N   . THR A 1 44  ? 5.366   -6.612  9.833   1.000 11.872 ? 42  THR A N   1 
ATOM   317  C CA  . THR A 1 44  ? 5.088   -7.443  11.035  1.000 12.806 ? 42  THR A CA  1 
ATOM   318  C C   . THR A 1 44  ? 5.729   -6.845  12.296  1.000 13.656 ? 42  THR A C   1 
ATOM   319  O O   . THR A 1 44  ? 5.348   -7.295  13.398  1.000 13.742 ? 42  THR A O   1 
ATOM   320  C CB  . THR A 1 44  ? 5.558   -8.891  10.840  1.000 12.460 ? 42  THR A CB  1 
ATOM   321  O OG1 . THR A 1 44  ? 6.966   -8.917  10.598  1.000 12.082 ? 42  THR A OG1 1 
ATOM   322  C CG2 . THR A 1 44  ? 4.848   -9.578  9.694   1.000 12.589 ? 42  THR A CG2 1 
ATOM   323  N N   . GLU A 1 45  ? 6.642   -5.876  12.171  1.000 14.573 ? 43  GLU A N   1 
ATOM   324  C CA  . GLU A 1 45  ? 7.247   -5.153  13.323  1.000 16.193 ? 43  GLU A CA  1 
ATOM   325  C C   . GLU A 1 45  ? 7.498   -3.696  12.925  1.000 16.395 ? 43  GLU A C   1 
ATOM   326  O O   . GLU A 1 45  ? 7.356   -3.366  11.737  1.000 16.229 ? 43  GLU A O   1 
ATOM   327  C CB  . GLU A 1 45  ? 8.544   -5.837  13.784  1.000 17.519 ? 43  GLU A CB  1 
ATOM   328  C CG  . GLU A 1 45  ? 8.395   -7.287  14.213  1.000 18.869 ? 43  GLU A CG  1 
ATOM   329  C CD  . GLU A 1 45  ? 7.674   -7.569  15.527  1.000 19.954 ? 43  GLU A CD  1 
ATOM   330  O OE1 . GLU A 1 45  ? 7.584   -6.657  16.376  1.000 20.664 ? 43  GLU A OE1 1 
ATOM   331  O OE2 . GLU A 1 45  ? 7.205   -8.721  15.714  1.000 21.559 ? 43  GLU A OE2 1 
ATOM   332  N N   . MET A 1 46  ? 7.847   -2.844  13.890  1.000 17.012 ? 44  MET A N   1 
ATOM   333  C CA  . MET A 1 46  ? 8.187   -1.416  13.640  1.000 17.908 ? 44  MET A CA  1 
ATOM   334  C C   . MET A 1 46  ? 9.519   -1.314  12.879  1.000 19.043 ? 44  MET A C   1 
ATOM   335  O O   . MET A 1 46  ? 9.701   -0.330  12.167  1.000 18.717 ? 44  MET A O   1 
ATOM   336  C CB  . MET A 1 46  ? 8.258   -0.625  14.947  1.000 17.801 ? 44  MET A CB  1 
ATOM   337  C CG  . MET A 1 46  ? 6.908   -0.465  15.624  1.000 17.935 ? 44  MET A CG  1 
ATOM   338  S SD  . MET A 1 46  ? 5.662   0.409   14.618  1.000 19.387 ? 44  MET A SD  1 
ATOM   339  C CE  . MET A 1 46  ? 6.480   1.969   14.290  1.000 18.644 ? 44  MET A CE  1 
ATOM   340  N N   . LYS A 1 47  ? 10.390  -2.323  12.955  1.000 20.546 ? 45  LYS A N   1 
ATOM   341  C CA  . LYS A 1 47  ? 11.688  -2.318  12.228  1.000 21.390 ? 45  LYS A CA  1 
ATOM   342  C C   . LYS A 1 47  ? 11.443  -2.429  10.722  1.000 20.107 ? 45  LYS A C   1 
ATOM   343  O O   . LYS A 1 47  ? 10.629  -3.281  10.298  1.000 18.467 ? 45  LYS A O   1 
ATOM   344  C CB  . LYS A 1 47  ? 12.598  -3.456  12.700  1.000 24.220 ? 45  LYS A CB  1 
ATOM   345  C CG  . LYS A 1 47  ? 13.336  -3.168  13.998  1.000 28.002 ? 45  LYS A CG  1 
ATOM   346  C CD  . LYS A 1 47  ? 13.790  -4.429  14.718  1.000 32.124 ? 45  LYS A CD  1 
ATOM   347  C CE  . LYS A 1 47  ? 13.747  -4.303  16.227  1.000 34.837 ? 45  LYS A CE  1 
ATOM   348  N NZ  . LYS A 1 47  ? 14.914  -4.973  16.839  1.000 36.991 ? 45  LYS A NZ  1 
ATOM   349  N N   . GLU A 1 48  ? 12.165  -1.625  9.939   1.000 19.126 ? 46  GLU A N   1 
ATOM   350  C CA  . GLU A 1 48  ? 12.027  -1.583  8.460   1.000 19.411 ? 46  GLU A CA  1 
ATOM   351  C C   . GLU A 1 48  ? 12.531  -2.897  7.839   1.000 17.530 ? 46  GLU A C   1 
ATOM   352  O O   . GLU A 1 48  ? 12.049  -3.232  6.754   1.000 17.886 ? 46  GLU A O   1 
ATOM   353  C CB  . GLU A 1 48  ? 12.728  -0.334  7.922   1.000 20.397 ? 46  GLU A CB  1 
ATOM   354  C CG  . GLU A 1 48  ? 12.083  0.949   8.440   1.000 22.067 ? 46  GLU A CG  1 
ATOM   355  C CD  . GLU A 1 48  ? 12.683  2.251   7.944   1.000 22.424 ? 46  GLU A CD  1 
ATOM   356  O OE1 . GLU A 1 48  ? 13.881  2.260   7.609   1.000 25.263 ? 46  GLU A OE1 1 
ATOM   357  O OE2 . GLU A 1 48  ? 11.952  3.252   7.900   1.000 23.878 ? 46  GLU A OE2 1 
ATOM   358  N N   . GLU A 1 49  ? 13.420  -3.639  8.512   1.000 16.974 ? 47  GLU A N   1 
ATOM   359  C CA  . GLU A 1 49  ? 13.950  -4.950  8.025   1.000 17.626 ? 47  GLU A CA  1 
ATOM   360  C C   . GLU A 1 49  ? 12.905  -6.052  8.251   1.000 15.834 ? 47  GLU A C   1 
ATOM   361  O O   . GLU A 1 49  ? 13.146  -7.193  7.782   1.000 15.301 ? 47  GLU A O   1 
ATOM   362  C CB  . GLU A 1 49  ? 15.248  -5.389  8.720   1.000 20.909 ? 47  GLU A CB  1 
ATOM   363  C CG  . GLU A 1 49  ? 16.174  -4.257  9.142   1.000 24.432 ? 47  GLU A CG  1 
ATOM   364  C CD  . GLU A 1 49  ? 15.819  -3.681  10.505  1.000 27.145 ? 47  GLU A CD  1 
ATOM   365  O OE1 . GLU A 1 49  ? 16.053  -4.374  11.536  1.000 32.286 ? 47  GLU A OE1 1 
ATOM   366  O OE2 . GLU A 1 49  ? 15.267  -2.574  10.534  1.000 27.721 ? 47  GLU A OE2 1 
ATOM   367  N N   . SER A 1 50  ? 11.810  -5.766  8.970   1.000 13.260 ? 48  SER A N   1 
ATOM   368  C CA  . SER A 1 50  ? 10.836  -6.807  9.376   1.000 12.902 ? 48  SER A CA  1 
ATOM   369  C C   . SER A 1 50  ? 10.105  -7.341  8.141   1.000 12.614 ? 48  SER A C   1 
ATOM   370  O O   . SER A 1 50  ? 10.137  -6.690  7.054   1.000 12.160 ? 48  SER A O   1 
ATOM   371  C CB  . SER A 1 50  ? 9.870   -6.319  10.422  1.000 12.652 ? 48  SER A CB  1 
ATOM   372  O OG  . SER A 1 50  ? 9.039   -5.303  9.913   1.000 12.336 ? 48  SER A OG  1 
ATOM   373  N N   . ASP A 1 51  ? 9.453   -8.482  8.321   1.000 12.187 ? 49  ASP A N   1 
ATOM   374  C CA  . ASP A 1 51  ? 8.704   -9.189  7.256   1.000 12.543 ? 49  ASP A CA  1 
ATOM   375  C C   . ASP A 1 51  ? 7.551   -8.308  6.776   1.000 12.028 ? 49  ASP A C   1 
ATOM   376  O O   . ASP A 1 51  ? 7.115   -7.419  7.504   1.000 11.883 ? 49  ASP A O   1 
ATOM   377  C CB  . ASP A 1 51  ? 8.211   -10.542 7.753   1.000 12.496 ? 49  ASP A CB  1 
ATOM   378  C CG  . ASP A 1 51  ? 9.307   -11.584 7.863   1.000 13.006 ? 49  ASP A CG  1 
ATOM   379  O OD1 . ASP A 1 51  ? 10.443  -11.336 7.377   1.000 12.584 ? 49  ASP A OD1 1 
ATOM   380  O OD2 . ASP A 1 51  ? 9.000   -12.647 8.414   1.000 14.076 ? 49  ASP A OD2 1 
ATOM   381  N N   . ILE A 1 52  ? 7.120   -8.537  5.545   1.000 11.969 ? 50  ILE A N   1 
ATOM   382  C CA  . ILE A 1 52  ? 6.059   -7.723  4.896   1.000 11.902 ? 50  ILE A CA  1 
ATOM   383  C C   . ILE A 1 52  ? 4.965   -8.700  4.492   1.000 11.769 ? 50  ILE A C   1 
ATOM   384  O O   . ILE A 1 52  ? 5.240   -9.607  3.699   1.000 11.433 ? 50  ILE A O   1 
ATOM   385  C CB  . ILE A 1 52  ? 6.625   -6.900  3.724   1.000 11.948 ? 50  ILE A CB  1 
ATOM   386  C CG1 . ILE A 1 52  ? 7.726   -5.948  4.204   1.000 11.832 ? 50  ILE A CG1 1 
ATOM   387  C CG2 . ILE A 1 52  ? 5.505   -6.167  2.989   1.000 11.953 ? 50  ILE A CG2 1 
ATOM   388  C CD1 . ILE A 1 52  ? 8.575   -5.363  3.109   1.000 11.933 ? 50  ILE A CD1 1 
ATOM   389  N N   . VAL A 1 53  ? 3.798   -8.535  5.099   1.000 12.194 ? 51  VAL A N   1 
ATOM   390  C CA  . VAL A 1 53  ? 2.576   -9.357  4.876   1.000 12.922 ? 51  VAL A CA  1 
ATOM   391  C C   . VAL A 1 53  ? 2.007   -9.012  3.487   1.000 13.225 ? 51  VAL A C   1 
ATOM   392  O O   . VAL A 1 53  ? 1.472   -9.925  2.777   1.000 12.588 ? 51  VAL A O   1 
ATOM   393  C CB  . VAL A 1 53  ? 1.607   -9.074  6.044   1.000 14.148 ? 51  VAL A CB  1 
ATOM   394  C CG1 . VAL A 1 53  ? 0.167   -9.370  5.739   1.000 15.116 ? 51  VAL A CG1 1 
ATOM   395  C CG2 . VAL A 1 53  ? 2.059   -9.800  7.299   1.000 14.329 ? 51  VAL A CG2 1 
ATOM   396  N N   . PHE A 1 54  ? 2.112   -7.740  3.108   1.000 12.541 ? 52  PHE A N   1 
ATOM   397  C CA  . PHE A 1 54  ? 1.561   -7.200  1.840   1.000 12.691 ? 52  PHE A CA  1 
ATOM   398  C C   . PHE A 1 54  ? 2.484   -6.072  1.390   1.000 12.285 ? 52  PHE A C   1 
ATOM   399  O O   . PHE A 1 54  ? 2.611   -5.087  2.133   1.000 11.782 ? 52  PHE A O   1 
ATOM   400  C CB  . PHE A 1 54  ? 0.120   -6.729  2.033   1.000 12.970 ? 52  PHE A CB  1 
ATOM   401  C CG  . PHE A 1 54  ? -0.517  -6.154  0.795   1.000 13.531 ? 52  PHE A CG  1 
ATOM   402  C CD1 . PHE A 1 54  ? -0.517  -6.874  -0.386  1.000 14.330 ? 52  PHE A CD1 1 
ATOM   403  C CD2 . PHE A 1 54  ? -1.084  -4.888  0.794   1.000 14.153 ? 52  PHE A CD2 1 
ATOM   404  C CE1 . PHE A 1 54  ? -1.080  -6.355  -1.539  1.000 14.759 ? 52  PHE A CE1 1 
ATOM   405  C CE2 . PHE A 1 54  ? -1.669  -4.378  -0.356  1.000 14.313 ? 52  PHE A CE2 1 
ATOM   406  C CZ  . PHE A 1 54  ? -1.677  -5.114  -1.518  1.000 14.706 ? 52  PHE A CZ  1 
ATOM   407  N N   . HIS A 1 55  ? 3.148   -6.280  0.252   1.000 12.209 ? 53  HIS A N   1 
ATOM   408  C CA  . HIS A 1 55  ? 4.014   -5.307  -0.465  1.000 12.124 ? 53  HIS A CA  1 
ATOM   409  C C   . HIS A 1 55  ? 3.264   -4.878  -1.718  1.000 12.785 ? 53  HIS A C   1 
ATOM   410  O O   . HIS A 1 55  ? 2.840   -5.770  -2.481  1.000 13.104 ? 53  HIS A O   1 
ATOM   411  C CB  . HIS A 1 55  ? 5.365   -5.961  -0.767  1.000 12.092 ? 53  HIS A CB  1 
ATOM   412  C CG  . HIS A 1 55  ? 6.188   -5.326  -1.837  1.000 12.157 ? 53  HIS A CG  1 
ATOM   413  N ND1 . HIS A 1 55  ? 6.964   -4.209  -1.611  1.000 12.029 ? 53  HIS A ND1 1 
ATOM   414  C CD2 . HIS A 1 55  ? 6.472   -5.740  -3.094  1.000 12.481 ? 53  HIS A CD2 1 
ATOM   415  C CE1 . HIS A 1 55  ? 7.659   -3.933  -2.709  1.000 12.049 ? 53  HIS A CE1 1 
ATOM   416  N NE2 . HIS A 1 55  ? 7.365   -4.857  -3.634  1.000 12.109 ? 53  HIS A NE2 1 
ATOM   417  N N   . PHE A 1 56  ? 3.046   -3.574  -1.882  1.000 12.587 ? 54  PHE A N   1 
ATOM   418  C CA  . PHE A 1 56  ? 2.319   -2.989  -3.031  1.000 12.725 ? 54  PHE A CA  1 
ATOM   419  C C   . PHE A 1 56  ? 3.223   -1.910  -3.621  1.000 12.923 ? 54  PHE A C   1 
ATOM   420  O O   . PHE A 1 56  ? 3.473   -0.892  -2.934  1.000 11.773 ? 54  PHE A O   1 
ATOM   421  C CB  . PHE A 1 56  ? 0.963   -2.464  -2.562  1.000 12.615 ? 54  PHE A CB  1 
ATOM   422  C CG  . PHE A 1 56  ? 0.140   -1.763  -3.608  1.000 12.918 ? 54  PHE A CG  1 
ATOM   423  C CD1 . PHE A 1 56  ? -0.645  -2.484  -4.495  1.000 13.056 ? 54  PHE A CD1 1 
ATOM   424  C CD2 . PHE A 1 56  ? 0.150   -0.382  -3.713  1.000 13.177 ? 54  PHE A CD2 1 
ATOM   425  C CE1 . PHE A 1 56  ? -1.412  -1.840  -5.454  1.000 12.992 ? 54  PHE A CE1 1 
ATOM   426  C CE2 . PHE A 1 56  ? -0.621  0.262   -4.670  1.000 13.427 ? 54  PHE A CE2 1 
ATOM   427  C CZ  . PHE A 1 56  ? -1.395  -0.468  -5.543  1.000 13.462 ? 54  PHE A CZ  1 
ATOM   428  N N   . GLN A 1 57  ? 3.722   -2.139  -4.835  1.000 13.883 ? 55  GLN A N   1 
ATOM   429  C CA  . GLN A 1 57  ? 4.707   -1.232  -5.475  1.000 15.067 ? 55  GLN A CA  1 
ATOM   430  C C   . GLN A 1 57  ? 4.188   -0.841  -6.852  1.000 15.326 ? 55  GLN A C   1 
ATOM   431  O O   . GLN A 1 57  ? 4.120   -1.729  -7.739  1.000 14.957 ? 55  GLN A O   1 
ATOM   432  C CB  . GLN A 1 57  ? 6.090   -1.872  -5.556  1.000 16.722 ? 55  GLN A CB  1 
ATOM   433  C CG  . GLN A 1 57  ? 7.163   -0.917  -6.052  1.000 17.752 ? 55  GLN A CG  1 
ATOM   434  C CD  . GLN A 1 57  ? 8.396   -1.661  -6.494  1.000 21.509 ? 55  GLN A CD  1 
ATOM   435  O OE1 . GLN A 1 57  ? 8.413   -2.300  -7.547  1.000 25.266 ? 55  GLN A OE1 1 
ATOM   436  N NE2 . GLN A 1 57  ? 9.442   -1.586  -5.688  1.000 22.813 ? 55  GLN A NE2 1 
ATOM   437  N N   . VAL A 1 58  ? 3.895   0.446   -7.030  1.000 15.283 ? 56  VAL A N   1 
ATOM   438  C CA  . VAL A 1 58  ? 3.450   1.018   -8.333  1.000 15.959 ? 56  VAL A CA  1 
ATOM   439  C C   . VAL A 1 58  ? 4.680   1.616   -9.016  1.000 16.338 ? 56  VAL A C   1 
ATOM   440  O O   . VAL A 1 58  ? 5.322   2.457   -8.400  1.000 16.354 ? 56  VAL A O   1 
ATOM   441  C CB  . VAL A 1 58  ? 2.354   2.076   -8.130  1.000 16.215 ? 56  VAL A CB  1 
ATOM   442  C CG1 . VAL A 1 58  ? 1.795   2.556   -9.461  1.000 15.948 ? 56  VAL A CG1 1 
ATOM   443  C CG2 . VAL A 1 58  ? 1.261   1.570   -7.210  1.000 16.373 ? 56  VAL A CG2 1 
ATOM   444  N N   . CYS A 1 59  ? 4.984   1.198   -10.242 1.000 17.653 ? 57  CYS A N   1 
ATOM   445  C CA  . CYS A 1 59  ? 5.751   2.015   -11.220 1.000 18.542 ? 57  CYS A CA  1 
ATOM   446  C C   . CYS A 1 59  ? 4.752   2.801   -12.076 1.000 18.231 ? 57  CYS A C   1 
ATOM   447  O O   . CYS A 1 59  ? 4.182   2.219   -13.023 1.000 17.916 ? 57  CYS A O   1 
ATOM   448  C CB  . CYS A 1 59  ? 6.672   1.173   -12.088 1.000 20.387 ? 57  CYS A CB  1 
ATOM   449  S SG  . CYS A 1 59  ? 7.706   2.208   -13.157 1.000 24.922 ? 57  CYS A SG  1 
ATOM   450  N N   . PHE A 1 60  ? 4.523   4.069   -11.727 1.000 17.927 ? 58  PHE A N   1 
ATOM   451  C CA  . PHE A 1 60  ? 3.428   4.900   -12.283 1.000 17.760 ? 58  PHE A CA  1 
ATOM   452  C C   . PHE A 1 60  ? 3.538   4.906   -13.810 1.000 18.585 ? 58  PHE A C   1 
ATOM   453  O O   . PHE A 1 60  ? 4.636   5.210   -14.344 1.000 19.111 ? 58  PHE A O   1 
ATOM   454  C CB  . PHE A 1 60  ? 3.475   6.316   -11.715 1.000 17.833 ? 58  PHE A CB  1 
ATOM   455  C CG  . PHE A 1 60  ? 2.946   6.466   -10.313 1.000 17.312 ? 58  PHE A CG  1 
ATOM   456  C CD1 . PHE A 1 60  ? 1.585   6.375   -10.055 1.000 17.455 ? 58  PHE A CD1 1 
ATOM   457  C CD2 . PHE A 1 60  ? 3.800   6.720   -9.247  1.000 18.003 ? 58  PHE A CD2 1 
ATOM   458  C CE1 . PHE A 1 60  ? 1.097   6.537   -8.767  1.000 17.374 ? 58  PHE A CE1 1 
ATOM   459  C CE2 . PHE A 1 60  ? 3.314   6.878   -7.957  1.000 16.493 ? 58  PHE A CE2 1 
ATOM   460  C CZ  . PHE A 1 60  ? 1.962   6.785   -7.721  1.000 17.230 ? 58  PHE A CZ  1 
ATOM   461  N N   . GLY A 1 61  ? 2.448   4.522   -14.477 1.000 18.981 ? 59  GLY A N   1 
ATOM   462  C CA  . GLY A 1 61  ? 2.333   4.507   -15.947 1.000 19.420 ? 59  GLY A CA  1 
ATOM   463  C C   . GLY A 1 61  ? 2.783   3.198   -16.566 1.000 20.104 ? 59  GLY A C   1 
ATOM   464  O O   . GLY A 1 61  ? 2.662   3.110   -17.792 1.000 21.140 ? 59  GLY A O   1 
ATOM   465  N N   . ARG A 1 62  ? 3.293   2.232   -15.784 1.000 20.154 ? 60  ARG A N   1 
ATOM   466  C CA  . ARG A 1 62  ? 3.916   0.983   -16.311 1.000 21.773 ? 60  ARG A CA  1 
ATOM   467  C C   . ARG A 1 62  ? 3.292   -0.266  -15.674 1.000 20.831 ? 60  ARG A C   1 
ATOM   468  O O   . ARG A 1 62  ? 2.657   -1.031  -16.395 1.000 20.923 ? 60  ARG A O   1 
ATOM   469  C CB  . ARG A 1 62  ? 5.430   1.005   -16.093 1.000 23.202 ? 60  ARG A CB  1 
ATOM   470  C CG  . ARG A 1 62  ? 6.153   2.051   -16.931 1.000 27.073 ? 60  ARG A CG  1 
ATOM   471  C CD  . ARG A 1 62  ? 6.106   1.768   -18.427 1.000 29.694 ? 60  ARG A CD  1 
ATOM   472  N NE  . ARG A 1 62  ? 6.965   0.648   -18.799 1.000 33.465 ? 60  ARG A NE  1 
ATOM   473  C CZ  . ARG A 1 62  ? 8.262   0.722   -19.110 1.000 35.019 ? 60  ARG A CZ  1 
ATOM   474  N NH1 . ARG A 1 62  ? 8.932   -0.376  -19.423 1.000 34.800 ? 60  ARG A NH1 1 
ATOM   475  N NH2 . ARG A 1 62  ? 8.896   1.881   -19.115 1.000 36.468 ? 60  ARG A NH2 1 
ATOM   476  N N   . ARG A 1 63  ? 3.499   -0.511  -14.384 1.000 20.631 ? 61  ARG A N   1 
ATOM   477  C CA  . ARG A 1 63  ? 3.085   -1.799  -13.772 1.000 21.263 ? 61  ARG A CA  1 
ATOM   478  C C   . ARG A 1 63  ? 2.949   -1.673  -12.256 1.000 18.689 ? 61  ARG A C   1 
ATOM   479  O O   . ARG A 1 63  ? 3.404   -0.673  -11.689 1.000 16.798 ? 61  ARG A O   1 
ATOM   480  C CB  . ARG A 1 63  ? 4.097   -2.905  -14.102 1.000 24.781 ? 61  ARG A CB  1 
ATOM   481  C CG  . ARG A 1 63  ? 5.538   -2.525  -13.791 1.000 29.467 ? 61  ARG A CG  1 
ATOM   482  C CD  . ARG A 1 63  ? 6.430   -3.664  -13.333 1.000 33.275 ? 61  ARG A CD  1 
ATOM   483  N NE  . ARG A 1 63  ? 7.546   -3.159  -12.531 1.000 39.676 ? 61  ARG A NE  1 
ATOM   484  C CZ  . ARG A 1 63  ? 8.539   -3.901  -12.036 1.000 43.522 ? 61  ARG A CZ  1 
ATOM   485  N NH1 . ARG A 1 63  ? 8.571   -5.212  -12.238 1.000 44.170 ? 61  ARG A NH1 1 
ATOM   486  N NH2 . ARG A 1 63  ? 9.494   -3.325  -11.324 1.000 42.598 ? 61  ARG A NH2 1 
ATOM   487  N N   . VAL A 1 64  ? 2.342   -2.692  -11.654 1.000 16.896 ? 62  VAL A N   1 
ATOM   488  C CA  . VAL A 1 64  ? 2.221   -2.862  -10.184 1.000 16.482 ? 62  VAL A CA  1 
ATOM   489  C C   . VAL A 1 64  ? 2.721   -4.259  -9.858  1.000 16.274 ? 62  VAL A C   1 
ATOM   490  O O   . VAL A 1 64  ? 2.312   -5.198  -10.575 1.000 17.061 ? 62  VAL A O   1 
ATOM   491  C CB  . VAL A 1 64  ? 0.769   -2.646  -9.723  1.000 16.364 ? 62  VAL A CB  1 
ATOM   492  C CG1 . VAL A 1 64  ? 0.593   -2.979  -8.250  1.000 16.009 ? 62  VAL A CG1 1 
ATOM   493  C CG2 . VAL A 1 64  ? 0.316   -1.226  -10.039 1.000 16.605 ? 62  VAL A CG2 1 
ATOM   494  N N   . VAL A 1 65  ? 3.562   -4.386  -8.834  1.000 15.922 ? 63  VAL A N   1 
ATOM   495  C CA  . VAL A 1 65  ? 3.950   -5.713  -8.284  1.000 16.679 ? 63  VAL A CA  1 
ATOM   496  C C   . VAL A 1 65  ? 3.464   -5.790  -6.838  1.000 16.015 ? 63  VAL A C   1 
ATOM   497  O O   . VAL A 1 65  ? 3.487   -4.763  -6.106  1.000 14.117 ? 63  VAL A O   1 
ATOM   498  C CB  . VAL A 1 65  ? 5.449   -6.020  -8.439  1.000 18.310 ? 63  VAL A CB  1 
ATOM   499  C CG1 . VAL A 1 65  ? 5.893   -5.835  -9.884  1.000 19.394 ? 63  VAL A CG1 1 
ATOM   500  C CG2 . VAL A 1 65  ? 6.320   -5.206  -7.499  1.000 19.295 ? 63  VAL A CG2 1 
ATOM   501  N N   . MET A 1 66  ? 2.942   -6.958  -6.485  1.000 14.847 ? 64  MET A N   1 
ATOM   502  C CA  . MET A 1 66  ? 2.559   -7.291  -5.104  1.000 15.247 ? 64  MET A CA  1 
ATOM   503  C C   . MET A 1 66  ? 3.272   -8.582  -4.720  1.000 14.781 ? 64  MET A C   1 
ATOM   504  O O   . MET A 1 66  ? 3.530   -9.423  -5.611  1.000 15.134 ? 64  MET A O   1 
ATOM   505  C CB  . MET A 1 66  ? 1.041   -7.422  -4.979  1.000 15.452 ? 64  MET A CB  1 
ATOM   506  C CG  . MET A 1 66  ? 0.333   -6.082  -5.132  1.000 15.954 ? 64  MET A CG  1 
ATOM   507  S SD  . MET A 1 66  ? -1.427  -6.330  -5.435  1.000 16.883 ? 64  MET A SD  1 
ATOM   508  C CE  . MET A 1 66  ? -1.413  -6.874  -7.139  1.000 17.050 ? 64  MET A CE  1 
ATOM   509  N N   . ASN A 1 67  ? 3.634   -8.678  -3.448  1.000 14.270 ? 65  ASN A N   1 
ATOM   510  C CA  . ASN A 1 67  ? 4.374   -9.829  -2.897  1.000 13.795 ? 65  ASN A CA  1 
ATOM   511  C C   . ASN A 1 67  ? 4.292   -9.795  -1.367  1.000 13.183 ? 65  ASN A C   1 
ATOM   512  O O   . ASN A 1 67  ? 3.663   -8.890  -0.791  1.000 12.657 ? 65  ASN A O   1 
ATOM   513  C CB  . ASN A 1 67  ? 5.824   -9.858  -3.401  1.000 13.967 ? 65  ASN A CB  1 
ATOM   514  C CG  . ASN A 1 67  ? 6.379   -11.259 -3.535  1.000 14.303 ? 65  ASN A CG  1 
ATOM   515  O OD1 . ASN A 1 67  ? 5.876   -12.194 -2.914  1.000 13.975 ? 65  ASN A OD1 1 
ATOM   516  N ND2 . ASN A 1 67  ? 7.438   -11.410 -4.312  1.000 15.194 ? 65  ASN A ND2 1 
ATOM   517  N N   . SER A 1 68  ? 4.922   -10.778 -0.741  1.000 13.470 ? 66  SER A N   1 
ATOM   518  C CA  . SER A 1 68  ? 5.204   -10.819 0.708   1.000 13.667 ? 66  SER A CA  1 
ATOM   519  C C   . SER A 1 68  ? 6.688   -11.102 0.871   1.000 13.692 ? 66  SER A C   1 
ATOM   520  O O   . SER A 1 68  ? 7.271   -11.774 -0.020  1.000 13.706 ? 66  SER A O   1 
ATOM   521  C CB  . SER A 1 68  ? 4.370   -11.878 1.361   1.000 14.462 ? 66  SER A CB  1 
ATOM   522  O OG  . SER A 1 68  ? 4.479   -13.093 0.630   1.000 15.039 ? 66  SER A OG  1 
ATOM   523  N N   . ARG A 1 69  ? 7.268   -10.601 1.953   1.000 13.533 ? 67  ARG A N   1 
ATOM   524  C CA  . ARG A 1 69  ? 8.623   -10.989 2.407   1.000 13.738 ? 67  ARG A CA  1 
ATOM   525  C C   . ARG A 1 69  ? 8.460   -11.753 3.714   1.000 13.645 ? 67  ARG A C   1 
ATOM   526  O O   . ARG A 1 69  ? 8.065   -11.127 4.693   1.000 13.517 ? 67  ARG A O   1 
ATOM   527  C CB  . ARG A 1 69  ? 9.517   -9.762  2.589   1.000 13.439 ? 67  ARG A CB  1 
ATOM   528  C CG  . ARG A 1 69  ? 10.964  -10.135 2.878   1.000 13.351 ? 67  ARG A CG  1 
ATOM   529  C CD  . ARG A 1 69  ? 11.860  -8.946  2.759   1.000 13.465 ? 67  ARG A CD  1 
ATOM   530  N NE  . ARG A 1 69  ? 11.644  -8.001  3.845   1.000 13.529 ? 67  ARG A NE  1 
ATOM   531  C CZ  . ARG A 1 69  ? 11.951  -6.705  3.794   1.000 13.560 ? 67  ARG A CZ  1 
ATOM   532  N NH1 . ARG A 1 69  ? 12.454  -6.173  2.690   1.000 13.566 ? 67  ARG A NH1 1 
ATOM   533  N NH2 . ARG A 1 69  ? 11.744  -5.936  4.848   1.000 13.094 ? 67  ARG A NH2 1 
ATOM   534  N N   . GLU A 1 70  ? 8.726   -13.056 3.696   1.000 14.108 ? 68  GLU A N   1 
ATOM   535  C CA  . GLU A 1 70  ? 8.485   -13.973 4.832   1.000 14.619 ? 68  GLU A CA  1 
ATOM   536  C C   . GLU A 1 70  ? 9.823   -14.583 5.240   1.000 14.657 ? 68  GLU A C   1 
ATOM   537  O O   . GLU A 1 70  ? 10.532  -15.124 4.361   1.000 14.289 ? 68  GLU A O   1 
ATOM   538  C CB  . GLU A 1 70  ? 7.444   -15.018 4.443   1.000 15.957 ? 68  GLU A CB  1 
ATOM   539  C CG  . GLU A 1 70  ? 6.209   -14.407 3.783   1.000 16.768 ? 68  GLU A CG  1 
ATOM   540  C CD  . GLU A 1 70  ? 5.186   -15.442 3.356   1.000 18.369 ? 68  GLU A CD  1 
ATOM   541  O OE1 . GLU A 1 70  ? 5.180   -16.542 3.963   1.000 20.001 ? 68  GLU A OE1 1 
ATOM   542  O OE2 . GLU A 1 70  ? 4.405   -15.157 2.417   1.000 19.678 ? 68  GLU A OE2 1 
ATOM   543  N N   . TYR A 1 71  ? 10.166  -14.445 6.519   1.000 14.193 ? 69  TYR A N   1 
ATOM   544  C CA  . TYR A 1 71  ? 11.503  -14.753 7.083   1.000 14.532 ? 69  TYR A CA  1 
ATOM   545  C C   . TYR A 1 71  ? 12.599  -14.233 6.142   1.000 14.428 ? 69  TYR A C   1 
ATOM   546  O O   . TYR A 1 71  ? 13.522  -14.980 5.776   1.000 13.916 ? 69  TYR A O   1 
ATOM   547  C CB  . TYR A 1 71  ? 11.562  -16.248 7.405   1.000 14.250 ? 69  TYR A CB  1 
ATOM   548  C CG  . TYR A 1 71  ? 10.822  -16.564 8.672   1.000 14.528 ? 69  TYR A CG  1 
ATOM   549  C CD1 . TYR A 1 71  ? 11.460  -16.413 9.893   1.000 14.356 ? 69  TYR A CD1 1 
ATOM   550  C CD2 . TYR A 1 71  ? 9.469   -16.882 8.672   1.000 14.395 ? 69  TYR A CD2 1 
ATOM   551  C CE1 . TYR A 1 71  ? 10.795  -16.642 11.081  1.000 14.054 ? 69  TYR A CE1 1 
ATOM   552  C CE2 . TYR A 1 71  ? 8.790   -17.120 9.858   1.000 14.801 ? 69  TYR A CE2 1 
ATOM   553  C CZ  . TYR A 1 71  ? 9.460   -16.995 11.067  1.000 14.418 ? 69  TYR A CZ  1 
ATOM   554  O OH  . TYR A 1 71  ? 8.840   -17.184 12.271  1.000 14.884 ? 69  TYR A OH  1 
ATOM   555  N N   . GLY A 1 72  ? 12.484  -12.964 5.767   1.000 14.657 ? 70  GLY A N   1 
ATOM   556  C CA  . GLY A 1 72  ? 13.534  -12.216 5.058   1.000 15.351 ? 70  GLY A CA  1 
ATOM   557  C C   . GLY A 1 72  ? 13.536  -12.442 3.556   1.000 16.272 ? 70  GLY A C   1 
ATOM   558  O O   . GLY A 1 72  ? 14.366  -11.796 2.904   1.000 17.229 ? 70  GLY A O   1 
ATOM   559  N N   . ALA A 1 73  ? 12.677  -13.326 3.029   1.000 17.165 ? 71  ALA A N   1 
ATOM   560  C CA  . ALA A 1 73  ? 12.712  -13.849 1.645   1.000 17.174 ? 71  ALA A CA  1 
ATOM   561  C C   . ALA A 1 73  ? 11.432  -13.445 0.898   1.000 17.446 ? 71  ALA A C   1 
ATOM   562  O O   . ALA A 1 73  ? 10.333  -13.781 1.375   1.000 16.111 ? 71  ALA A O   1 
ATOM   563  C CB  . ALA A 1 73  ? 12.856  -15.349 1.659   1.000 17.382 ? 71  ALA A CB  1 
ATOM   564  N N   . TRP A 1 74  ? 11.586  -12.835 -0.283  1.000 17.396 ? 72  TRP A N   1 
ATOM   565  C CA  . TRP A 1 74  ? 10.460  -12.484 -1.187  1.000 18.482 ? 72  TRP A CA  1 
ATOM   566  C C   . TRP A 1 74  ? 9.833   -13.776 -1.728  1.000 18.920 ? 72  TRP A C   1 
ATOM   567  O O   . TRP A 1 74  ? 10.574  -14.697 -2.044  1.000 18.869 ? 72  TRP A O   1 
ATOM   568  C CB  . TRP A 1 74  ? 10.928  -11.531 -2.293  1.000 18.685 ? 72  TRP A CB  1 
ATOM   569  C CG  . TRP A 1 74  ? 11.251  -10.155 -1.787  1.000 19.522 ? 72  TRP A CG  1 
ATOM   570  C CD1 . TRP A 1 74  ? 12.489  -9.608  -1.616  1.000 19.790 ? 72  TRP A CD1 1 
ATOM   571  C CD2 . TRP A 1 74  ? 10.313  -9.149  -1.354  1.000 20.317 ? 72  TRP A CD2 1 
ATOM   572  N NE1 . TRP A 1 74  ? 12.388  -8.338  -1.112  1.000 19.578 ? 72  TRP A NE1 1 
ATOM   573  C CE2 . TRP A 1 74  ? 11.066  -8.026  -0.948  1.000 20.421 ? 72  TRP A CE2 1 
ATOM   574  C CE3 . TRP A 1 74  ? 8.915   -9.080  -1.291  1.000 21.116 ? 72  TRP A CE3 1 
ATOM   575  C CZ2 . TRP A 1 74  ? 10.466  -6.850  -0.494  1.000 20.085 ? 72  TRP A CZ2 1 
ATOM   576  C CZ3 . TRP A 1 74  ? 8.325   -7.926  -0.824  1.000 20.794 ? 72  TRP A CZ3 1 
ATOM   577  C CH2 . TRP A 1 74  ? 9.092   -6.829  -0.429  1.000 20.288 ? 72  TRP A CH2 1 
ATOM   578  N N   . LYS A 1 75  ? 8.504   -13.847 -1.757  1.000 19.623 ? 73  LYS A N   1 
ATOM   579  C CA  . LYS A 1 75  ? 7.718   -15.020 -2.216  1.000 20.454 ? 73  LYS A CA  1 
ATOM   580  C C   . LYS A 1 75  ? 7.286   -14.774 -3.670  1.000 20.781 ? 73  LYS A C   1 
ATOM   581  O O   . LYS A 1 75  ? 8.003   -14.033 -4.377  1.000 19.913 ? 73  LYS A O   1 
ATOM   582  C CB  . LYS A 1 75  ? 6.555   -15.239 -1.240  1.000 21.638 ? 73  LYS A CB  1 
ATOM   583  C CG  . LYS A 1 75  ? 6.984   -15.532 0.188   1.000 22.991 ? 73  LYS A CG  1 
ATOM   584  C CD  . LYS A 1 75  ? 7.671   -16.879 0.349   1.000 25.689 ? 73  LYS A CD  1 
ATOM   585  C CE  . LYS A 1 75  ? 9.070   -16.776 0.913   1.000 28.012 ? 73  LYS A CE  1 
ATOM   586  N NZ  . LYS A 1 75  ? 9.562   -18.096 1.370   1.000 30.915 ? 73  LYS A NZ  1 
ATOM   587  N N   . GLN A 1 76  ? 6.161   -15.352 -4.098  1.000 21.414 ? 74  GLN A N   1 
ATOM   588  C CA  . GLN A 1 76  ? 5.703   -15.323 -5.510  1.000 22.972 ? 74  GLN A CA  1 
ATOM   589  C C   . GLN A 1 76  ? 5.232   -13.906 -5.854  1.000 21.226 ? 74  GLN A C   1 
ATOM   590  O O   . GLN A 1 76  ? 4.241   -13.448 -5.270  1.000 18.958 ? 74  GLN A O   1 
ATOM   591  C CB  . GLN A 1 76  ? 4.578   -16.339 -5.716  1.000 26.851 ? 74  GLN A CB  1 
ATOM   592  C CG  . GLN A 1 76  ? 4.064   -16.400 -7.144  1.000 30.231 ? 74  GLN A CG  1 
ATOM   593  C CD  . GLN A 1 76  ? 5.200   -16.441 -8.136  1.000 34.884 ? 74  GLN A CD  1 
ATOM   594  O OE1 . GLN A 1 76  ? 5.264   -15.639 -9.065  1.000 38.349 ? 74  GLN A OE1 1 
ATOM   595  N NE2 . GLN A 1 76  ? 6.133   -17.357 -7.918  1.000 39.480 ? 74  GLN A NE2 1 
ATOM   596  N N   . GLN A 1 77  ? 5.918   -13.248 -6.785  1.000 20.854 ? 75  GLN A N   1 
ATOM   597  C CA  . GLN A 1 77  ? 5.522   -11.918 -7.306  1.000 20.995 ? 75  GLN A CA  1 
ATOM   598  C C   . GLN A 1 77  ? 4.201   -12.044 -8.072  1.000 20.386 ? 75  GLN A C   1 
ATOM   599  O O   . GLN A 1 77  ? 4.082   -12.976 -8.869  1.000 20.103 ? 75  GLN A O   1 
ATOM   600  C CB  . GLN A 1 77  ? 6.602   -11.358 -8.227  1.000 22.538 ? 75  GLN A CB  1 
ATOM   601  C CG  . GLN A 1 77  ? 6.519   -9.850  -8.343  1.000 24.516 ? 75  GLN A CG  1 
ATOM   602  C CD  . GLN A 1 77  ? 7.702   -9.294  -9.086  1.000 26.539 ? 75  GLN A CD  1 
ATOM   603  O OE1 . GLN A 1 77  ? 8.616   -8.743  -8.489  1.000 27.745 ? 75  GLN A OE1 1 
ATOM   604  N NE2 . GLN A 1 77  ? 7.682   -9.447  -10.398 1.000 28.658 ? 75  GLN A NE2 1 
ATOM   605  N N   . VAL A 1 78  ? 3.252   -11.139 -7.827  1.000 19.329 ? 76  VAL A N   1 
ATOM   606  C CA  . VAL A 1 78  ? 2.069   -10.903 -8.701  1.000 20.071 ? 76  VAL A CA  1 
ATOM   607  C C   . VAL A 1 78  ? 2.346   -9.591  -9.435  1.000 20.749 ? 76  VAL A C   1 
ATOM   608  O O   . VAL A 1 78  ? 2.606   -8.582  -8.744  1.000 20.145 ? 76  VAL A O   1 
ATOM   609  C CB  . VAL A 1 78  ? 0.749   -10.857 -7.902  1.000 20.620 ? 76  VAL A CB  1 
ATOM   610  C CG1 . VAL A 1 78  ? -0.431  -10.412 -8.754  1.000 20.499 ? 76  VAL A CG1 1 
ATOM   611  C CG2 . VAL A 1 78  ? 0.419   -12.185 -7.247  1.000 21.067 ? 76  VAL A CG2 1 
ATOM   612  N N   . GLU A 1 79  ? 2.334   -9.607  -10.770 1.000 20.997 ? 77  GLU A N   1 
ATOM   613  C CA  . GLU A 1 79  ? 2.579   -8.394  -11.594 1.000 22.797 ? 77  GLU A CA  1 
ATOM   614  C C   . GLU A 1 79  ? 1.307   -8.037  -12.362 1.000 21.877 ? 77  GLU A C   1 
ATOM   615  O O   . GLU A 1 79  ? 0.774   -8.931  -13.041 1.000 22.818 ? 77  GLU A O   1 
ATOM   616  C CB  . GLU A 1 79  ? 3.740   -8.590  -12.563 1.000 26.409 ? 77  GLU A CB  1 
ATOM   617  C CG  . GLU A 1 79  ? 4.127   -7.297  -13.273 1.000 29.827 ? 77  GLU A CG  1 
ATOM   618  C CD  . GLU A 1 79  ? 5.167   -7.426  -14.371 1.000 32.990 ? 77  GLU A CD  1 
ATOM   619  O OE1 . GLU A 1 79  ? 5.493   -8.565  -14.747 1.000 36.107 ? 77  GLU A OE1 1 
ATOM   620  O OE2 . GLU A 1 79  ? 5.642   -6.377  -14.852 1.000 38.044 ? 77  GLU A OE2 1 
ATOM   621  N N   . SER A 1 80  ? 0.869   -6.778  -12.267 1.000 19.554 ? 78  SER A N   1 
ATOM   622  C CA  . SER A 1 80  ? -0.333  -6.237  -12.959 1.000 19.214 ? 78  SER A CA  1 
ATOM   623  C C   . SER A 1 80  ? 0.069   -5.049  -13.846 1.000 19.322 ? 78  SER A C   1 
ATOM   624  O O   . SER A 1 80  ? 0.882   -4.206  -13.400 1.000 17.409 ? 78  SER A O   1 
ATOM   625  C CB  . SER A 1 80  ? -1.403  -5.854  -11.982 1.000 18.507 ? 78  SER A CB  1 
ATOM   626  O OG  . SER A 1 80  ? -2.453  -5.175  -12.646 1.000 18.380 ? 78  SER A OG  1 
ATOM   627  N N   . LYS A 1 81  ? -0.500  -4.984  -15.048 1.000 19.257 ? 79  LYS A N   1 
ATOM   628  C CA  . LYS A 1 81  ? -0.367  -3.841  -15.984 1.000 21.027 ? 79  LYS A CA  1 
ATOM   629  C C   . LYS A 1 81  ? -1.597  -2.935  -15.846 1.000 20.070 ? 79  LYS A C   1 
ATOM   630  O O   . LYS A 1 81  ? -1.653  -1.930  -16.551 1.000 18.994 ? 79  LYS A O   1 
ATOM   631  C CB  . LYS A 1 81  ? -0.215  -4.341  -17.425 1.000 24.744 ? 79  LYS A CB  1 
ATOM   632  C CG  . LYS A 1 81  ? 0.861   -5.395  -17.653 1.000 27.582 ? 79  LYS A CG  1 
ATOM   633  C CD  . LYS A 1 81  ? 2.251   -4.832  -17.744 1.000 30.391 ? 79  LYS A CD  1 
ATOM   634  C CE  . LYS A 1 81  ? 3.322   -5.906  -17.740 1.000 32.821 ? 79  LYS A CE  1 
ATOM   635  N NZ  . LYS A 1 81  ? 4.542   -5.436  -17.040 1.000 34.567 ? 79  LYS A NZ  1 
ATOM   636  N N   . ASN A 1 82  ? -2.538  -3.256  -14.951 1.000 18.914 ? 80  ASN A N   1 
ATOM   637  C CA  . ASN A 1 82  ? -3.677  -2.363  -14.618 1.000 18.022 ? 80  ASN A CA  1 
ATOM   638  C C   . ASN A 1 82  ? -3.152  -1.037  -14.048 1.000 17.667 ? 80  ASN A C   1 
ATOM   639  O O   . ASN A 1 82  ? -2.383  -1.071  -13.077 1.000 17.017 ? 80  ASN A O   1 
ATOM   640  C CB  . ASN A 1 82  ? -4.654  -3.018  -13.641 1.000 17.289 ? 80  ASN A CB  1 
ATOM   641  C CG  . ASN A 1 82  ? -5.968  -2.274  -13.552 1.000 17.188 ? 80  ASN A CG  1 
ATOM   642  O OD1 . ASN A 1 82  ? -6.364  -1.582  -14.492 1.000 16.103 ? 80  ASN A OD1 1 
ATOM   643  N ND2 . ASN A 1 82  ? -6.642  -2.400  -12.424 1.000 15.768 ? 80  ASN A ND2 1 
ATOM   644  N N   . MET A 1 83  ? -3.551  0.089   -14.638 1.000 17.945 ? 81  MET A N   1 
ATOM   645  C CA  . MET A 1 83  ? -2.929  1.409   -14.350 1.000 19.368 ? 81  MET A CA  1 
ATOM   646  C C   . MET A 1 83  ? -4.014  2.480   -14.277 1.000 19.914 ? 81  MET A C   1 
ATOM   647  O O   . MET A 1 83  ? -4.152  3.309   -15.174 1.000 20.204 ? 81  MET A O   1 
ATOM   648  C CB  . MET A 1 83  ? -1.882  1.770   -15.412 1.000 19.164 ? 81  MET A CB  1 
ATOM   649  C CG  . MET A 1 83  ? -1.021  2.974   -15.034 1.000 19.241 ? 81  MET A CG  1 
ATOM   650  S SD  . MET A 1 83  ? -0.368  2.914   -13.343 1.000 19.235 ? 81  MET A SD  1 
ATOM   651  C CE  . MET A 1 83  ? 0.463   1.325   -13.362 1.000 18.618 ? 81  MET A CE  1 
ATOM   652  N N   . PRO A 1 84  ? -4.837  2.482   -13.209 1.000 19.751 ? 82  PRO A N   1 
ATOM   653  C CA  . PRO A 1 84  ? -5.864  3.506   -13.035 1.000 19.699 ? 82  PRO A CA  1 
ATOM   654  C C   . PRO A 1 84  ? -5.313  4.876   -12.611 1.000 18.874 ? 82  PRO A C   1 
ATOM   655  O O   . PRO A 1 84  ? -6.055  5.825   -12.654 1.000 19.494 ? 82  PRO A O   1 
ATOM   656  C CB  . PRO A 1 84  ? -6.759  2.925   -11.926 1.000 19.564 ? 82  PRO A CB  1 
ATOM   657  C CG  . PRO A 1 84  ? -5.834  2.041   -11.132 1.000 20.016 ? 82  PRO A CG  1 
ATOM   658  C CD  . PRO A 1 84  ? -4.886  1.455   -12.157 1.000 20.309 ? 82  PRO A CD  1 
ATOM   659  N N   . PHE A 1 85  ? -4.062  4.933   -12.160 1.000 17.693 ? 83  PHE A N   1 
ATOM   660  C CA  . PHE A 1 85  ? -3.388  6.188   -11.752 1.000 17.696 ? 83  PHE A CA  1 
ATOM   661  C C   . PHE A 1 85  ? -3.250  7.083   -12.989 1.000 18.470 ? 83  PHE A C   1 
ATOM   662  O O   . PHE A 1 85  ? -2.855  6.572   -14.052 1.000 17.934 ? 83  PHE A O   1 
ATOM   663  C CB  . PHE A 1 85  ? -2.030  5.892   -11.115 1.000 16.643 ? 83  PHE A CB  1 
ATOM   664  C CG  . PHE A 1 85  ? -2.112  5.037   -9.882  1.000 15.844 ? 83  PHE A CG  1 
ATOM   665  C CD1 . PHE A 1 85  ? -2.473  5.589   -8.670  1.000 15.642 ? 83  PHE A CD1 1 
ATOM   666  C CD2 . PHE A 1 85  ? -1.863  3.675   -9.943  1.000 16.199 ? 83  PHE A CD2 1 
ATOM   667  C CE1 . PHE A 1 85  ? -2.543  4.801   -7.534  1.000 16.201 ? 83  PHE A CE1 1 
ATOM   668  C CE2 . PHE A 1 85  ? -1.946  2.886   -8.808  1.000 15.737 ? 83  PHE A CE2 1 
ATOM   669  C CZ  . PHE A 1 85  ? -2.291  3.449   -7.608  1.000 15.671 ? 83  PHE A CZ  1 
ATOM   670  N N   . GLN A 1 86  ? -3.572  8.369   -12.838 1.000 19.115 ? 84  GLN A N   1 
ATOM   671  C CA  . GLN A 1 86  ? -3.556  9.377   -13.928 1.000 20.663 ? 84  GLN A CA  1 
ATOM   672  C C   . GLN A 1 86  ? -2.297  10.243  -13.789 1.000 20.791 ? 84  GLN A C   1 
ATOM   673  O O   . GLN A 1 86  ? -1.974  10.654  -12.650 1.000 19.311 ? 84  GLN A O   1 
ATOM   674  C CB  . GLN A 1 86  ? -4.835  10.215  -13.856 1.000 22.369 ? 84  GLN A CB  1 
ATOM   675  C CG  . GLN A 1 86  ? -6.113  9.400   -14.004 1.000 24.290 ? 84  GLN A CG  1 
ATOM   676  C CD  . GLN A 1 86  ? -6.179  8.665   -15.321 1.000 26.205 ? 84  GLN A CD  1 
ATOM   677  O OE1 . GLN A 1 86  ? -6.226  9.279   -16.384 1.000 31.403 ? 84  GLN A OE1 1 
ATOM   678  N NE2 . GLN A 1 86  ? -6.157  7.341   -15.271 1.000 26.280 ? 84  GLN A NE2 1 
ATOM   679  N N   . ASP A 1 87  ? -1.616  10.508  -14.909 1.000 20.314 ? 85  ASP A N   1 
ATOM   680  C CA  . ASP A 1 87  ? -0.391  11.351  -14.967 1.000 21.000 ? 85  ASP A CA  1 
ATOM   681  C C   . ASP A 1 87  ? -0.690  12.724  -14.336 1.000 21.092 ? 85  ASP A C   1 
ATOM   682  O O   . ASP A 1 87  ? -1.690  13.374  -14.748 1.000 19.999 ? 85  ASP A O   1 
ATOM   683  C CB  . ASP A 1 87  ? 0.115   11.456  -16.405 1.000 21.290 ? 85  ASP A CB  1 
ATOM   684  C CG  . ASP A 1 87  ? 1.554   11.931  -16.531 1.000 22.421 ? 85  ASP A CG  1 
ATOM   685  O OD1 . ASP A 1 87  ? 2.199   12.195  -15.492 1.000 22.806 ? 85  ASP A OD1 1 
ATOM   686  O OD2 . ASP A 1 87  ? 2.018   12.031  -17.670 1.000 23.031 ? 85  ASP A OD2 1 
ATOM   687  N N   . GLY A 1 88  ? 0.111   13.117  -13.337 1.000 21.395 ? 86  GLY A N   1 
ATOM   688  C CA  . GLY A 1 88  ? 0.078   14.452  -12.708 1.000 21.967 ? 86  GLY A CA  1 
ATOM   689  C C   . GLY A 1 88  ? -1.079  14.644  -11.743 1.000 23.279 ? 86  GLY A C   1 
ATOM   690  O O   . GLY A 1 88  ? -1.253  15.773  -11.270 1.000 23.456 ? 86  GLY A O   1 
ATOM   691  N N   . GLN A 1 89  ? -1.850  13.604  -11.422 1.000 23.907 ? 87  GLN A N   1 
ATOM   692  C CA  . GLN A 1 89  ? -3.071  13.763  -10.596 1.000 25.114 ? 87  GLN A CA  1 
ATOM   693  C C   . GLN A 1 89  ? -2.783  13.297  -9.169  1.000 24.053 ? 87  GLN A C   1 
ATOM   694  O O   . GLN A 1 89  ? -1.965  12.382  -8.972  1.000 22.681 ? 87  GLN A O   1 
ATOM   695  C CB  . GLN A 1 89  ? -4.266  13.022  -11.193 1.000 26.787 ? 87  GLN A CB  1 
ATOM   696  C CG  . GLN A 1 89  ? -4.572  13.421  -12.629 1.000 29.175 ? 87  GLN A CG  1 
ATOM   697  C CD  . GLN A 1 89  ? -5.186  14.792  -12.779 1.000 33.606 ? 87  GLN A CD  1 
ATOM   698  O OE1 . GLN A 1 89  ? -4.941  15.715  -12.000 1.000 34.909 ? 87  GLN A OE1 1 
ATOM   699  N NE2 . GLN A 1 89  ? -6.002  14.933  -13.813 1.000 36.677 ? 87  GLN A NE2 1 
ATOM   700  N N   . GLU A 1 90  ? -3.468  13.921  -8.218  1.000 24.561 ? 88  GLU A N   1 
ATOM   701  C CA  . GLU A 1 90  ? -3.737  13.358  -6.873  1.000 25.383 ? 88  GLU A CA  1 
ATOM   702  C C   . GLU A 1 90  ? -4.390  11.986  -7.051  1.000 22.869 ? 88  GLU A C   1 
ATOM   703  O O   . GLU A 1 90  ? -5.204  11.833  -7.970  1.000 22.197 ? 88  GLU A O   1 
ATOM   704  C CB  . GLU A 1 90  ? -4.615  14.316  -6.073  1.000 28.450 ? 88  GLU A CB  1 
ATOM   705  C CG  . GLU A 1 90  ? -4.648  13.991  -4.598  1.000 31.236 ? 88  GLU A CG  1 
ATOM   706  C CD  . GLU A 1 90  ? -5.199  15.123  -3.755  1.000 34.764 ? 88  GLU A CD  1 
ATOM   707  O OE1 . GLU A 1 90  ? -6.418  15.373  -3.852  1.000 38.564 ? 88  GLU A OE1 1 
ATOM   708  O OE2 . GLU A 1 90  ? -4.407  15.766  -3.031  1.000 36.043 ? 88  GLU A OE2 1 
ATOM   709  N N   . PHE A 1 91  ? -4.004  11.014  -6.226  1.000 20.937 ? 89  PHE A N   1 
ATOM   710  C CA  . PHE A 1 91  ? -4.736  9.730   -6.087  1.000 19.691 ? 89  PHE A CA  1 
ATOM   711  C C   . PHE A 1 91  ? -5.276  9.604   -4.659  1.000 19.886 ? 89  PHE A C   1 
ATOM   712  O O   . PHE A 1 91  ? -4.698  10.187  -3.715  1.000 18.094 ? 89  PHE A O   1 
ATOM   713  C CB  . PHE A 1 91  ? -3.863  8.545   -6.501  1.000 18.804 ? 89  PHE A CB  1 
ATOM   714  C CG  . PHE A 1 91  ? -2.574  8.425   -5.741  1.000 17.488 ? 89  PHE A CG  1 
ATOM   715  C CD1 . PHE A 1 91  ? -2.546  7.838   -4.486  1.000 17.071 ? 89  PHE A CD1 1 
ATOM   716  C CD2 . PHE A 1 91  ? -1.391  8.909   -6.279  1.000 17.317 ? 89  PHE A CD2 1 
ATOM   717  C CE1 . PHE A 1 91  ? -1.360  7.741   -3.780  1.000 17.117 ? 89  PHE A CE1 1 
ATOM   718  C CE2 . PHE A 1 91  ? -0.203  8.801   -5.575  1.000 17.707 ? 89  PHE A CE2 1 
ATOM   719  C CZ  . PHE A 1 91  ? -0.190  8.219   -4.326  1.000 17.891 ? 89  PHE A CZ  1 
ATOM   720  N N   . GLU A 1 92  ? -6.388  8.877   -4.540  1.000 21.196 ? 90  GLU A N   1 
ATOM   721  C CA  . GLU A 1 92  ? -6.867  8.265   -3.284  1.000 22.837 ? 90  GLU A CA  1 
ATOM   722  C C   . GLU A 1 92  ? -6.811  6.743   -3.414  1.000 21.731 ? 90  GLU A C   1 
ATOM   723  O O   . GLU A 1 92  ? -7.478  6.186   -4.303  1.000 21.747 ? 90  GLU A O   1 
ATOM   724  C CB  . GLU A 1 92  ? -8.282  8.713   -2.956  1.000 24.929 ? 90  GLU A CB  1 
ATOM   725  C CG  . GLU A 1 92  ? -8.742  8.178   -1.612  1.000 28.033 ? 90  GLU A CG  1 
ATOM   726  C CD  . GLU A 1 92  ? -9.912  8.930   -1.018  1.000 31.472 ? 90  GLU A CD  1 
ATOM   727  O OE1 . GLU A 1 92  ? -10.395 9.888   -1.668  1.000 35.862 ? 90  GLU A OE1 1 
ATOM   728  O OE2 . GLU A 1 92  ? -10.326 8.562   0.090   1.000 34.048 ? 90  GLU A OE2 1 
ATOM   729  N N   . LEU A 1 93  ? -6.041  6.122   -2.532  1.000 20.747 ? 91  LEU A N   1 
ATOM   730  C CA  . LEU A 1 93  ? -5.828  4.662   -2.454  1.000 21.563 ? 91  LEU A CA  1 
ATOM   731  C C   . LEU A 1 93  ? -6.537  4.193   -1.185  1.000 21.983 ? 91  LEU A C   1 
ATOM   732  O O   . LEU A 1 93  ? -6.322  4.811   -0.121  1.000 21.770 ? 91  LEU A O   1 
ATOM   733  C CB  . LEU A 1 93  ? -4.316  4.431   -2.416  1.000 23.385 ? 91  LEU A CB  1 
ATOM   734  C CG  . LEU A 1 93  ? -3.844  2.997   -2.621  1.000 25.283 ? 91  LEU A CG  1 
ATOM   735  C CD1 . LEU A 1 93  ? -4.112  2.538   -4.048  1.000 27.386 ? 91  LEU A CD1 1 
ATOM   736  C CD2 . LEU A 1 93  ? -2.366  2.881   -2.301  1.000 25.934 ? 91  LEU A CD2 1 
ATOM   737  N N   . SER A 1 94  ? -7.417  3.203   -1.286  1.000 21.970 ? 92  SER A N   1 
ATOM   738  C CA  . SER A 1 94  ? -8.029  2.569   -0.092  1.000 22.996 ? 92  SER A CA  1 
ATOM   739  C C   . SER A 1 94  ? -7.828  1.059   -0.176  1.000 21.631 ? 92  SER A C   1 
ATOM   740  O O   . SER A 1 94  ? -8.188  0.463   -1.220  1.000 20.579 ? 92  SER A O   1 
ATOM   741  C CB  . SER A 1 94  ? -9.466  2.983   0.108   1.000 24.749 ? 92  SER A CB  1 
ATOM   742  O OG  . SER A 1 94  ? -10.338 2.207   -0.677  1.000 29.375 ? 92  SER A OG  1 
ATOM   743  N N   . ILE A 1 95  ? -7.192  0.508   0.859   1.000 19.011 ? 93  ILE A N   1 
ATOM   744  C CA  . ILE A 1 95  ? -6.845  -0.930  0.985   1.000 18.634 ? 93  ILE A CA  1 
ATOM   745  C C   . ILE A 1 95  ? -7.732  -1.515  2.089   1.000 18.576 ? 93  ILE A C   1 
ATOM   746  O O   . ILE A 1 95  ? -7.534  -1.136  3.268   1.000 18.338 ? 93  ILE A O   1 
ATOM   747  C CB  . ILE A 1 95  ? -5.344  -1.092  1.275   1.000 18.445 ? 93  ILE A CB  1 
ATOM   748  C CG1 . ILE A 1 95  ? -4.478  -0.423  0.204   1.000 18.683 ? 93  ILE A CG1 1 
ATOM   749  C CG2 . ILE A 1 95  ? -4.987  -2.559  1.448   1.000 18.402 ? 93  ILE A CG2 1 
ATOM   750  C CD1 . ILE A 1 95  ? -3.096  -0.066  0.684   1.000 18.869 ? 93  ILE A CD1 1 
ATOM   751  N N   . SER A 1 96  ? -8.692  -2.367  1.716   1.000 18.269 ? 94  SER A N   1 
ATOM   752  C CA  . SER A 1 96  ? -9.641  -3.027  2.646   1.000 18.692 ? 94  SER A CA  1 
ATOM   753  C C   . SER A 1 96  ? -9.113  -4.415  2.992   1.000 17.750 ? 94  SER A C   1 
ATOM   754  O O   . SER A 1 96  ? -8.678  -5.132  2.066   1.000 17.484 ? 94  SER A O   1 
ATOM   755  C CB  . SER A 1 96  ? -11.017 -3.106  2.063   1.000 19.922 ? 94  SER A CB  1 
ATOM   756  O OG  . SER A 1 96  ? -11.554 -1.800  1.967   1.000 23.503 ? 94  SER A OG  1 
ATOM   757  N N   . VAL A 1 97  ? -9.192  -4.785  4.268   1.000 16.980 ? 95  VAL A N   1 
ATOM   758  C CA  . VAL A 1 97  ? -8.924  -6.173  4.735   1.000 17.058 ? 95  VAL A CA  1 
ATOM   759  C C   . VAL A 1 97  ? -10.254 -6.938  4.667   1.000 17.551 ? 95  VAL A C   1 
ATOM   760  O O   . VAL A 1 97  ? -11.113 -6.737  5.549   1.000 16.870 ? 95  VAL A O   1 
ATOM   761  C CB  . VAL A 1 97  ? -8.271  -6.165  6.128   1.000 17.107 ? 95  VAL A CB  1 
ATOM   762  C CG1 . VAL A 1 97  ? -7.773  -7.543  6.524   1.000 17.619 ? 95  VAL A CG1 1 
ATOM   763  C CG2 . VAL A 1 97  ? -7.136  -5.150  6.200   1.000 17.348 ? 95  VAL A CG2 1 
ATOM   764  N N   . LEU A 1 98  ? -10.451 -7.715  3.599   1.000 17.523 ? 96  LEU A N   1 
ATOM   765  C CA  . LEU A 1 98  ? -11.567 -8.690  3.494   1.000 17.743 ? 96  LEU A CA  1 
ATOM   766  C C   . LEU A 1 98  ? -11.110 -10.001 4.122   1.000 18.917 ? 96  LEU A C   1 
ATOM   767  O O   . LEU A 1 98  ? -9.914  -10.207 4.314   1.000 19.093 ? 96  LEU A O   1 
ATOM   768  C CB  . LEU A 1 98  ? -11.962 -8.892  2.029   1.000 18.450 ? 96  LEU A CB  1 
ATOM   769  C CG  . LEU A 1 98  ? -12.141 -7.633  1.184   1.000 18.779 ? 96  LEU A CG  1 
ATOM   770  C CD1 . LEU A 1 98  ? -12.669 -8.002  -0.197  1.000 18.977 ? 96  LEU A CD1 1 
ATOM   771  C CD2 . LEU A 1 98  ? -13.047 -6.628  1.888   1.000 19.771 ? 96  LEU A CD2 1 
ATOM   772  N N   . PRO A 1 99  ? -12.033 -10.942 4.429   1.000 20.012 ? 97  PRO A N   1 
ATOM   773  C CA  . PRO A 1 99  ? -11.650 -12.191 5.084   1.000 20.310 ? 97  PRO A CA  1 
ATOM   774  C C   . PRO A 1 99  ? -10.600 -12.990 4.297   1.000 19.122 ? 97  PRO A C   1 
ATOM   775  O O   . PRO A 1 99  ? -9.792  -13.614 4.922   1.000 18.167 ? 97  PRO A O   1 
ATOM   776  C CB  . PRO A 1 99  ? -12.979 -12.963 5.206   1.000 20.552 ? 97  PRO A CB  1 
ATOM   777  C CG  . PRO A 1 99  ? -14.048 -11.892 5.147   1.000 20.230 ? 97  PRO A CG  1 
ATOM   778  C CD  . PRO A 1 99  ? -13.489 -10.849 4.206   1.000 20.038 ? 97  PRO A CD  1 
ATOM   779  N N   . ASP A 1 100 ? -10.621 -12.939 2.965   1.000 19.707 ? 98  ASP A N   1 
ATOM   780  C CA  . ASP A 1 100 ? -9.759  -13.806 2.114   1.000 21.584 ? 98  ASP A CA  1 
ATOM   781  C C   . ASP A 1 100 ? -8.595  -13.002 1.523   1.000 18.749 ? 98  ASP A C   1 
ATOM   782  O O   . ASP A 1 100 ? -7.628  -13.639 1.084   1.000 17.679 ? 98  ASP A O   1 
ATOM   783  C CB  . ASP A 1 100 ? -10.572 -14.510 1.020   1.000 25.647 ? 98  ASP A CB  1 
ATOM   784  C CG  . ASP A 1 100 ? -11.162 -15.846 1.450   1.000 31.861 ? 98  ASP A CG  1 
ATOM   785  O OD1 . ASP A 1 100 ? -11.243 -16.092 2.683   1.000 33.446 ? 98  ASP A OD1 1 
ATOM   786  O OD2 . ASP A 1 100 ? -11.537 -16.650 0.544   1.000 38.379 ? 98  ASP A OD2 1 
ATOM   787  N N   . LYS A 1 101 ? -8.666  -11.671 1.488   1.000 16.359 ? 99  LYS A N   1 
ATOM   788  C CA  . LYS A 1 101 ? -7.707  -10.875 0.678   1.000 15.670 ? 99  LYS A CA  1 
ATOM   789  C C   . LYS A 1 101 ? -7.703  -9.415  1.113   1.000 14.510 ? 99  LYS A C   1 
ATOM   790  O O   . LYS A 1 101 ? -8.663  -8.981  1.774   1.000 13.397 ? 99  LYS A O   1 
ATOM   791  C CB  . LYS A 1 101 ? -8.072  -10.981 -0.807  1.000 16.661 ? 99  LYS A CB  1 
ATOM   792  C CG  . LYS A 1 101 ? -9.275  -10.165 -1.249  1.000 17.388 ? 99  LYS A CG  1 
ATOM   793  C CD  . LYS A 1 101 ? -9.948  -10.708 -2.497  1.000 18.782 ? 99  LYS A CD  1 
ATOM   794  C CE  . LYS A 1 101 ? -11.263 -11.377 -2.180  1.000 20.887 ? 99  LYS A CE  1 
ATOM   795  N NZ  . LYS A 1 101 ? -11.784 -12.157 -3.328  1.000 21.537 ? 99  LYS A NZ  1 
ATOM   796  N N   . TYR A 1 102 ? -6.677  -8.686  0.673   1.000 13.620 ? 100 TYR A N   1 
ATOM   797  C CA  . TYR A 1 102 ? -6.670  -7.212  0.544   1.000 13.336 ? 100 TYR A CA  1 
ATOM   798  C C   . TYR A 1 102 ? -7.327  -6.817  -0.775  1.000 13.380 ? 100 TYR A C   1 
ATOM   799  O O   . TYR A 1 102 ? -7.027  -7.446  -1.801  1.000 13.129 ? 100 TYR A O   1 
ATOM   800  C CB  . TYR A 1 102 ? -5.243  -6.676  0.613   1.000 13.128 ? 100 TYR A CB  1 
ATOM   801  C CG  . TYR A 1 102 ? -4.559  -7.002  1.910   1.000 12.710 ? 100 TYR A CG  1 
ATOM   802  C CD1 . TYR A 1 102 ? -4.894  -6.316  3.063   1.000 12.946 ? 100 TYR A CD1 1 
ATOM   803  C CD2 . TYR A 1 102 ? -3.554  -7.952  1.973   1.000 13.113 ? 100 TYR A CD2 1 
ATOM   804  C CE1 . TYR A 1 102 ? -4.267  -6.587  4.263   1.000 12.954 ? 100 TYR A CE1 1 
ATOM   805  C CE2 . TYR A 1 102 ? -2.929  -8.256  3.170   1.000 13.522 ? 100 TYR A CE2 1 
ATOM   806  C CZ  . TYR A 1 102 ? -3.295  -7.568  4.318   1.000 13.185 ? 100 TYR A CZ  1 
ATOM   807  O OH  . TYR A 1 102 ? -2.698  -7.820  5.508   1.000 14.546 ? 100 TYR A OH  1 
ATOM   808  N N   . GLN A 1 103 ? -8.180  -5.787  -0.744  1.000 13.025 ? 101 GLN A N   1 
ATOM   809  C CA  . GLN A 1 103 ? -8.752  -5.175  -1.966  1.000 13.541 ? 101 GLN A CA  1 
ATOM   810  C C   . GLN A 1 103 ? -8.264  -3.731  -2.035  1.000 13.929 ? 101 GLN A C   1 
ATOM   811  O O   . GLN A 1 103 ? -8.416  -2.984  -1.042  1.000 13.825 ? 101 GLN A O   1 
ATOM   812  C CB  . GLN A 1 103 ? -10.273 -5.264  -1.972  1.000 13.717 ? 101 GLN A CB  1 
ATOM   813  C CG  . GLN A 1 103 ? -10.906 -4.440  -3.083  1.000 13.804 ? 101 GLN A CG  1 
ATOM   814  C CD  . GLN A 1 103 ? -12.365 -4.785  -3.241  1.000 13.881 ? 101 GLN A CD  1 
ATOM   815  O OE1 . GLN A 1 103 ? -13.110 -4.790  -2.268  1.000 14.442 ? 101 GLN A OE1 1 
ATOM   816  N NE2 . GLN A 1 103 ? -12.776 -5.093  -4.462  1.000 13.915 ? 101 GLN A NE2 1 
ATOM   817  N N   . VAL A 1 104 ? -7.648  -3.381  -3.157  1.000 14.654 ? 102 VAL A N   1 
ATOM   818  C CA  . VAL A 1 104 ? -7.068  -2.036  -3.404  1.000 14.151 ? 102 VAL A CA  1 
ATOM   819  C C   . VAL A 1 104 ? -8.032  -1.280  -4.319  1.000 14.431 ? 102 VAL A C   1 
ATOM   820  O O   . VAL A 1 104 ? -8.250  -1.729  -5.467  1.000 13.798 ? 102 VAL A O   1 
ATOM   821  C CB  . VAL A 1 104 ? -5.668  -2.154  -4.019  1.000 14.907 ? 102 VAL A CB  1 
ATOM   822  C CG1 . VAL A 1 104 ? -5.080  -0.784  -4.279  1.000 15.071 ? 102 VAL A CG1 1 
ATOM   823  C CG2 . VAL A 1 104 ? -4.748  -2.989  -3.139  1.000 15.178 ? 102 VAL A CG2 1 
ATOM   824  N N   . MET A 1 105 ? -8.582  -0.183  -3.809  1.000 14.487 ? 103 MET A N   1 
ATOM   825  C CA  . MET A 1 105 ? -9.419  0.779   -4.564  1.000 15.183 ? 103 MET A CA  1 
ATOM   826  C C   . MET A 1 105 ? -8.541  1.978   -4.938  1.000 15.190 ? 103 MET A C   1 
ATOM   827  O O   . MET A 1 105 ? -7.826  2.494   -4.055  1.000 15.388 ? 103 MET A O   1 
ATOM   828  C CB  . MET A 1 105 ? -10.612 1.251   -3.726  1.000 16.196 ? 103 MET A CB  1 
ATOM   829  C CG  . MET A 1 105 ? -11.387 0.124   -3.030  1.000 17.427 ? 103 MET A CG  1 
ATOM   830  S SD  . MET A 1 105 ? -12.288 -0.971  -4.191  1.000 18.699 ? 103 MET A SD  1 
ATOM   831  C CE  . MET A 1 105 ? -13.695 0.073   -4.576  1.000 18.944 ? 103 MET A CE  1 
ATOM   832  N N   . VAL A 1 106 ? -8.554  2.381   -6.207  1.000 14.855 ? 104 VAL A N   1 
ATOM   833  C CA  . VAL A 1 106 ? -7.827  3.585   -6.693  1.000 15.564 ? 104 VAL A CA  1 
ATOM   834  C C   . VAL A 1 106 ? -8.879  4.570   -7.183  1.000 15.990 ? 104 VAL A C   1 
ATOM   835  O O   . VAL A 1 106 ? -9.597  4.232   -8.146  1.000 15.502 ? 104 VAL A O   1 
ATOM   836  C CB  . VAL A 1 106 ? -6.801  3.236   -7.784  1.000 15.752 ? 104 VAL A CB  1 
ATOM   837  C CG1 . VAL A 1 106 ? -6.003  4.473   -8.207  1.000 16.795 ? 104 VAL A CG1 1 
ATOM   838  C CG2 . VAL A 1 106 ? -5.867  2.133   -7.323  1.000 15.876 ? 104 VAL A CG2 1 
ATOM   839  N N   . ASN A 1 107 ? -9.013  5.706   -6.498  1.000 16.709 ? 105 ASN A N   1 
ATOM   840  C CA  . ASN A 1 107 ? -9.983  6.768   -6.862  1.000 17.781 ? 105 ASN A CA  1 
ATOM   841  C C   . ASN A 1 107 ? -11.388 6.152   -6.941  1.000 18.952 ? 105 ASN A C   1 
ATOM   842  O O   . ASN A 1 107 ? -12.163 6.532   -7.845  1.000 19.745 ? 105 ASN A O   1 
ATOM   843  C CB  . ASN A 1 107 ? -9.552  7.460   -8.158  1.000 18.344 ? 105 ASN A CB  1 
ATOM   844  C CG  . ASN A 1 107 ? -8.171  8.083   -8.082  1.000 18.686 ? 105 ASN A CG  1 
ATOM   845  O OD1 . ASN A 1 107 ? -7.775  8.621   -7.042  1.000 18.254 ? 105 ASN A OD1 1 
ATOM   846  N ND2 . ASN A 1 107 ? -7.436  8.032   -9.183  1.000 18.570 ? 105 ASN A ND2 1 
ATOM   847  N N   . GLY A 1 108 ? -11.698 5.231   -6.020  1.000 19.427 ? 106 GLY A N   1 
ATOM   848  C CA  . GLY A 1 108 ? -13.037 4.635   -5.866  1.000 20.348 ? 106 GLY A CA  1 
ATOM   849  C C   . GLY A 1 108 ? -13.258 3.419   -6.755  1.000 19.402 ? 106 GLY A C   1 
ATOM   850  O O   . GLY A 1 108 ? -14.347 2.861   -6.667  1.000 19.525 ? 106 GLY A O   1 
ATOM   851  N N   . GLN A 1 109 ? -12.267 2.996   -7.548  1.000 18.939 ? 107 GLN A N   1 
ATOM   852  C CA  . GLN A 1 109 ? -12.379 1.860   -8.502  1.000 19.258 ? 107 GLN A CA  1 
ATOM   853  C C   . GLN A 1 109 ? -11.588 0.668   -7.945  1.000 17.613 ? 107 GLN A C   1 
ATOM   854  O O   . GLN A 1 109 ? -10.388 0.841   -7.654  1.000 15.775 ? 107 GLN A O   1 
ATOM   855  C CB  . GLN A 1 109 ? -11.846 2.292   -9.869  1.000 21.016 ? 107 GLN A CB  1 
ATOM   856  C CG  . GLN A 1 109 ? -11.918 1.206   -10.927 1.000 23.364 ? 107 GLN A CG  1 
ATOM   857  C CD  . GLN A 1 109 ? -11.333 1.594   -12.267 1.000 25.447 ? 107 GLN A CD  1 
ATOM   858  O OE1 . GLN A 1 109 ? -11.404 0.833   -13.227 1.000 30.092 ? 107 GLN A OE1 1 
ATOM   859  N NE2 . GLN A 1 109 ? -10.771 2.785   -12.355 1.000 24.844 ? 107 GLN A NE2 1 
ATOM   860  N N   . SER A 1 110 ? -12.221 -0.504  -7.819  1.000 16.010 ? 108 SER A N   1 
ATOM   861  C CA  . SER A 1 110 ? -11.516 -1.773  -7.510  1.000 14.961 ? 108 SER A CA  1 
ATOM   862  C C   . SER A 1 110 ? -10.485 -2.048  -8.607  1.000 14.475 ? 108 SER A C   1 
ATOM   863  O O   . SER A 1 110 ? -10.848 -2.031  -9.823  1.000 13.134 ? 108 SER A O   1 
ATOM   864  C CB  . SER A 1 110 ? -12.445 -2.938  -7.323  1.000 15.595 ? 108 SER A CB  1 
ATOM   865  O OG  . SER A 1 110 ? -11.695 -4.108  -7.020  1.000 15.451 ? 108 SER A OG  1 
ATOM   866  N N   . SER A 1 111 ? -9.237  -2.244  -8.191  1.000 13.855 ? 109 SER A N   1 
ATOM   867  C CA  . SER A 1 111 ? -8.061  -2.180  -9.089  1.000 14.075 ? 109 SER A CA  1 
ATOM   868  C C   . SER A 1 111 ? -7.123  -3.371  -8.891  1.000 13.463 ? 109 SER A C   1 
ATOM   869  O O   . SER A 1 111 ? -6.521  -3.773  -9.903  1.000 14.006 ? 109 SER A O   1 
ATOM   870  C CB  . SER A 1 111 ? -7.373  -0.866  -8.940  1.000 14.459 ? 109 SER A CB  1 
ATOM   871  O OG  . SER A 1 111 ? -8.245  0.185   -9.355  1.000 15.264 ? 109 SER A OG  1 
ATOM   872  N N   . TYR A 1 112 ? -6.952  -3.878  -7.662  1.000 12.836 ? 110 TYR A N   1 
ATOM   873  C CA  . TYR A 1 112 ? -6.067  -5.036  -7.348  1.000 13.258 ? 110 TYR A CA  1 
ATOM   874  C C   . TYR A 1 112 ? -6.643  -5.789  -6.147  1.000 12.957 ? 110 TYR A C   1 
ATOM   875  O O   . TYR A 1 112 ? -7.186  -5.156  -5.227  1.000 12.321 ? 110 TYR A O   1 
ATOM   876  C CB  . TYR A 1 112 ? -4.626  -4.588  -7.059  1.000 13.065 ? 110 TYR A CB  1 
ATOM   877  C CG  . TYR A 1 112 ? -4.098  -3.514  -7.977  1.000 13.414 ? 110 TYR A CG  1 
ATOM   878  C CD1 . TYR A 1 112 ? -4.296  -2.175  -7.688  1.000 13.696 ? 110 TYR A CD1 1 
ATOM   879  C CD2 . TYR A 1 112 ? -3.467  -3.831  -9.173  1.000 13.626 ? 110 TYR A CD2 1 
ATOM   880  C CE1 . TYR A 1 112 ? -3.854  -1.176  -8.540  1.000 13.913 ? 110 TYR A CE1 1 
ATOM   881  C CE2 . TYR A 1 112 ? -3.026  -2.845  -10.043 1.000 13.565 ? 110 TYR A CE2 1 
ATOM   882  C CZ  . TYR A 1 112 ? -3.216  -1.513  -9.720  1.000 13.636 ? 110 TYR A CZ  1 
ATOM   883  O OH  . TYR A 1 112 ? -2.800  -0.527  -10.558 1.000 14.003 ? 110 TYR A OH  1 
ATOM   884  N N   . THR A 1 113 ? -6.524  -7.110  -6.130  1.000 13.750 ? 111 THR A N   1 
ATOM   885  C CA  . THR A 1 113 ? -6.690  -7.867  -4.866  1.000 13.821 ? 111 THR A CA  1 
ATOM   886  C C   . THR A 1 113 ? -5.488  -8.784  -4.657  1.000 13.776 ? 111 THR A C   1 
ATOM   887  O O   . THR A 1 113 ? -4.765  -9.063  -5.615  1.000 13.859 ? 111 THR A O   1 
ATOM   888  C CB  . THR A 1 113 ? -8.042  -8.584  -4.760  1.000 13.852 ? 111 THR A CB  1 
ATOM   889  O OG1 . THR A 1 113 ? -8.011  -9.728  -5.614  1.000 14.619 ? 111 THR A OG1 1 
ATOM   890  C CG2 . THR A 1 113 ? -9.221  -7.694  -5.090  1.000 14.251 ? 111 THR A CG2 1 
ATOM   891  N N   . PHE A 1 114 ? -5.272  -9.168  -3.404  1.000 13.537 ? 112 PHE A N   1 
ATOM   892  C CA  . PHE A 1 114 ? -4.105  -9.964  -2.962  1.000 14.095 ? 112 PHE A CA  1 
ATOM   893  C C   . PHE A 1 114 ? -4.564  -10.833 -1.796  1.000 14.133 ? 112 PHE A C   1 
ATOM   894  O O   . PHE A 1 114 ? -4.838  -10.290 -0.709  1.000 13.565 ? 112 PHE A O   1 
ATOM   895  C CB  . PHE A 1 114 ? -2.941  -9.054  -2.576  1.000 13.855 ? 112 PHE A CB  1 
ATOM   896  C CG  . PHE A 1 114 ? -1.662  -9.778  -2.248  1.000 13.902 ? 112 PHE A CG  1 
ATOM   897  C CD1 . PHE A 1 114 ? -0.748  -10.094 -3.245  1.000 14.065 ? 112 PHE A CD1 1 
ATOM   898  C CD2 . PHE A 1 114 ? -1.367  -10.129 -0.942  1.000 13.576 ? 112 PHE A CD2 1 
ATOM   899  C CE1 . PHE A 1 114 ? 0.441   -10.742 -2.934  1.000 14.335 ? 112 PHE A CE1 1 
ATOM   900  C CE2 . PHE A 1 114 ? -0.182  -10.769 -0.631  1.000 13.886 ? 112 PHE A CE2 1 
ATOM   901  C CZ  . PHE A 1 114 ? 0.724   -11.070 -1.624  1.000 14.352 ? 112 PHE A CZ  1 
ATOM   902  N N   . ASP A 1 115 ? -4.688  -12.131 -2.053  1.000 15.060 ? 113 ASP A N   1 
ATOM   903  C CA  . ASP A 1 115 ? -5.125  -13.133 -1.050  1.000 15.460 ? 113 ASP A CA  1 
ATOM   904  C C   . ASP A 1 115 ? -4.123  -13.154 0.109   1.000 15.452 ? 113 ASP A C   1 
ATOM   905  O O   . ASP A 1 115 ? -2.916  -13.054 -0.158  1.000 15.179 ? 113 ASP A O   1 
ATOM   906  C CB  . ASP A 1 115 ? -5.228  -14.528 -1.663  1.000 16.633 ? 113 ASP A CB  1 
ATOM   907  C CG  . ASP A 1 115 ? -6.423  -14.722 -2.579  1.000 17.636 ? 113 ASP A CG  1 
ATOM   908  O OD1 . ASP A 1 115 ? -7.220  -13.786 -2.750  1.000 18.026 ? 113 ASP A OD1 1 
ATOM   909  O OD2 . ASP A 1 115 ? -6.524  -15.815 -3.121  1.000 19.648 ? 113 ASP A OD2 1 
ATOM   910  N N   . HIS A 1 116 ? -4.613  -13.338 1.337   1.000 14.911 ? 114 HIS A N   1 
ATOM   911  C CA  . HIS A 1 116 ? -3.789  -13.343 2.575   1.000 14.759 ? 114 HIS A CA  1 
ATOM   912  C C   . HIS A 1 116 ? -2.820  -14.530 2.541   1.000 15.574 ? 114 HIS A C   1 
ATOM   913  O O   . HIS A 1 116 ? -3.273  -15.653 2.339   1.000 15.204 ? 114 HIS A O   1 
ATOM   914  C CB  . HIS A 1 116 ? -4.673  -13.382 3.816   1.000 14.765 ? 114 HIS A CB  1 
ATOM   915  C CG  . HIS A 1 116 ? -5.509  -12.162 3.978   1.000 14.638 ? 114 HIS A CG  1 
ATOM   916  N ND1 . HIS A 1 116 ? -4.966  -10.892 3.936   1.000 14.627 ? 114 HIS A ND1 1 
ATOM   917  C CD2 . HIS A 1 116 ? -6.834  -12.016 4.201   1.000 14.281 ? 114 HIS A CD2 1 
ATOM   918  C CE1 . HIS A 1 116 ? -5.927  -10.010 4.140   1.000 14.968 ? 114 HIS A CE1 1 
ATOM   919  N NE2 . HIS A 1 116 ? -7.082  -10.679 4.298   1.000 14.675 ? 114 HIS A NE2 1 
ATOM   920  N N   . ARG A 1 117 ? -1.524  -14.259 2.699   1.000 15.612 ? 115 ARG A N   1 
ATOM   921  C CA  . ARG A 1 117 ? -0.467  -15.278 2.865   1.000 15.705 ? 115 ARG A CA  1 
ATOM   922  C C   . ARG A 1 117 ? -0.161  -15.432 4.348   1.000 15.739 ? 115 ARG A C   1 
ATOM   923  O O   . ARG A 1 117 ? 0.144   -16.542 4.752   1.000 16.532 ? 115 ARG A O   1 
ATOM   924  C CB  . ARG A 1 117 ? 0.765   -14.861 2.068   1.000 15.249 ? 115 ARG A CB  1 
ATOM   925  C CG  . ARG A 1 117 ? 0.517   -14.861 0.573   1.000 15.446 ? 115 ARG A CG  1 
ATOM   926  C CD  . ARG A 1 117 ? 1.710   -14.335 -0.174  1.000 15.315 ? 115 ARG A CD  1 
ATOM   927  N NE  . ARG A 1 117 ? 1.445   -14.312 -1.597  1.000 15.188 ? 115 ARG A NE  1 
ATOM   928  C CZ  . ARG A 1 117 ? 2.302   -13.905 -2.525  1.000 15.007 ? 115 ARG A CZ  1 
ATOM   929  N NH1 . ARG A 1 117 ? 3.520   -13.500 -2.194  1.000 15.016 ? 115 ARG A NH1 1 
ATOM   930  N NH2 . ARG A 1 117 ? 1.930   -13.916 -3.791  1.000 15.220 ? 115 ARG A NH2 1 
ATOM   931  N N   . ILE A 1 118 ? -0.209  -14.337 5.100   1.000 15.665 ? 116 ILE A N   1 
ATOM   932  C CA  . ILE A 1 118 ? -0.061  -14.315 6.581   1.000 16.274 ? 116 ILE A CA  1 
ATOM   933  C C   . ILE A 1 118 ? -1.320  -13.655 7.149   1.000 16.103 ? 116 ILE A C   1 
ATOM   934  O O   . ILE A 1 118 ? -1.861  -12.770 6.476   1.000 16.473 ? 116 ILE A O   1 
ATOM   935  C CB  . ILE A 1 118 ? 1.241   -13.580 6.948   1.000 16.134 ? 116 ILE A CB  1 
ATOM   936  C CG1 . ILE A 1 118 ? 2.467   -14.400 6.532   1.000 16.052 ? 116 ILE A CG1 1 
ATOM   937  C CG2 . ILE A 1 118 ? 1.275   -13.193 8.425   1.000 15.516 ? 116 ILE A CG2 1 
ATOM   938  C CD1 . ILE A 1 118 ? 3.767   -13.630 6.580   1.000 17.075 ? 116 ILE A CD1 1 
ATOM   939  N N   . LYS A 1 119 ? -1.773  -14.078 8.327   1.000 16.191 ? 117 LYS A N   1 
ATOM   940  C CA  . LYS A 1 119 ? -2.942  -13.457 9.013   1.000 16.504 ? 117 LYS A CA  1 
ATOM   941  C C   . LYS A 1 119 ? -2.700  -11.948 9.054   1.000 15.986 ? 117 LYS A C   1 
ATOM   942  O O   . LYS A 1 119 ? -1.575  -11.514 9.294   1.000 14.891 ? 117 LYS A O   1 
ATOM   943  C CB  . LYS A 1 119 ? -3.155  -14.087 10.397  1.000 16.924 ? 117 LYS A CB  1 
ATOM   944  C CG  . LYS A 1 119 ? -1.992  -13.955 11.367  1.000 17.454 ? 117 LYS A CG  1 
ATOM   945  C CD  . LYS A 1 119 ? -2.119  -14.824 12.598  1.000 18.115 ? 117 LYS A CD  1 
ATOM   946  C CE  . LYS A 1 119 ? -0.868  -14.722 13.444  1.000 18.303 ? 117 LYS A CE  1 
ATOM   947  N NZ  . LYS A 1 119 ? -0.983  -15.445 14.727  1.000 19.306 ? 117 LYS A NZ  1 
ATOM   948  N N   . PRO A 1 120 ? -3.696  -11.091 8.732   1.000 16.228 ? 118 PRO A N   1 
ATOM   949  C CA  . PRO A 1 120 ? -3.508  -9.644  8.838   1.000 16.221 ? 118 PRO A CA  1 
ATOM   950  C C   . PRO A 1 120 ? -3.188  -9.195  10.270  1.000 15.876 ? 118 PRO A C   1 
ATOM   951  O O   . PRO A 1 120 ? -2.609  -8.138  10.429  1.000 15.204 ? 118 PRO A O   1 
ATOM   952  C CB  . PRO A 1 120 ? -4.819  -9.021  8.310   1.000 16.936 ? 118 PRO A CB  1 
ATOM   953  C CG  . PRO A 1 120 ? -5.812  -10.158 8.261   1.000 17.427 ? 118 PRO A CG  1 
ATOM   954  C CD  . PRO A 1 120 ? -5.006  -11.440 8.160   1.000 17.356 ? 118 PRO A CD  1 
ATOM   955  N N   . GLU A 1 121 ? -3.546  -10.005 11.269  1.000 15.494 ? 119 GLU A N   1 
ATOM   956  C CA  . GLU A 1 121 ? -3.266  -9.738  12.704  1.000 16.084 ? 119 GLU A CA  1 
ATOM   957  C C   . GLU A 1 121 ? -1.753  -9.661  12.962  1.000 15.499 ? 119 GLU A C   1 
ATOM   958  O O   . GLU A 1 121 ? -1.378  -9.101  14.001  1.000 14.842 ? 119 GLU A O   1 
ATOM   959  C CB  . GLU A 1 121 ? -3.912  -10.819 13.578  1.000 17.006 ? 119 GLU A CB  1 
ATOM   960  C CG  . GLU A 1 121 ? -5.421  -10.705 13.647  1.000 18.922 ? 119 GLU A CG  1 
ATOM   961  C CD  . GLU A 1 121 ? -6.213  -11.242 12.468  1.000 20.660 ? 119 GLU A CD  1 
ATOM   962  O OE1 . GLU A 1 121 ? -5.629  -11.912 11.580  1.000 21.109 ? 119 GLU A OE1 1 
ATOM   963  O OE2 . GLU A 1 121 ? -7.423  -10.976 12.438  1.000 23.708 ? 119 GLU A OE2 1 
ATOM   964  N N   . ALA A 1 122 ? -0.915  -10.235 12.084  1.000 15.139 ? 120 ALA A N   1 
ATOM   965  C CA  . ALA A 1 122 ? 0.562   -10.205 12.189  1.000 14.834 ? 120 ALA A CA  1 
ATOM   966  C C   . ALA A 1 122 ? 1.094   -8.770  11.979  1.000 15.009 ? 120 ALA A C   1 
ATOM   967  O O   . ALA A 1 122 ? 2.204   -8.487  12.448  1.000 14.882 ? 120 ALA A O   1 
ATOM   968  C CB  . ALA A 1 122 ? 1.154   -11.192 11.203  1.000 14.773 ? 120 ALA A CB  1 
ATOM   969  N N   . VAL A 1 123 ? 0.328   -7.888  11.322  1.000 14.966 ? 121 VAL A N   1 
ATOM   970  C CA  . VAL A 1 123 ? 0.771   -6.508  10.951  1.000 14.849 ? 121 VAL A CA  1 
ATOM   971  C C   . VAL A 1 123 ? 0.902   -5.639  12.211  1.000 14.756 ? 121 VAL A C   1 
ATOM   972  O O   . VAL A 1 123 ? -0.041  -5.602  13.004  1.000 15.726 ? 121 VAL A O   1 
ATOM   973  C CB  . VAL A 1 123 ? -0.172  -5.856  9.923   1.000 14.325 ? 121 VAL A CB  1 
ATOM   974  C CG1 . VAL A 1 123 ? 0.191   -4.398  9.691   1.000 14.280 ? 121 VAL A CG1 1 
ATOM   975  C CG2 . VAL A 1 123 ? -0.160  -6.617  8.606   1.000 14.503 ? 121 VAL A CG2 1 
ATOM   976  N N   . LYS A 1 124 ? 2.027   -4.939  12.352  1.000 14.065 ? 122 LYS A N   1 
ATOM   977  C CA  . LYS A 1 124 ? 2.302   -4.017  13.478  1.000 14.423 ? 122 LYS A CA  1 
ATOM   978  C C   . LYS A 1 124 ? 2.660   -2.621  12.966  1.000 13.682 ? 122 LYS A C   1 
ATOM   979  O O   . LYS A 1 124 ? 2.689   -1.698  13.787  1.000 12.855 ? 122 LYS A O   1 
ATOM   980  C CB  . LYS A 1 124 ? 3.392   -4.612  14.372  1.000 15.675 ? 122 LYS A CB  1 
ATOM   981  C CG  . LYS A 1 124 ? 2.839   -5.593  15.396  1.000 17.481 ? 122 LYS A CG  1 
ATOM   982  C CD  . LYS A 1 124 ? 3.877   -6.387  16.169  1.000 19.633 ? 122 LYS A CD  1 
ATOM   983  C CE  . LYS A 1 124 ? 3.392   -7.795  16.433  1.000 22.083 ? 122 LYS A CE  1 
ATOM   984  N NZ  . LYS A 1 124 ? 4.482   -8.652  16.935  1.000 25.192 ? 122 LYS A NZ  1 
ATOM   985  N N   . MET A 1 125 ? 2.861   -2.443  11.659  1.000 13.736 ? 123 MET A N   1 
ATOM   986  C CA  . MET A 1 125 ? 3.362   -1.159  11.099  1.000 13.413 ? 123 MET A CA  1 
ATOM   987  C C   . MET A 1 125 ? 3.011   -1.060  9.614   1.000 13.072 ? 123 MET A C   1 
ATOM   988  O O   . MET A 1 125 ? 3.011   -2.095  8.917   1.000 12.400 ? 123 MET A O   1 
ATOM   989  C CB  . MET A 1 125 ? 4.875   -1.064  11.286  1.000 13.790 ? 123 MET A CB  1 
ATOM   990  C CG  . MET A 1 125 ? 5.465   0.231   10.785  1.000 14.107 ? 123 MET A CG  1 
ATOM   991  S SD  . MET A 1 125 ? 6.106   0.091   9.098   1.000 14.960 ? 123 MET A SD  1 
ATOM   992  C CE  . MET A 1 125 ? 7.709   -0.645  9.415   1.000 14.055 ? 123 MET A CE  1 
ATOM   993  N N   . VAL A 1 126 ? 2.717   0.153   9.151   1.000 13.544 ? 124 VAL A N   1 
ATOM   994  C CA  . VAL A 1 126 ? 2.503   0.450   7.705   1.000 13.725 ? 124 VAL A CA  1 
ATOM   995  C C   . VAL A 1 126 ? 3.507   1.521   7.293   1.000 13.669 ? 124 VAL A C   1 
ATOM   996  O O   . VAL A 1 126 ? 3.573   2.557   7.974   1.000 13.127 ? 124 VAL A O   1 
ATOM   997  C CB  . VAL A 1 126 ? 1.064   0.912   7.418   1.000 14.115 ? 124 VAL A CB  1 
ATOM   998  C CG1 . VAL A 1 126 ? 0.887   1.305   5.959   1.000 14.184 ? 124 VAL A CG1 1 
ATOM   999  C CG2 . VAL A 1 126 ? 0.047   -0.143  7.809   1.000 14.613 ? 124 VAL A CG2 1 
ATOM   1000 N N   . GLN A 1 127 ? 4.233   1.295   6.199   1.000 13.719 ? 125 GLN A N   1 
ATOM   1001 C CA  . GLN A 1 127 ? 5.157   2.309   5.639   1.000 13.808 ? 125 GLN A CA  1 
ATOM   1002 C C   . GLN A 1 127 ? 4.724   2.653   4.212   1.000 13.497 ? 125 GLN A C   1 
ATOM   1003 O O   . GLN A 1 127 ? 4.502   1.713   3.412   1.000 13.193 ? 125 GLN A O   1 
ATOM   1004 C CB  . GLN A 1 127 ? 6.599   1.819   5.684   1.000 15.327 ? 125 GLN A CB  1 
ATOM   1005 C CG  . GLN A 1 127 ? 7.592   2.923   5.365   1.000 16.180 ? 125 GLN A CG  1 
ATOM   1006 C CD  . GLN A 1 127 ? 9.004   2.519   5.674   1.000 17.629 ? 125 GLN A CD  1 
ATOM   1007 O OE1 . GLN A 1 127 ? 9.565   1.613   5.054   1.000 19.332 ? 125 GLN A OE1 1 
ATOM   1008 N NE2 . GLN A 1 127 ? 9.589   3.202   6.643   1.000 19.814 ? 125 GLN A NE2 1 
ATOM   1009 N N   . VAL A 1 128 ? 4.603   3.953   3.941   1.000 13.252 ? 126 VAL A N   1 
ATOM   1010 C CA  . VAL A 1 128 ? 4.287   4.531   2.606   1.000 13.067 ? 126 VAL A CA  1 
ATOM   1011 C C   . VAL A 1 128 ? 5.503   5.355   2.180   1.000 12.746 ? 126 VAL A C   1 
ATOM   1012 O O   . VAL A 1 128 ? 5.865   6.282   2.921   1.000 12.471 ? 126 VAL A O   1 
ATOM   1013 C CB  . VAL A 1 128 ? 3.003   5.376   2.655   1.000 12.494 ? 126 VAL A CB  1 
ATOM   1014 C CG1 . VAL A 1 128 ? 2.644   5.915   1.283   1.000 12.981 ? 126 VAL A CG1 1 
ATOM   1015 C CG2 . VAL A 1 128 ? 1.835   4.587   3.226   1.000 12.553 ? 126 VAL A CG2 1 
ATOM   1016 N N   . TRP A 1 129 ? 6.105   5.031   1.036   1.000 13.017 ? 127 TRP A N   1 
ATOM   1017 C CA  . TRP A 1 129 ? 7.371   5.676   0.603   1.000 13.169 ? 127 TRP A CA  1 
ATOM   1018 C C   . TRP A 1 129 ? 7.567   5.612   -0.921  1.000 13.251 ? 127 TRP A C   1 
ATOM   1019 O O   . TRP A 1 129 ? 6.626   5.178   -1.639  1.000 12.022 ? 127 TRP A O   1 
ATOM   1020 C CB  . TRP A 1 129 ? 8.533   5.072   1.403   1.000 13.096 ? 127 TRP A CB  1 
ATOM   1021 C CG  . TRP A 1 129 ? 8.813   3.625   1.165   1.000 13.443 ? 127 TRP A CG  1 
ATOM   1022 C CD1 . TRP A 1 129 ? 7.999   2.556   1.422   1.000 13.320 ? 127 TRP A CD1 1 
ATOM   1023 C CD2 . TRP A 1 129 ? 10.052  3.077   0.681   1.000 13.246 ? 127 TRP A CD2 1 
ATOM   1024 N NE1 . TRP A 1 129 ? 8.644   1.388   1.110   1.000 13.066 ? 127 TRP A NE1 1 
ATOM   1025 C CE2 . TRP A 1 129 ? 9.897   1.678   0.641   1.000 13.392 ? 127 TRP A CE2 1 
ATOM   1026 C CE3 . TRP A 1 129 ? 11.258  3.639   0.246   1.000 13.538 ? 127 TRP A CE3 1 
ATOM   1027 C CZ2 . TRP A 1 129 ? 10.915  0.838   0.190   1.000 13.560 ? 127 TRP A CZ2 1 
ATOM   1028 C CZ3 . TRP A 1 129 ? 12.265  2.813   -0.197  1.000 13.588 ? 127 TRP A CZ3 1 
ATOM   1029 C CH2 . TRP A 1 129 ? 12.093  1.427   -0.219  1.000 13.844 ? 127 TRP A CH2 1 
ATOM   1030 N N   . ARG A 1 130 ? 8.733   6.100   -1.363  1.000 13.478 ? 128 ARG A N   1 
ATOM   1031 C CA  . ARG A 1 130 ? 9.174   6.339   -2.765  1.000 14.038 ? 128 ARG A CA  1 
ATOM   1032 C C   . ARG A 1 130 ? 8.633   7.705   -3.204  1.000 13.685 ? 128 ARG A C   1 
ATOM   1033 O O   . ARG A 1 130 ? 8.572   8.604   -2.349  1.000 13.590 ? 128 ARG A O   1 
ATOM   1034 C CB  . ARG A 1 130 ? 8.801   5.187   -3.702  1.000 14.697 ? 128 ARG A CB  1 
ATOM   1035 C CG  . ARG A 1 130 ? 9.128   3.807   -3.161  1.000 15.874 ? 128 ARG A CG  1 
ATOM   1036 C CD  . ARG A 1 130 ? 10.202  3.123   -3.957  1.000 15.910 ? 128 ARG A CD  1 
ATOM   1037 N NE  . ARG A 1 130 ? 10.455  1.744   -3.562  1.000 16.346 ? 128 ARG A NE  1 
ATOM   1038 C CZ  . ARG A 1 130 ? 11.662  1.180   -3.487  1.000 15.611 ? 128 ARG A CZ  1 
ATOM   1039 N NH1 . ARG A 1 130 ? 12.760  1.885   -3.703  1.000 16.116 ? 128 ARG A NH1 1 
ATOM   1040 N NH2 . ARG A 1 130 ? 11.776  -0.089  -3.163  1.000 15.701 ? 128 ARG A NH2 1 
ATOM   1041 N N   . ASP A 1 131 ? 8.277   7.866   -4.480  1.000 13.882 ? 129 ASP A N   1 
ATOM   1042 C CA  . ASP A 1 131 ? 8.310   9.168   -5.193  1.000 14.531 ? 129 ASP A CA  1 
ATOM   1043 C C   . ASP A 1 131 ? 6.921   9.810   -5.118  1.000 14.335 ? 129 ASP A C   1 
ATOM   1044 O O   . ASP A 1 131 ? 6.349   10.128  -6.175  1.000 14.120 ? 129 ASP A O   1 
ATOM   1045 C CB  . ASP A 1 131 ? 8.823   8.987   -6.621  1.000 14.171 ? 129 ASP A CB  1 
ATOM   1046 C CG  . ASP A 1 131 ? 10.150  8.263   -6.638  1.000 14.571 ? 129 ASP A CG  1 
ATOM   1047 O OD1 . ASP A 1 131 ? 11.103  8.816   -6.029  1.000 14.870 ? 129 ASP A OD1 1 
ATOM   1048 O OD2 . ASP A 1 131 ? 10.214  7.138   -7.207  1.000 14.017 ? 129 ASP A OD2 1 
ATOM   1049 N N   . ILE A 1 132 ? 6.407   10.019  -3.901  1.000 14.517 ? 130 ILE A N   1 
ATOM   1050 C CA  . ILE A 1 132 ? 5.062   10.626  -3.697  1.000 14.619 ? 130 ILE A CA  1 
ATOM   1051 C C   . ILE A 1 132 ? 5.136   11.688  -2.602  1.000 14.694 ? 130 ILE A C   1 
ATOM   1052 O O   . ILE A 1 132 ? 5.999   11.577  -1.712  1.000 13.885 ? 130 ILE A O   1 
ATOM   1053 C CB  . ILE A 1 132 ? 4.013   9.550   -3.382  1.000 15.027 ? 130 ILE A CB  1 
ATOM   1054 C CG1 . ILE A 1 132 ? 4.399   8.719   -2.156  1.000 15.344 ? 130 ILE A CG1 1 
ATOM   1055 C CG2 . ILE A 1 132 ? 3.781   8.673   -4.594  1.000 14.587 ? 130 ILE A CG2 1 
ATOM   1056 C CD1 . ILE A 1 132 ? 3.362   8.721   -1.118  1.000 16.514 ? 130 ILE A CD1 1 
ATOM   1057 N N   . SER A 1 133 ? 4.239   12.673  -2.682  1.000 14.664 ? 131 SER A N   1 
ATOM   1058 C CA  . SER A 1 133 ? 3.813   13.512  -1.543  1.000 15.192 ? 131 SER A CA  1 
ATOM   1059 C C   . SER A 1 133 ? 2.549   12.887  -0.947  1.000 16.308 ? 131 SER A C   1 
ATOM   1060 O O   . SER A 1 133 ? 1.793   12.253  -1.709  1.000 16.387 ? 131 SER A O   1 
ATOM   1061 C CB  . SER A 1 133 ? 3.602   14.933  -1.969  1.000 15.112 ? 131 SER A CB  1 
ATOM   1062 O OG  . SER A 1 133 ? 2.545   15.020  -2.902  1.000 14.596 ? 131 SER A OG  1 
ATOM   1063 N N   . LEU A 1 134 ? 2.365   13.014  0.367   1.000 16.025 ? 132 LEU A N   1 
ATOM   1064 C CA  . LEU A 1 134 ? 1.215   12.444  1.125   1.000 18.029 ? 132 LEU A CA  1 
ATOM   1065 C C   . LEU A 1 134 ? 0.491   13.587  1.842   1.000 17.299 ? 132 LEU A C   1 
ATOM   1066 O O   . LEU A 1 134 ? 1.169   14.310  2.593   1.000 16.000 ? 132 LEU A O   1 
ATOM   1067 C CB  . LEU A 1 134 ? 1.776   11.439  2.136   1.000 19.857 ? 132 LEU A CB  1 
ATOM   1068 C CG  . LEU A 1 134 ? 1.103   10.074  2.231   1.000 22.948 ? 132 LEU A CG  1 
ATOM   1069 C CD1 . LEU A 1 134 ? 0.816   9.478   0.851   1.000 24.377 ? 132 LEU A CD1 1 
ATOM   1070 C CD2 . LEU A 1 134 ? 1.970   9.143   3.066   1.000 23.302 ? 132 LEU A CD2 1 
ATOM   1071 N N   . THR A 1 135 ? -0.827  13.722  1.665   1.000 17.422 ? 133 THR A N   1 
ATOM   1072 C CA  . THR A 1 135 ? -1.672  14.666  2.451   1.000 17.820 ? 133 THR A CA  1 
ATOM   1073 C C   . THR A 1 135 ? -2.530  13.934  3.500   1.000 18.311 ? 133 THR A C   1 
ATOM   1074 O O   . THR A 1 135 ? -2.872  14.596  4.504   1.000 16.512 ? 133 THR A O   1 
ATOM   1075 C CB  . THR A 1 135 ? -2.530  15.548  1.537   1.000 18.394 ? 133 THR A CB  1 
ATOM   1076 O OG1 . THR A 1 135 ? -3.271  14.714  0.646   1.000 18.805 ? 133 THR A OG1 1 
ATOM   1077 C CG2 . THR A 1 135 ? -1.679  16.524  0.753   1.000 19.005 ? 133 THR A CG2 1 
ATOM   1078 N N   . LYS A 1 136 ? -2.883  12.661  3.286   1.000 18.483 ? 134 LYS A N   1 
ATOM   1079 C CA  . LYS A 1 136 ? -3.792  11.892  4.187   1.000 19.123 ? 134 LYS A CA  1 
ATOM   1080 C C   . LYS A 1 136 ? -3.322  10.442  4.313   1.000 17.940 ? 134 LYS A C   1 
ATOM   1081 O O   . LYS A 1 136 ? -3.017  9.801   3.262   1.000 16.561 ? 134 LYS A O   1 
ATOM   1082 C CB  . LYS A 1 136 ? -5.236  11.859  3.673   1.000 21.649 ? 134 LYS A CB  1 
ATOM   1083 C CG  . LYS A 1 136 ? -5.923  13.206  3.535   1.000 25.317 ? 134 LYS A CG  1 
ATOM   1084 C CD  . LYS A 1 136 ? -6.032  13.986  4.845   1.000 28.864 ? 134 LYS A CD  1 
ATOM   1085 C CE  . LYS A 1 136 ? -6.479  15.422  4.645   1.000 30.864 ? 134 LYS A CE  1 
ATOM   1086 N NZ  . LYS A 1 136 ? -7.832  15.639  5.212   1.000 34.668 ? 134 LYS A NZ  1 
ATOM   1087 N N   . PHE A 1 137 ? -3.305  9.954   5.554   1.000 16.085 ? 135 PHE A N   1 
ATOM   1088 C CA  . PHE A 1 137 ? -3.120  8.529   5.919   1.000 16.328 ? 135 PHE A CA  1 
ATOM   1089 C C   . PHE A 1 137 ? -4.048  8.198   7.089   1.000 16.359 ? 135 PHE A C   1 
ATOM   1090 O O   . PHE A 1 137 ? -3.999  8.902   8.121   1.000 16.334 ? 135 PHE A O   1 
ATOM   1091 C CB  . PHE A 1 137 ? -1.670  8.224   6.297   1.000 16.233 ? 135 PHE A CB  1 
ATOM   1092 C CG  . PHE A 1 137 ? -1.419  6.771   6.599   1.000 16.047 ? 135 PHE A CG  1 
ATOM   1093 C CD1 . PHE A 1 137 ? -1.665  6.254   7.863   1.000 16.091 ? 135 PHE A CD1 1 
ATOM   1094 C CD2 . PHE A 1 137 ? -0.964  5.912   5.610   1.000 16.217 ? 135 PHE A CD2 1 
ATOM   1095 C CE1 . PHE A 1 137 ? -1.441  4.913   8.132   1.000 15.943 ? 135 PHE A CE1 1 
ATOM   1096 C CE2 . PHE A 1 137 ? -0.744  4.572   5.874   1.000 15.580 ? 135 PHE A CE2 1 
ATOM   1097 C CZ  . PHE A 1 137 ? -0.981  4.071   7.137   1.000 15.976 ? 135 PHE A CZ  1 
ATOM   1098 N N   . ASN A 1 138 ? -4.861  7.157   6.930   1.000 16.332 ? 136 ASN A N   1 
ATOM   1099 C CA  . ASN A 1 138 ? -5.799  6.704   7.981   1.000 16.058 ? 136 ASN A CA  1 
ATOM   1100 C C   . ASN A 1 138 ? -5.864  5.175   7.984   1.000 15.545 ? 136 ASN A C   1 
ATOM   1101 O O   . ASN A 1 138 ? -5.931  4.580   6.890   1.000 14.883 ? 136 ASN A O   1 
ATOM   1102 C CB  . ASN A 1 138 ? -7.173  7.340   7.805   1.000 16.221 ? 136 ASN A CB  1 
ATOM   1103 C CG  . ASN A 1 138 ? -8.088  6.944   8.937   1.000 17.621 ? 136 ASN A CG  1 
ATOM   1104 O OD1 . ASN A 1 138 ? -8.943  6.082   8.758   1.000 18.464 ? 136 ASN A OD1 1 
ATOM   1105 N ND2 . ASN A 1 138 ? -7.854  7.517   10.114  1.000 18.125 ? 136 ASN A ND2 1 
ATOM   1106 N N   . VAL A 1 139 ? -5.827  4.582   9.181   1.000 15.040 ? 137 VAL A N   1 
ATOM   1107 C CA  . VAL A 1 139 ? -6.222  3.172   9.446   1.000 15.263 ? 137 VAL A CA  1 
ATOM   1108 C C   . VAL A 1 139 ? -7.499  3.242   10.278  1.000 15.641 ? 137 VAL A C   1 
ATOM   1109 O O   . VAL A 1 139 ? -7.490  3.942   11.313  1.000 15.466 ? 137 VAL A O   1 
ATOM   1110 C CB  . VAL A 1 139 ? -5.109  2.381   10.165  1.000 16.160 ? 137 VAL A CB  1 
ATOM   1111 C CG1 . VAL A 1 139 ? -5.554  0.964   10.505  1.000 15.683 ? 137 VAL A CG1 1 
ATOM   1112 C CG2 . VAL A 1 139 ? -3.824  2.358   9.350   1.000 16.174 ? 137 VAL A CG2 1 
ATOM   1113 N N   . SER A 1 140 ? -8.576  2.623   9.799   1.000 15.999 ? 138 SER A N   1 
ATOM   1114 C CA  . SER A 1 140 ? -9.875  2.562   10.513  1.000 16.458 ? 138 SER A CA  1 
ATOM   1115 C C   . SER A 1 140 ? -9.769  1.498   11.606  1.000 18.100 ? 138 SER A C   1 
ATOM   1116 O O   . SER A 1 140 ? -9.042  0.479   11.407  1.000 18.134 ? 138 SER A O   1 
ATOM   1117 C CB  . SER A 1 140 ? -11.019 2.293   9.574   1.000 15.791 ? 138 SER A CB  1 
ATOM   1118 O OG  . SER A 1 140 ? -10.955 0.970   9.071   1.000 14.478 ? 138 SER A OG  1 
ATOM   1119 N N   . TYR A 1 141 ? -10.443 1.730   12.734  1.000 18.911 ? 139 TYR A N   1 
ATOM   1120 C CA  . TYR A 1 141 ? -10.404 0.837   13.920  1.000 19.397 ? 139 TYR A CA  1 
ATOM   1121 C C   . TYR A 1 141 ? -11.817 0.645   14.486  1.000 20.509 ? 139 TYR A C   1 
ATOM   1122 O O   . TYR A 1 141 ? -11.956 0.693   15.716  1.000 20.622 ? 139 TYR A O   1 
ATOM   1123 C CB  . TYR A 1 141 ? -9.470  1.429   14.975  1.000 18.465 ? 139 TYR A CB  1 
ATOM   1124 C CG  . TYR A 1 141 ? -8.006  1.348   14.629  1.000 18.028 ? 139 TYR A CG  1 
ATOM   1125 C CD1 . TYR A 1 141 ? -7.292  0.174   14.828  1.000 17.347 ? 139 TYR A CD1 1 
ATOM   1126 C CD2 . TYR A 1 141 ? -7.333  2.444   14.110  1.000 17.414 ? 139 TYR A CD2 1 
ATOM   1127 C CE1 . TYR A 1 141 ? -5.942  0.093   14.522  1.000 17.390 ? 139 TYR A CE1 1 
ATOM   1128 C CE2 . TYR A 1 141 ? -5.982  2.382   13.803  1.000 17.149 ? 139 TYR A CE2 1 
ATOM   1129 C CZ  . TYR A 1 141 ? -5.285  1.201   14.007  1.000 16.959 ? 139 TYR A CZ  1 
ATOM   1130 O OH  . TYR A 1 141 ? -3.955  1.132   13.712  1.000 16.903 ? 139 TYR A OH  1 
ATOM   1131 N N   . LEU A 1 142 ? -12.827 0.460   13.630  1.000 21.950 ? 140 LEU A N   1 
ATOM   1132 C CA  . LEU A 1 142 ? -14.260 0.497   14.059  1.000 22.994 ? 140 LEU A CA  1 
ATOM   1133 C C   . LEU A 1 142 ? -14.749 -0.895  14.484  1.000 23.746 ? 140 LEU A C   1 
ATOM   1134 O O   . LEU A 1 142 ? -15.738 -0.945  15.238  1.000 22.493 ? 140 LEU A O   1 
ATOM   1135 C CB  . LEU A 1 142 ? -15.124 1.070   12.936  1.000 23.480 ? 140 LEU A CB  1 
ATOM   1136 C CG  . LEU A 1 142 ? -14.795 2.497   12.491  1.000 24.448 ? 140 LEU A CG  1 
ATOM   1137 C CD1 . LEU A 1 142 ? -15.859 2.999   11.521  1.000 24.964 ? 140 LEU A CD1 1 
ATOM   1138 C CD2 . LEU A 1 142 ? -14.655 3.449   13.670  1.000 23.988 ? 140 LEU A CD2 1 
ATOM   1139 N N   . LYS A 1 143 ? -14.090 -1.977  14.045  1.000 26.561 ? 141 LYS A N   1 
ATOM   1140 C CA  . LYS A 1 143 ? -14.640 -3.361  14.103  1.000 30.310 ? 141 LYS A CA  1 
ATOM   1141 C C   . LYS A 1 143 ? -13.999 -4.132  15.267  1.000 30.849 ? 141 LYS A C   1 
ATOM   1142 O O   . LYS A 1 143 ? -12.814 -3.879  15.584  1.000 27.112 ? 141 LYS A O   1 
ATOM   1143 C CB  . LYS A 1 143 ? -14.435 -4.073  12.761  1.000 32.513 ? 141 LYS A CB  1 
ATOM   1144 C CG  . LYS A 1 143 ? -15.037 -3.354  11.558  1.000 35.727 ? 141 LYS A CG  1 
ATOM   1145 C CD  . LYS A 1 143 ? -16.363 -3.920  11.090  1.000 39.475 ? 141 LYS A CD  1 
ATOM   1146 C CE  . LYS A 1 143 ? -17.239 -2.893  10.399  1.000 42.743 ? 141 LYS A CE  1 
ATOM   1147 N NZ  . LYS A 1 143 ? -17.880 -3.451  9.186   1.000 46.699 ? 141 LYS A NZ  1 
ATOM   1148 N N   . ARG A 1 144 ? -14.775 -5.036  15.876  1.000 34.914 ? 142 ARG A N   1 
ATOM   1149 C CA  . ARG A 1 144 ? -14.332 -5.958  16.959  1.000 40.216 ? 142 ARG A CA  1 
ATOM   1150 C C   . ARG A 1 144 ? -13.289 -6.925  16.392  1.000 40.960 ? 142 ARG A C   1 
ATOM   1151 O O   . ARG A 1 144 ? -12.240 -7.166  16.992  1.000 40.959 ? 142 ARG A O   1 
ATOM   1152 C CB  . ARG A 1 144 ? -15.534 -6.718  17.533  1.000 44.136 ? 142 ARG A CB  1 
ATOM   1153 C CG  . ARG A 1 144 ? -15.213 -7.584  18.746  1.000 48.038 ? 142 ARG A CG  1 
ATOM   1154 C CD  . ARG A 1 144 ? -15.852 -8.959  18.678  1.000 53.791 ? 142 ARG A CD  1 
ATOM   1155 N NE  . ARG A 1 144 ? -17.142 -9.051  19.356  1.000 57.314 ? 142 ARG A NE  1 
ATOM   1156 C CZ  . ARG A 1 144 ? -17.983 -10.090 19.275  1.000 60.636 ? 142 ARG A CZ  1 
ATOM   1157 N NH1 . ARG A 1 144 ? -17.690 -11.145 18.530  1.000 62.337 ? 142 ARG A NH1 1 
ATOM   1158 N NH2 . ARG A 1 144 ? -19.123 -10.069 19.950  1.000 59.982 ? 142 ARG A NH2 1 
ATOM   1159 O OXT . ARG A 1 144 ? -13.495 -7.466  15.310  1.000 39.747 ? 142 ARG A OXT 1 
HETATM 1160 C C1  . NGA B 2 .   ? 13.812  -12.504 8.886   1.000 20.759 ? 201 NGA A C1  1 
HETATM 1161 C C2  . NGA B 2 .   ? 13.304  -11.814 10.156  1.000 20.159 ? 201 NGA A C2  1 
HETATM 1162 C C3  . NGA B 2 .   ? 13.294  -10.287 9.953   1.000 20.346 ? 201 NGA A C3  1 
HETATM 1163 C C4  . NGA B 2 .   ? 14.660  -9.787  9.514   1.000 20.243 ? 201 NGA A C4  1 
HETATM 1164 C C5  . NGA B 2 .   ? 15.060  -10.538 8.255   1.000 20.618 ? 201 NGA A C5  1 
HETATM 1165 C C6  . NGA B 2 .   ? 16.417  -10.079 7.727   1.000 21.602 ? 201 NGA A C6  1 
HETATM 1166 C C7  . NGA B 2 .   ? 11.712  -12.962 11.628  1.000 19.077 ? 201 NGA A C7  1 
HETATM 1167 C C8  . NGA B 2 .   ? 10.277  -13.364 11.851  1.000 18.788 ? 201 NGA A C8  1 
HETATM 1168 N N2  . NGA B 2 .   ? 11.975  -12.307 10.500  1.000 19.550 ? 201 NGA A N2  1 
HETATM 1169 O O1  . NGA B 2 .   ? 13.929  -13.953 8.979   1.000 20.562 ? 201 NGA A O1  1 
HETATM 1170 O O3  . NGA B 2 .   ? 12.998  -9.585  11.159  1.000 21.657 ? 201 NGA A O3  1 
HETATM 1171 O O4  . NGA B 2 .   ? 15.572  -10.017 10.605  1.000 18.404 ? 201 NGA A O4  1 
HETATM 1172 O O5  . NGA B 2 .   ? 15.089  -11.947 8.566   1.000 20.815 ? 201 NGA A O5  1 
HETATM 1173 O O6  . NGA B 2 .   ? 16.766  -10.916 6.623   1.000 22.923 ? 201 NGA A O6  1 
HETATM 1174 O O7  . NGA B 2 .   ? 12.601  -13.212 12.433  1.000 19.069 ? 201 NGA A O7  1 
HETATM 1175 O O   . HOH C 3 .   ? -8.054  6.718   -11.606 1.000 22.483 ? 301 HOH A O   1 
HETATM 1176 O O   . HOH C 3 .   ? -8.760  5.561   12.622  1.000 23.629 ? 302 HOH A O   1 
HETATM 1177 O O   . HOH C 3 .   ? 15.913  0.882   7.302   1.000 24.209 ? 303 HOH A O   1 
HETATM 1178 O O   . HOH C 3 .   ? -11.864 -6.714  19.408  1.000 17.624 ? 304 HOH A O   1 
HETATM 1179 O O   . HOH C 3 .   ? 4.475   12.158  -18.300 1.000 14.489 ? 305 HOH A O   1 
HETATM 1180 O O   . HOH C 3 .   ? -0.844  -4.875  15.702  1.000 20.916 ? 306 HOH A O   1 
HETATM 1181 O O   . HOH C 3 .   ? 7.847   -10.781 12.099  1.000 17.239 ? 307 HOH A O   1 
HETATM 1182 O O   . HOH C 3 .   ? 14.817  -14.945 11.166  1.000 23.536 ? 308 HOH A O   1 
HETATM 1183 O O   . HOH C 3 .   ? -11.344 6.491   9.548   1.000 24.120 ? 309 HOH A O   1 
HETATM 1184 O O   . HOH C 3 .   ? -11.874 -16.399 -1.983  1.000 12.839 ? 310 HOH A O   1 
HETATM 1185 O O   . HOH C 3 .   ? -6.864  -11.864 -4.751  1.000 17.726 ? 311 HOH A O   1 
HETATM 1186 O O   . HOH C 3 .   ? 0.177   15.435  -1.967  1.000 25.005 ? 312 HOH A O   1 
HETATM 1187 O O   . HOH C 3 .   ? -2.639  3.043   12.575  1.000 17.884 ? 313 HOH A O   1 
HETATM 1188 O O   . HOH C 3 .   ? 11.692  0.864   3.781   1.000 34.232 ? 314 HOH A O   1 
HETATM 1189 O O   . HOH C 3 .   ? -2.417  -10.643 5.091   1.000 11.021 ? 315 HOH A O   1 
HETATM 1190 O O   . HOH C 3 .   ? 10.478  9.734   -0.991  1.000 16.630 ? 316 HOH A O   1 
HETATM 1191 O O   . HOH C 3 .   ? -15.593 -5.482  -1.903  1.000 14.222 ? 317 HOH A O   1 
HETATM 1192 O O   . HOH C 3 .   ? 10.296  12.217  0.706   1.000 22.207 ? 318 HOH A O   1 
HETATM 1193 O O   . HOH C 3 .   ? -2.753  6.131   -16.620 1.000 22.542 ? 319 HOH A O   1 
HETATM 1194 O O   . HOH C 3 .   ? -2.700  -7.526  15.610  1.000 23.178 ? 320 HOH A O   1 
HETATM 1195 O O   . HOH C 3 .   ? -2.380  14.557  -1.912  1.000 31.276 ? 321 HOH A O   1 
HETATM 1196 O O   . HOH C 3 .   ? -9.351  -13.902 -4.271  1.000 19.688 ? 322 HOH A O   1 
HETATM 1197 O O   . HOH C 3 .   ? 7.562   -4.027  16.524  1.000 17.962 ? 323 HOH A O   1 
HETATM 1198 O O   . HOH C 3 .   ? 5.738   5.598   -16.741 1.000 16.266 ? 324 HOH A O   1 
HETATM 1199 O O   . HOH C 3 .   ? -5.227  -7.000  14.592  1.000 20.686 ? 325 HOH A O   1 
HETATM 1200 O O   . HOH C 3 .   ? -7.549  -1.695  12.188  1.000 15.622 ? 326 HOH A O   1 
HETATM 1201 O O   . HOH C 3 .   ? -9.269  4.270   6.504   1.000 11.601 ? 327 HOH A O   1 
HETATM 1202 O O   . HOH C 3 .   ? 8.934   -0.781  3.893   1.000 17.769 ? 328 HOH A O   1 
HETATM 1203 O O   . HOH C 3 .   ? 13.247  7.534   -14.807 1.000 12.747 ? 329 HOH A O   1 
HETATM 1204 O O   . HOH C 3 .   ? -10.929 -2.526  14.254  1.000 20.804 ? 330 HOH A O   1 
HETATM 1205 O O   . HOH C 3 .   ? 10.763  -17.754 3.928   1.000 33.795 ? 331 HOH A O   1 
HETATM 1206 O O   . HOH C 3 .   ? -2.244  9.161   -17.150 1.000 24.443 ? 332 HOH A O   1 
HETATM 1207 O O   . HOH C 3 .   ? -1.572  -14.008 -2.283  1.000 14.461 ? 333 HOH A O   1 
HETATM 1208 O O   . HOH C 3 .   ? -1.775  9.853   -9.899  1.000 19.022 ? 334 HOH A O   1 
HETATM 1209 O O   . HOH C 3 .   ? -0.499  -11.675 3.437   1.000 13.878 ? 335 HOH A O   1 
HETATM 1210 O O   . HOH C 3 .   ? 3.823   -17.029 0.532   1.000 20.247 ? 336 HOH A O   1 
HETATM 1211 O O   . HOH C 3 .   ? 4.316   14.344  1.721   1.000 15.579 ? 337 HOH A O   1 
HETATM 1212 O O   . HOH C 3 .   ? -15.823 3.245   -4.410  1.000 23.487 ? 338 HOH A O   1 
HETATM 1213 O O   . HOH C 3 .   ? 2.832   -1.292  16.481  1.000 20.967 ? 339 HOH A O   1 
HETATM 1214 O O   . HOH C 3 .   ? 7.880   13.284  -0.695  1.000 17.328 ? 340 HOH A O   1 
HETATM 1215 O O   . HOH C 3 .   ? 3.192   7.745   12.855  1.000 20.749 ? 341 HOH A O   1 
HETATM 1216 O O   . HOH C 3 .   ? 3.560   -10.570 13.593  1.000 21.694 ? 342 HOH A O   1 
HETATM 1217 O O   . HOH C 3 .   ? -2.598  -6.506  12.637  1.000 13.223 ? 343 HOH A O   1 
HETATM 1218 O O   . HOH C 3 .   ? 12.108  11.272  -5.282  1.000 16.009 ? 344 HOH A O   1 
HETATM 1219 O O   . HOH C 3 .   ? 2.698   12.635  -12.023 1.000 17.600 ? 345 HOH A O   1 
HETATM 1220 O O   . HOH C 3 .   ? -11.262 4.310   13.289  1.000 18.540 ? 346 HOH A O   1 
HETATM 1221 O O   . HOH C 3 .   ? 12.125  -9.320  6.322   1.000 10.607 ? 347 HOH A O   1 
HETATM 1222 O O   . HOH C 3 .   ? 10.362  10.584  7.109   1.000 27.714 ? 348 HOH A O   1 
HETATM 1223 O O   . HOH C 3 .   ? -4.795  6.395   11.412  1.000 15.874 ? 349 HOH A O   1 
HETATM 1224 O O   . HOH C 3 .   ? 6.541   -1.594  -9.528  1.000 26.933 ? 350 HOH A O   1 
HETATM 1225 O O   . HOH C 3 .   ? -12.536 -0.435  10.965  1.000 23.826 ? 351 HOH A O   1 
HETATM 1226 O O   . HOH C 3 .   ? 2.477   15.033  -15.520 1.000 23.723 ? 352 HOH A O   1 
HETATM 1227 O O   . HOH C 3 .   ? -5.189  16.069  -8.967  1.000 19.435 ? 353 HOH A O   1 
HETATM 1228 O O   . HOH C 3 .   ? 10.026  -9.803  10.807  1.000 15.745 ? 354 HOH A O   1 
HETATM 1229 O O   . HOH C 3 .   ? -14.993 -0.822  -8.525  1.000 16.990 ? 355 HOH A O   1 
HETATM 1230 O O   . HOH C 3 .   ? 11.658  8.614   -3.202  0.500 22.601 ? 356 HOH A O   1 
HETATM 1231 O O   . HOH C 3 .   ? 11.981  5.471   -5.634  0.500 22.966 ? 357 HOH A O   1 
HETATM 1232 O O   . HOH C 3 .   ? -9.987  4.623   -3.759  1.000 16.453 ? 358 HOH A O   1 
HETATM 1233 O O   . HOH C 3 .   ? 5.938   8.922   9.672   1.000 27.294 ? 359 HOH A O   1 
HETATM 1234 O O   . HOH C 3 .   ? -4.676  9.184   -10.266 1.000 25.318 ? 360 HOH A O   1 
HETATM 1235 O O   . HOH C 3 .   ? 13.828  -17.757 4.925   1.000 14.778 ? 361 HOH A O   1 
HETATM 1236 O O   . HOH C 3 .   ? -12.900 -13.952 -1.298  1.000 24.842 ? 362 HOH A O   1 
HETATM 1237 O O   . HOH C 3 .   ? 8.332   -8.442  -5.555  1.000 28.030 ? 363 HOH A O   1 
HETATM 1238 O O   . HOH C 3 .   ? -0.264  -15.345 -5.231  1.000 26.967 ? 364 HOH A O   1 
HETATM 1239 O O   . HOH C 3 .   ? -12.588 -11.989 0.910   1.000 22.875 ? 365 HOH A O   1 
HETATM 1240 O O   . HOH C 3 .   ? 14.466  -12.723 -1.238  1.000 24.818 ? 366 HOH A O   1 
HETATM 1241 O O   . HOH C 3 .   ? -3.336  -13.322 -4.580  1.000 24.355 ? 367 HOH A O   1 
HETATM 1242 O O   . HOH C 3 .   ? -14.710 -0.622  9.576   1.000 28.260 ? 368 HOH A O   1 
HETATM 1243 O O   . HOH C 3 .   ? -11.494 -2.586  11.789  1.000 23.527 ? 369 HOH A O   1 
HETATM 1244 O O   . HOH C 3 .   ? 10.488  -3.514  15.993  1.000 22.467 ? 370 HOH A O   1 
# 
loop_
_pdbx_poly_seq_scheme.asym_id 
_pdbx_poly_seq_scheme.entity_id 
_pdbx_poly_seq_scheme.seq_id 
_pdbx_poly_seq_scheme.mon_id 
_pdbx_poly_seq_scheme.ndb_seq_num 
_pdbx_poly_seq_scheme.pdb_seq_num 
_pdbx_poly_seq_scheme.auth_seq_num 
_pdbx_poly_seq_scheme.pdb_mon_id 
_pdbx_poly_seq_scheme.auth_mon_id 
_pdbx_poly_seq_scheme.pdb_strand_id 
_pdbx_poly_seq_scheme.pdb_ins_code 
_pdbx_poly_seq_scheme.hetero 
A 1 1   GLY 1   -1  ?   ?   ?   A . n 
A 1 2   SER 2   0   ?   ?   ?   A . n 
A 1 3   MET 3   1   1   MET MET A . n 
A 1 4   SER 4   2   2   SER SER A . n 
A 1 5   LEU 5   3   3   LEU LEU A . n 
A 1 6   LEU 6   4   4   LEU LEU A . n 
A 1 7   PRO 7   5   5   PRO PRO A . n 
A 1 8   VAL 8   6   6   VAL VAL A . n 
A 1 9   PRO 9   7   7   PRO PRO A . n 
A 1 10  TYR 10  8   8   TYR TYR A . n 
A 1 11  THR 11  9   9   THR THR A . n 
A 1 12  GLU 12  10  10  GLU GLU A . n 
A 1 13  ALA 13  11  11  ALA ALA A . n 
A 1 14  ALA 14  12  12  ALA ALA A . n 
A 1 15  SER 15  13  13  SER SER A . n 
A 1 16  LEU 16  14  14  LEU LEU A . n 
A 1 17  SER 17  15  15  SER SER A . n 
A 1 18  THR 18  16  16  THR THR A . n 
A 1 19  GLY 19  17  17  GLY GLY A . n 
A 1 20  SER 20  18  18  SER SER A . n 
A 1 21  THR 21  19  19  THR THR A . n 
A 1 22  VAL 22  20  20  VAL VAL A . n 
A 1 23  THR 23  21  21  THR THR A . n 
A 1 24  ILE 24  22  22  ILE ILE A . n 
A 1 25  LYS 25  23  23  LYS LYS A . n 
A 1 26  GLY 26  24  24  GLY GLY A . n 
A 1 27  ARG 27  25  25  ARG ARG A . n 
A 1 28  PRO 28  26  26  PRO PRO A . n 
A 1 29  LEU 29  27  27  LEU LEU A . n 
A 1 30  VAL 30  28  28  VAL VAL A . n 
A 1 31  CYS 31  29  29  CYS CYS A . n 
A 1 32  PHE 32  30  30  PHE PHE A . n 
A 1 33  LEU 33  31  31  LEU LEU A . n 
A 1 34  ASN 34  32  32  ASN ASN A . n 
A 1 35  GLU 35  33  33  GLU GLU A . n 
A 1 36  PRO 36  34  34  PRO PRO A . n 
A 1 37  TYR 37  35  35  TYR TYR A . n 
A 1 38  LEU 38  36  36  LEU LEU A . n 
A 1 39  GLN 39  37  37  GLN GLN A . n 
A 1 40  VAL 40  38  38  VAL VAL A . n 
A 1 41  ASP 41  39  39  ASP ASP A . n 
A 1 42  PHE 42  40  40  PHE PHE A . n 
A 1 43  HIS 43  41  41  HIS HIS A . n 
A 1 44  THR 44  42  42  THR THR A . n 
A 1 45  GLU 45  43  43  GLU GLU A . n 
A 1 46  MET 46  44  44  MET MET A . n 
A 1 47  LYS 47  45  45  LYS LYS A . n 
A 1 48  GLU 48  46  46  GLU GLU A . n 
A 1 49  GLU 49  47  47  GLU GLU A . n 
A 1 50  SER 50  48  48  SER SER A . n 
A 1 51  ASP 51  49  49  ASP ASP A . n 
A 1 52  ILE 52  50  50  ILE ILE A . n 
A 1 53  VAL 53  51  51  VAL VAL A . n 
A 1 54  PHE 54  52  52  PHE PHE A . n 
A 1 55  HIS 55  53  53  HIS HIS A . n 
A 1 56  PHE 56  54  54  PHE PHE A . n 
A 1 57  GLN 57  55  55  GLN GLN A . n 
A 1 58  VAL 58  56  56  VAL VAL A . n 
A 1 59  CYS 59  57  57  CYS CYS A . n 
A 1 60  PHE 60  58  58  PHE PHE A . n 
A 1 61  GLY 61  59  59  GLY GLY A . n 
A 1 62  ARG 62  60  60  ARG ARG A . n 
A 1 63  ARG 63  61  61  ARG ARG A . n 
A 1 64  VAL 64  62  62  VAL VAL A . n 
A 1 65  VAL 65  63  63  VAL VAL A . n 
A 1 66  MET 66  64  64  MET MET A . n 
A 1 67  ASN 67  65  65  ASN ASN A . n 
A 1 68  SER 68  66  66  SER SER A . n 
A 1 69  ARG 69  67  67  ARG ARG A . n 
A 1 70  GLU 70  68  68  GLU GLU A . n 
A 1 71  TYR 71  69  69  TYR TYR A . n 
A 1 72  GLY 72  70  70  GLY GLY A . n 
A 1 73  ALA 73  71  71  ALA ALA A . n 
A 1 74  TRP 74  72  72  TRP TRP A . n 
A 1 75  LYS 75  73  73  LYS LYS A . n 
A 1 76  GLN 76  74  74  GLN GLN A . n 
A 1 77  GLN 77  75  75  GLN GLN A . n 
A 1 78  VAL 78  76  76  VAL VAL A . n 
A 1 79  GLU 79  77  77  GLU GLU A . n 
A 1 80  SER 80  78  78  SER SER A . n 
A 1 81  LYS 81  79  79  LYS LYS A . n 
A 1 82  ASN 82  80  80  ASN ASN A . n 
A 1 83  MET 83  81  81  MET MET A . n 
A 1 84  PRO 84  82  82  PRO PRO A . n 
A 1 85  PHE 85  83  83  PHE PHE A . n 
A 1 86  GLN 86  84  84  GLN GLN A . n 
A 1 87  ASP 87  85  85  ASP ASP A . n 
A 1 88  GLY 88  86  86  GLY GLY A . n 
A 1 89  GLN 89  87  87  GLN GLN A . n 
A 1 90  GLU 90  88  88  GLU GLU A . n 
A 1 91  PHE 91  89  89  PHE PHE A . n 
A 1 92  GLU 92  90  90  GLU GLU A . n 
A 1 93  LEU 93  91  91  LEU LEU A . n 
A 1 94  SER 94  92  92  SER SER A . n 
A 1 95  ILE 95  93  93  ILE ILE A . n 
A 1 96  SER 96  94  94  SER SER A . n 
A 1 97  VAL 97  95  95  VAL VAL A . n 
A 1 98  LEU 98  96  96  LEU LEU A . n 
A 1 99  PRO 99  97  97  PRO PRO A . n 
A 1 100 ASP 100 98  98  ASP ASP A . n 
A 1 101 LYS 101 99  99  LYS LYS A . n 
A 1 102 TYR 102 100 100 TYR TYR A . n 
A 1 103 GLN 103 101 101 GLN GLN A . n 
A 1 104 VAL 104 102 102 VAL VAL A . n 
A 1 105 MET 105 103 103 MET MET A . n 
A 1 106 VAL 106 104 104 VAL VAL A . n 
A 1 107 ASN 107 105 105 ASN ASN A . n 
A 1 108 GLY 108 106 106 GLY GLY A . n 
A 1 109 GLN 109 107 107 GLN GLN A . n 
A 1 110 SER 110 108 108 SER SER A . n 
A 1 111 SER 111 109 109 SER SER A . n 
A 1 112 TYR 112 110 110 TYR TYR A . n 
A 1 113 THR 113 111 111 THR THR A . n 
A 1 114 PHE 114 112 112 PHE PHE A . n 
A 1 115 ASP 115 113 113 ASP ASP A . n 
A 1 116 HIS 116 114 114 HIS HIS A . n 
A 1 117 ARG 117 115 115 ARG ARG A . n 
A 1 118 ILE 118 116 116 ILE ILE A . n 
A 1 119 LYS 119 117 117 LYS LYS A . n 
A 1 120 PRO 120 118 118 PRO PRO A . n 
A 1 121 GLU 121 119 119 GLU GLU A . n 
A 1 122 ALA 122 120 120 ALA ALA A . n 
A 1 123 VAL 123 121 121 VAL VAL A . n 
A 1 124 LYS 124 122 122 LYS LYS A . n 
A 1 125 MET 125 123 123 MET MET A . n 
A 1 126 VAL 126 124 124 VAL VAL A . n 
A 1 127 GLN 127 125 125 GLN GLN A . n 
A 1 128 VAL 128 126 126 VAL VAL A . n 
A 1 129 TRP 129 127 127 TRP TRP A . n 
A 1 130 ARG 130 128 128 ARG ARG A . n 
A 1 131 ASP 131 129 129 ASP ASP A . n 
A 1 132 ILE 132 130 130 ILE ILE A . n 
A 1 133 SER 133 131 131 SER SER A . n 
A 1 134 LEU 134 132 132 LEU LEU A . n 
A 1 135 THR 135 133 133 THR THR A . n 
A 1 136 LYS 136 134 134 LYS LYS A . n 
A 1 137 PHE 137 135 135 PHE PHE A . n 
A 1 138 ASN 138 136 136 ASN ASN A . n 
A 1 139 VAL 139 137 137 VAL VAL A . n 
A 1 140 SER 140 138 138 SER SER A . n 
A 1 141 TYR 141 139 139 TYR TYR A . n 
A 1 142 LEU 142 140 140 LEU LEU A . n 
A 1 143 LYS 143 141 141 LYS LYS A . n 
A 1 144 ARG 144 142 142 ARG ARG A . n 
# 
loop_
_pdbx_nonpoly_scheme.asym_id 
_pdbx_nonpoly_scheme.entity_id 
_pdbx_nonpoly_scheme.mon_id 
_pdbx_nonpoly_scheme.ndb_seq_num 
_pdbx_nonpoly_scheme.pdb_seq_num 
_pdbx_nonpoly_scheme.auth_seq_num 
_pdbx_nonpoly_scheme.pdb_mon_id 
_pdbx_nonpoly_scheme.auth_mon_id 
_pdbx_nonpoly_scheme.pdb_strand_id 
_pdbx_nonpoly_scheme.pdb_ins_code 
B 2 NGA 1  201 201 NGA NGA A . 
C 3 HOH 1  301 56  HOH HOH A . 
C 3 HOH 2  302 49  HOH HOH A . 
C 3 HOH 3  303 67  HOH HOH A . 
C 3 HOH 4  304 25  HOH HOH A . 
C 3 HOH 5  305 24  HOH HOH A . 
C 3 HOH 6  306 43  HOH HOH A . 
C 3 HOH 7  307 39  HOH HOH A . 
C 3 HOH 8  308 64  HOH HOH A . 
C 3 HOH 9  309 19  HOH HOH A . 
C 3 HOH 10 310 23  HOH HOH A . 
C 3 HOH 11 311 42  HOH HOH A . 
C 3 HOH 12 312 44  HOH HOH A . 
C 3 HOH 13 313 2   HOH HOH A . 
C 3 HOH 14 314 63  HOH HOH A . 
C 3 HOH 15 315 3   HOH HOH A . 
C 3 HOH 16 316 29  HOH HOH A . 
C 3 HOH 17 317 45  HOH HOH A . 
C 3 HOH 18 318 17  HOH HOH A . 
C 3 HOH 19 319 60  HOH HOH A . 
C 3 HOH 20 320 58  HOH HOH A . 
C 3 HOH 21 321 59  HOH HOH A . 
C 3 HOH 22 322 13  HOH HOH A . 
C 3 HOH 23 323 27  HOH HOH A . 
C 3 HOH 24 324 40  HOH HOH A . 
C 3 HOH 25 325 18  HOH HOH A . 
C 3 HOH 26 326 6   HOH HOH A . 
C 3 HOH 27 327 10  HOH HOH A . 
C 3 HOH 28 328 53  HOH HOH A . 
C 3 HOH 29 329 26  HOH HOH A . 
C 3 HOH 30 330 46  HOH HOH A . 
C 3 HOH 31 331 69  HOH HOH A . 
C 3 HOH 32 332 62  HOH HOH A . 
C 3 HOH 33 333 7   HOH HOH A . 
C 3 HOH 34 334 15  HOH HOH A . 
C 3 HOH 35 335 16  HOH HOH A . 
C 3 HOH 36 336 11  HOH HOH A . 
C 3 HOH 37 337 14  HOH HOH A . 
C 3 HOH 38 338 47  HOH HOH A . 
C 3 HOH 39 339 36  HOH HOH A . 
C 3 HOH 40 340 50  HOH HOH A . 
C 3 HOH 41 341 54  HOH HOH A . 
C 3 HOH 42 342 52  HOH HOH A . 
C 3 HOH 43 343 4   HOH HOH A . 
C 3 HOH 44 344 34  HOH HOH A . 
C 3 HOH 45 345 21  HOH HOH A . 
C 3 HOH 46 346 35  HOH HOH A . 
C 3 HOH 47 347 1   HOH HOH A . 
C 3 HOH 48 348 41  HOH HOH A . 
C 3 HOH 49 349 12  HOH HOH A . 
C 3 HOH 50 350 55  HOH HOH A . 
C 3 HOH 51 351 57  HOH HOH A . 
C 3 HOH 52 352 30  HOH HOH A . 
C 3 HOH 53 353 31  HOH HOH A . 
C 3 HOH 54 354 8   HOH HOH A . 
C 3 HOH 55 355 28  HOH HOH A . 
C 3 HOH 56 356 38  HOH HOH A . 
C 3 HOH 57 357 5   HOH HOH A . 
C 3 HOH 58 358 20  HOH HOH A . 
C 3 HOH 59 359 70  HOH HOH A . 
C 3 HOH 60 360 68  HOH HOH A . 
C 3 HOH 61 361 9   HOH HOH A . 
C 3 HOH 62 362 33  HOH HOH A . 
C 3 HOH 63 363 48  HOH HOH A . 
C 3 HOH 64 364 65  HOH HOH A . 
C 3 HOH 65 365 22  HOH HOH A . 
C 3 HOH 66 366 61  HOH HOH A . 
C 3 HOH 67 367 51  HOH HOH A . 
C 3 HOH 68 368 66  HOH HOH A . 
C 3 HOH 69 369 32  HOH HOH A . 
C 3 HOH 70 370 37  HOH HOH A . 
# 
_pdbx_struct_assembly.id                   1 
_pdbx_struct_assembly.details              author_and_software_defined_assembly 
_pdbx_struct_assembly.method_details       PISA 
_pdbx_struct_assembly.oligomeric_details   dimeric 
_pdbx_struct_assembly.oligomeric_count     2 
# 
_pdbx_struct_assembly_gen.assembly_id       1 
_pdbx_struct_assembly_gen.oper_expression   1,2 
_pdbx_struct_assembly_gen.asym_id_list      A,B,C 
# 
loop_
_pdbx_struct_assembly_prop.biol_id 
_pdbx_struct_assembly_prop.type 
_pdbx_struct_assembly_prop.value 
_pdbx_struct_assembly_prop.details 
1 'ABSA (A^2)' 1670  ? 
1 MORE         -6    ? 
1 'SSA (A^2)'  13430 ? 
# 
loop_
_pdbx_struct_oper_list.id 
_pdbx_struct_oper_list.type 
_pdbx_struct_oper_list.name 
_pdbx_struct_oper_list.symmetry_operation 
_pdbx_struct_oper_list.matrix[1][1] 
_pdbx_struct_oper_list.matrix[1][2] 
_pdbx_struct_oper_list.matrix[1][3] 
_pdbx_struct_oper_list.vector[1] 
_pdbx_struct_oper_list.matrix[2][1] 
_pdbx_struct_oper_list.matrix[2][2] 
_pdbx_struct_oper_list.matrix[2][3] 
_pdbx_struct_oper_list.vector[2] 
_pdbx_struct_oper_list.matrix[3][1] 
_pdbx_struct_oper_list.matrix[3][2] 
_pdbx_struct_oper_list.matrix[3][3] 
_pdbx_struct_oper_list.vector[3] 
1 'identity operation'         1_555  x,y,z         1.0000000000  0.0000000000  0.0000000000  0.0000000000  0.0000000000  1.0000000000 0.0000000000 0.0000000000  0.0000000000  0.0000000000 1.0000000000  0.0000000000   
2 'crystal symmetry operation' 11_555 -x+y,y,-z+1/2 -0.9868353889 -0.1279043966 -0.0989766665 23.9473186229 -0.1279043966 0.2426903131 0.9616350021 11.0937704072 -0.0989766665 0.9616350021 -0.2558549241 -11.1509602473 
# 
loop_
_pdbx_struct_special_symmetry.id 
_pdbx_struct_special_symmetry.PDB_model_num 
_pdbx_struct_special_symmetry.auth_asym_id 
_pdbx_struct_special_symmetry.auth_comp_id 
_pdbx_struct_special_symmetry.auth_seq_id 
_pdbx_struct_special_symmetry.PDB_ins_code 
_pdbx_struct_special_symmetry.label_asym_id 
_pdbx_struct_special_symmetry.label_comp_id 
_pdbx_struct_special_symmetry.label_seq_id 
1 1 A HOH 356 ? C HOH . 
2 1 A HOH 357 ? C HOH . 
# 
loop_
_pdbx_audit_revision_history.ordinal 
_pdbx_audit_revision_history.data_content_type 
_pdbx_audit_revision_history.major_revision 
_pdbx_audit_revision_history.minor_revision 
_pdbx_audit_revision_history.revision_date 
1 'Structure model' 1 0 2020-03-04 
2 'Structure model' 1 1 2020-07-29 
3 'Structure model' 1 2 2023-11-22 
# 
loop_
_pdbx_audit_revision_details.ordinal 
_pdbx_audit_revision_details.revision_ordinal 
_pdbx_audit_revision_details.data_content_type 
_pdbx_audit_revision_details.provider 
_pdbx_audit_revision_details.type 
_pdbx_audit_revision_details.description 
_pdbx_audit_revision_details.details 
1 1 'Structure model' repository 'Initial release' ?                          ? 
2 2 'Structure model' repository Remediation       'Carbohydrate remediation' ? 
# 
loop_
_pdbx_audit_revision_group.ordinal 
_pdbx_audit_revision_group.revision_ordinal 
_pdbx_audit_revision_group.data_content_type 
_pdbx_audit_revision_group.group 
1 2 'Structure model' 'Data collection'        
2 2 'Structure model' 'Derived calculations'   
3 2 'Structure model' 'Structure summary'      
4 3 'Structure model' 'Data collection'        
5 3 'Structure model' 'Database references'    
6 3 'Structure model' 'Derived calculations'   
7 3 'Structure model' 'Refinement description' 
8 3 'Structure model' 'Structure summary'      
# 
loop_
_pdbx_audit_revision_category.ordinal 
_pdbx_audit_revision_category.revision_ordinal 
_pdbx_audit_revision_category.data_content_type 
_pdbx_audit_revision_category.category 
1  2 'Structure model' chem_comp                     
2  2 'Structure model' entity                        
3  2 'Structure model' pdbx_chem_comp_identifier     
4  2 'Structure model' pdbx_entity_nonpoly           
5  3 'Structure model' atom_type                     
6  3 'Structure model' chem_comp                     
7  3 'Structure model' chem_comp_atom                
8  3 'Structure model' chem_comp_bond                
9  3 'Structure model' database_2                    
10 3 'Structure model' pdbx_initial_refinement_model 
# 
loop_
_pdbx_audit_revision_item.ordinal 
_pdbx_audit_revision_item.revision_ordinal 
_pdbx_audit_revision_item.data_content_type 
_pdbx_audit_revision_item.item 
1 2 'Structure model' '_chem_comp.name'                     
2 2 'Structure model' '_entity.pdbx_description'            
3 2 'Structure model' '_pdbx_entity_nonpoly.name'           
4 3 'Structure model' '_atom_type.pdbx_N_electrons'         
5 3 'Structure model' '_atom_type.pdbx_scat_Z'              
6 3 'Structure model' '_chem_comp.pdbx_synonyms'            
7 3 'Structure model' '_database_2.pdbx_DOI'                
8 3 'Structure model' '_database_2.pdbx_database_accession' 
# 
loop_
_software.citation_id 
_software.classification 
_software.compiler_name 
_software.compiler_version 
_software.contact_author 
_software.contact_author_email 
_software.date 
_software.description 
_software.dependencies 
_software.hardware 
_software.language 
_software.location 
_software.mods 
_software.name 
_software.os 
_software.os_version 
_software.type 
_software.version 
_software.pdbx_ordinal 
? refinement       ? ? ? ? ? ? ? ? ? ? ? REFMAC ? ? ? 5.8.0253 1 
? 'data reduction' ? ? ? ? ? ? ? ? ? ? ? XDS    ? ? ? .        2 
? 'data scaling'   ? ? ? ? ? ? ? ? ? ? ? XDS    ? ? ? .        3 
? phasing          ? ? ? ? ? ? ? ? ? ? ? MOLREP ? ? ? .        4 
# 
_pdbx_entry_details.entry_id                 6L6D 
_pdbx_entry_details.has_ligand_of_interest   Y 
_pdbx_entry_details.compound_details         ? 
_pdbx_entry_details.source_details           ? 
_pdbx_entry_details.nonpolymer_details       ? 
_pdbx_entry_details.sequence_details         ? 
# 
loop_
_pdbx_validate_torsion.id 
_pdbx_validate_torsion.PDB_model_num 
_pdbx_validate_torsion.auth_comp_id 
_pdbx_validate_torsion.auth_asym_id 
_pdbx_validate_torsion.auth_seq_id 
_pdbx_validate_torsion.PDB_ins_code 
_pdbx_validate_torsion.label_alt_id 
_pdbx_validate_torsion.phi 
_pdbx_validate_torsion.psi 
1 1 ARG A 60  ? ? -127.36 -68.16  
2 1 LYS A 73  ? ? -98.26  -151.92 
3 1 SER A 109 ? ? -132.69 -35.69  
4 1 ARG A 128 ? ? 83.68   -146.03 
5 1 ASP A 129 ? ? -94.70  57.15   
# 
loop_
_pdbx_unobs_or_zero_occ_residues.id 
_pdbx_unobs_or_zero_occ_residues.PDB_model_num 
_pdbx_unobs_or_zero_occ_residues.polymer_flag 
_pdbx_unobs_or_zero_occ_residues.occupancy_flag 
_pdbx_unobs_or_zero_occ_residues.auth_asym_id 
_pdbx_unobs_or_zero_occ_residues.auth_comp_id 
_pdbx_unobs_or_zero_occ_residues.auth_seq_id 
_pdbx_unobs_or_zero_occ_residues.PDB_ins_code 
_pdbx_unobs_or_zero_occ_residues.label_asym_id 
_pdbx_unobs_or_zero_occ_residues.label_comp_id 
_pdbx_unobs_or_zero_occ_residues.label_seq_id 
1 1 Y 1 A GLY -1 ? A GLY 1 
2 1 Y 1 A SER 0  ? A SER 2 
# 
loop_
_chem_comp_atom.comp_id 
_chem_comp_atom.atom_id 
_chem_comp_atom.type_symbol 
_chem_comp_atom.pdbx_aromatic_flag 
_chem_comp_atom.pdbx_stereo_config 
_chem_comp_atom.pdbx_ordinal 
ALA N    N N N 1   
ALA CA   C N S 2   
ALA C    C N N 3   
ALA O    O N N 4   
ALA CB   C N N 5   
ALA OXT  O N N 6   
ALA H    H N N 7   
ALA H2   H N N 8   
ALA HA   H N N 9   
ALA HB1  H N N 10  
ALA HB2  H N N 11  
ALA HB3  H N N 12  
ALA HXT  H N N 13  
ARG N    N N N 14  
ARG CA   C N S 15  
ARG C    C N N 16  
ARG O    O N N 17  
ARG CB   C N N 18  
ARG CG   C N N 19  
ARG CD   C N N 20  
ARG NE   N N N 21  
ARG CZ   C N N 22  
ARG NH1  N N N 23  
ARG NH2  N N N 24  
ARG OXT  O N N 25  
ARG H    H N N 26  
ARG H2   H N N 27  
ARG HA   H N N 28  
ARG HB2  H N N 29  
ARG HB3  H N N 30  
ARG HG2  H N N 31  
ARG HG3  H N N 32  
ARG HD2  H N N 33  
ARG HD3  H N N 34  
ARG HE   H N N 35  
ARG HH11 H N N 36  
ARG HH12 H N N 37  
ARG HH21 H N N 38  
ARG HH22 H N N 39  
ARG HXT  H N N 40  
ASN N    N N N 41  
ASN CA   C N S 42  
ASN C    C N N 43  
ASN O    O N N 44  
ASN CB   C N N 45  
ASN CG   C N N 46  
ASN OD1  O N N 47  
ASN ND2  N N N 48  
ASN OXT  O N N 49  
ASN H    H N N 50  
ASN H2   H N N 51  
ASN HA   H N N 52  
ASN HB2  H N N 53  
ASN HB3  H N N 54  
ASN HD21 H N N 55  
ASN HD22 H N N 56  
ASN HXT  H N N 57  
ASP N    N N N 58  
ASP CA   C N S 59  
ASP C    C N N 60  
ASP O    O N N 61  
ASP CB   C N N 62  
ASP CG   C N N 63  
ASP OD1  O N N 64  
ASP OD2  O N N 65  
ASP OXT  O N N 66  
ASP H    H N N 67  
ASP H2   H N N 68  
ASP HA   H N N 69  
ASP HB2  H N N 70  
ASP HB3  H N N 71  
ASP HD2  H N N 72  
ASP HXT  H N N 73  
CYS N    N N N 74  
CYS CA   C N R 75  
CYS C    C N N 76  
CYS O    O N N 77  
CYS CB   C N N 78  
CYS SG   S N N 79  
CYS OXT  O N N 80  
CYS H    H N N 81  
CYS H2   H N N 82  
CYS HA   H N N 83  
CYS HB2  H N N 84  
CYS HB3  H N N 85  
CYS HG   H N N 86  
CYS HXT  H N N 87  
GLN N    N N N 88  
GLN CA   C N S 89  
GLN C    C N N 90  
GLN O    O N N 91  
GLN CB   C N N 92  
GLN CG   C N N 93  
GLN CD   C N N 94  
GLN OE1  O N N 95  
GLN NE2  N N N 96  
GLN OXT  O N N 97  
GLN H    H N N 98  
GLN H2   H N N 99  
GLN HA   H N N 100 
GLN HB2  H N N 101 
GLN HB3  H N N 102 
GLN HG2  H N N 103 
GLN HG3  H N N 104 
GLN HE21 H N N 105 
GLN HE22 H N N 106 
GLN HXT  H N N 107 
GLU N    N N N 108 
GLU CA   C N S 109 
GLU C    C N N 110 
GLU O    O N N 111 
GLU CB   C N N 112 
GLU CG   C N N 113 
GLU CD   C N N 114 
GLU OE1  O N N 115 
GLU OE2  O N N 116 
GLU OXT  O N N 117 
GLU H    H N N 118 
GLU H2   H N N 119 
GLU HA   H N N 120 
GLU HB2  H N N 121 
GLU HB3  H N N 122 
GLU HG2  H N N 123 
GLU HG3  H N N 124 
GLU HE2  H N N 125 
GLU HXT  H N N 126 
GLY N    N N N 127 
GLY CA   C N N 128 
GLY C    C N N 129 
GLY O    O N N 130 
GLY OXT  O N N 131 
GLY H    H N N 132 
GLY H2   H N N 133 
GLY HA2  H N N 134 
GLY HA3  H N N 135 
GLY HXT  H N N 136 
HIS N    N N N 137 
HIS CA   C N S 138 
HIS C    C N N 139 
HIS O    O N N 140 
HIS CB   C N N 141 
HIS CG   C Y N 142 
HIS ND1  N Y N 143 
HIS CD2  C Y N 144 
HIS CE1  C Y N 145 
HIS NE2  N Y N 146 
HIS OXT  O N N 147 
HIS H    H N N 148 
HIS H2   H N N 149 
HIS HA   H N N 150 
HIS HB2  H N N 151 
HIS HB3  H N N 152 
HIS HD1  H N N 153 
HIS HD2  H N N 154 
HIS HE1  H N N 155 
HIS HE2  H N N 156 
HIS HXT  H N N 157 
HOH O    O N N 158 
HOH H1   H N N 159 
HOH H2   H N N 160 
ILE N    N N N 161 
ILE CA   C N S 162 
ILE C    C N N 163 
ILE O    O N N 164 
ILE CB   C N S 165 
ILE CG1  C N N 166 
ILE CG2  C N N 167 
ILE CD1  C N N 168 
ILE OXT  O N N 169 
ILE H    H N N 170 
ILE H2   H N N 171 
ILE HA   H N N 172 
ILE HB   H N N 173 
ILE HG12 H N N 174 
ILE HG13 H N N 175 
ILE HG21 H N N 176 
ILE HG22 H N N 177 
ILE HG23 H N N 178 
ILE HD11 H N N 179 
ILE HD12 H N N 180 
ILE HD13 H N N 181 
ILE HXT  H N N 182 
LEU N    N N N 183 
LEU CA   C N S 184 
LEU C    C N N 185 
LEU O    O N N 186 
LEU CB   C N N 187 
LEU CG   C N N 188 
LEU CD1  C N N 189 
LEU CD2  C N N 190 
LEU OXT  O N N 191 
LEU H    H N N 192 
LEU H2   H N N 193 
LEU HA   H N N 194 
LEU HB2  H N N 195 
LEU HB3  H N N 196 
LEU HG   H N N 197 
LEU HD11 H N N 198 
LEU HD12 H N N 199 
LEU HD13 H N N 200 
LEU HD21 H N N 201 
LEU HD22 H N N 202 
LEU HD23 H N N 203 
LEU HXT  H N N 204 
LYS N    N N N 205 
LYS CA   C N S 206 
LYS C    C N N 207 
LYS O    O N N 208 
LYS CB   C N N 209 
LYS CG   C N N 210 
LYS CD   C N N 211 
LYS CE   C N N 212 
LYS NZ   N N N 213 
LYS OXT  O N N 214 
LYS H    H N N 215 
LYS H2   H N N 216 
LYS HA   H N N 217 
LYS HB2  H N N 218 
LYS HB3  H N N 219 
LYS HG2  H N N 220 
LYS HG3  H N N 221 
LYS HD2  H N N 222 
LYS HD3  H N N 223 
LYS HE2  H N N 224 
LYS HE3  H N N 225 
LYS HZ1  H N N 226 
LYS HZ2  H N N 227 
LYS HZ3  H N N 228 
LYS HXT  H N N 229 
MET N    N N N 230 
MET CA   C N S 231 
MET C    C N N 232 
MET O    O N N 233 
MET CB   C N N 234 
MET CG   C N N 235 
MET SD   S N N 236 
MET CE   C N N 237 
MET OXT  O N N 238 
MET H    H N N 239 
MET H2   H N N 240 
MET HA   H N N 241 
MET HB2  H N N 242 
MET HB3  H N N 243 
MET HG2  H N N 244 
MET HG3  H N N 245 
MET HE1  H N N 246 
MET HE2  H N N 247 
MET HE3  H N N 248 
MET HXT  H N N 249 
NGA C1   C N R 250 
NGA C2   C N R 251 
NGA C3   C N R 252 
NGA C4   C N R 253 
NGA C5   C N R 254 
NGA C6   C N N 255 
NGA C7   C N N 256 
NGA C8   C N N 257 
NGA N2   N N N 258 
NGA O1   O N N 259 
NGA O3   O N N 260 
NGA O4   O N N 261 
NGA O5   O N N 262 
NGA O6   O N N 263 
NGA O7   O N N 264 
NGA H1   H N N 265 
NGA H2   H N N 266 
NGA H3   H N N 267 
NGA H4   H N N 268 
NGA H5   H N N 269 
NGA H61  H N N 270 
NGA H62  H N N 271 
NGA H81  H N N 272 
NGA H82  H N N 273 
NGA H83  H N N 274 
NGA HN2  H N N 275 
NGA HO1  H N N 276 
NGA HO3  H N N 277 
NGA HO4  H N N 278 
NGA HO6  H N N 279 
PHE N    N N N 280 
PHE CA   C N S 281 
PHE C    C N N 282 
PHE O    O N N 283 
PHE CB   C N N 284 
PHE CG   C Y N 285 
PHE CD1  C Y N 286 
PHE CD2  C Y N 287 
PHE CE1  C Y N 288 
PHE CE2  C Y N 289 
PHE CZ   C Y N 290 
PHE OXT  O N N 291 
PHE H    H N N 292 
PHE H2   H N N 293 
PHE HA   H N N 294 
PHE HB2  H N N 295 
PHE HB3  H N N 296 
PHE HD1  H N N 297 
PHE HD2  H N N 298 
PHE HE1  H N N 299 
PHE HE2  H N N 300 
PHE HZ   H N N 301 
PHE HXT  H N N 302 
PRO N    N N N 303 
PRO CA   C N S 304 
PRO C    C N N 305 
PRO O    O N N 306 
PRO CB   C N N 307 
PRO CG   C N N 308 
PRO CD   C N N 309 
PRO OXT  O N N 310 
PRO H    H N N 311 
PRO HA   H N N 312 
PRO HB2  H N N 313 
PRO HB3  H N N 314 
PRO HG2  H N N 315 
PRO HG3  H N N 316 
PRO HD2  H N N 317 
PRO HD3  H N N 318 
PRO HXT  H N N 319 
SER N    N N N 320 
SER CA   C N S 321 
SER C    C N N 322 
SER O    O N N 323 
SER CB   C N N 324 
SER OG   O N N 325 
SER OXT  O N N 326 
SER H    H N N 327 
SER H2   H N N 328 
SER HA   H N N 329 
SER HB2  H N N 330 
SER HB3  H N N 331 
SER HG   H N N 332 
SER HXT  H N N 333 
THR N    N N N 334 
THR CA   C N S 335 
THR C    C N N 336 
THR O    O N N 337 
THR CB   C N R 338 
THR OG1  O N N 339 
THR CG2  C N N 340 
THR OXT  O N N 341 
THR H    H N N 342 
THR H2   H N N 343 
THR HA   H N N 344 
THR HB   H N N 345 
THR HG1  H N N 346 
THR HG21 H N N 347 
THR HG22 H N N 348 
THR HG23 H N N 349 
THR HXT  H N N 350 
TRP N    N N N 351 
TRP CA   C N S 352 
TRP C    C N N 353 
TRP O    O N N 354 
TRP CB   C N N 355 
TRP CG   C Y N 356 
TRP CD1  C Y N 357 
TRP CD2  C Y N 358 
TRP NE1  N Y N 359 
TRP CE2  C Y N 360 
TRP CE3  C Y N 361 
TRP CZ2  C Y N 362 
TRP CZ3  C Y N 363 
TRP CH2  C Y N 364 
TRP OXT  O N N 365 
TRP H    H N N 366 
TRP H2   H N N 367 
TRP HA   H N N 368 
TRP HB2  H N N 369 
TRP HB3  H N N 370 
TRP HD1  H N N 371 
TRP HE1  H N N 372 
TRP HE3  H N N 373 
TRP HZ2  H N N 374 
TRP HZ3  H N N 375 
TRP HH2  H N N 376 
TRP HXT  H N N 377 
TYR N    N N N 378 
TYR CA   C N S 379 
TYR C    C N N 380 
TYR O    O N N 381 
TYR CB   C N N 382 
TYR CG   C Y N 383 
TYR CD1  C Y N 384 
TYR CD2  C Y N 385 
TYR CE1  C Y N 386 
TYR CE2  C Y N 387 
TYR CZ   C Y N 388 
TYR OH   O N N 389 
TYR OXT  O N N 390 
TYR H    H N N 391 
TYR H2   H N N 392 
TYR HA   H N N 393 
TYR HB2  H N N 394 
TYR HB3  H N N 395 
TYR HD1  H N N 396 
TYR HD2  H N N 397 
TYR HE1  H N N 398 
TYR HE2  H N N 399 
TYR HH   H N N 400 
TYR HXT  H N N 401 
VAL N    N N N 402 
VAL CA   C N S 403 
VAL C    C N N 404 
VAL O    O N N 405 
VAL CB   C N N 406 
VAL CG1  C N N 407 
VAL CG2  C N N 408 
VAL OXT  O N N 409 
VAL H    H N N 410 
VAL H2   H N N 411 
VAL HA   H N N 412 
VAL HB   H N N 413 
VAL HG11 H N N 414 
VAL HG12 H N N 415 
VAL HG13 H N N 416 
VAL HG21 H N N 417 
VAL HG22 H N N 418 
VAL HG23 H N N 419 
VAL HXT  H N N 420 
# 
loop_
_chem_comp_bond.comp_id 
_chem_comp_bond.atom_id_1 
_chem_comp_bond.atom_id_2 
_chem_comp_bond.value_order 
_chem_comp_bond.pdbx_aromatic_flag 
_chem_comp_bond.pdbx_stereo_config 
_chem_comp_bond.pdbx_ordinal 
ALA N   CA   sing N N 1   
ALA N   H    sing N N 2   
ALA N   H2   sing N N 3   
ALA CA  C    sing N N 4   
ALA CA  CB   sing N N 5   
ALA CA  HA   sing N N 6   
ALA C   O    doub N N 7   
ALA C   OXT  sing N N 8   
ALA CB  HB1  sing N N 9   
ALA CB  HB2  sing N N 10  
ALA CB  HB3  sing N N 11  
ALA OXT HXT  sing N N 12  
ARG N   CA   sing N N 13  
ARG N   H    sing N N 14  
ARG N   H2   sing N N 15  
ARG CA  C    sing N N 16  
ARG CA  CB   sing N N 17  
ARG CA  HA   sing N N 18  
ARG C   O    doub N N 19  
ARG C   OXT  sing N N 20  
ARG CB  CG   sing N N 21  
ARG CB  HB2  sing N N 22  
ARG CB  HB3  sing N N 23  
ARG CG  CD   sing N N 24  
ARG CG  HG2  sing N N 25  
ARG CG  HG3  sing N N 26  
ARG CD  NE   sing N N 27  
ARG CD  HD2  sing N N 28  
ARG CD  HD3  sing N N 29  
ARG NE  CZ   sing N N 30  
ARG NE  HE   sing N N 31  
ARG CZ  NH1  sing N N 32  
ARG CZ  NH2  doub N N 33  
ARG NH1 HH11 sing N N 34  
ARG NH1 HH12 sing N N 35  
ARG NH2 HH21 sing N N 36  
ARG NH2 HH22 sing N N 37  
ARG OXT HXT  sing N N 38  
ASN N   CA   sing N N 39  
ASN N   H    sing N N 40  
ASN N   H2   sing N N 41  
ASN CA  C    sing N N 42  
ASN CA  CB   sing N N 43  
ASN CA  HA   sing N N 44  
ASN C   O    doub N N 45  
ASN C   OXT  sing N N 46  
ASN CB  CG   sing N N 47  
ASN CB  HB2  sing N N 48  
ASN CB  HB3  sing N N 49  
ASN CG  OD1  doub N N 50  
ASN CG  ND2  sing N N 51  
ASN ND2 HD21 sing N N 52  
ASN ND2 HD22 sing N N 53  
ASN OXT HXT  sing N N 54  
ASP N   CA   sing N N 55  
ASP N   H    sing N N 56  
ASP N   H2   sing N N 57  
ASP CA  C    sing N N 58  
ASP CA  CB   sing N N 59  
ASP CA  HA   sing N N 60  
ASP C   O    doub N N 61  
ASP C   OXT  sing N N 62  
ASP CB  CG   sing N N 63  
ASP CB  HB2  sing N N 64  
ASP CB  HB3  sing N N 65  
ASP CG  OD1  doub N N 66  
ASP CG  OD2  sing N N 67  
ASP OD2 HD2  sing N N 68  
ASP OXT HXT  sing N N 69  
CYS N   CA   sing N N 70  
CYS N   H    sing N N 71  
CYS N   H2   sing N N 72  
CYS CA  C    sing N N 73  
CYS CA  CB   sing N N 74  
CYS CA  HA   sing N N 75  
CYS C   O    doub N N 76  
CYS C   OXT  sing N N 77  
CYS CB  SG   sing N N 78  
CYS CB  HB2  sing N N 79  
CYS CB  HB3  sing N N 80  
CYS SG  HG   sing N N 81  
CYS OXT HXT  sing N N 82  
GLN N   CA   sing N N 83  
GLN N   H    sing N N 84  
GLN N   H2   sing N N 85  
GLN CA  C    sing N N 86  
GLN CA  CB   sing N N 87  
GLN CA  HA   sing N N 88  
GLN C   O    doub N N 89  
GLN C   OXT  sing N N 90  
GLN CB  CG   sing N N 91  
GLN CB  HB2  sing N N 92  
GLN CB  HB3  sing N N 93  
GLN CG  CD   sing N N 94  
GLN CG  HG2  sing N N 95  
GLN CG  HG3  sing N N 96  
GLN CD  OE1  doub N N 97  
GLN CD  NE2  sing N N 98  
GLN NE2 HE21 sing N N 99  
GLN NE2 HE22 sing N N 100 
GLN OXT HXT  sing N N 101 
GLU N   CA   sing N N 102 
GLU N   H    sing N N 103 
GLU N   H2   sing N N 104 
GLU CA  C    sing N N 105 
GLU CA  CB   sing N N 106 
GLU CA  HA   sing N N 107 
GLU C   O    doub N N 108 
GLU C   OXT  sing N N 109 
GLU CB  CG   sing N N 110 
GLU CB  HB2  sing N N 111 
GLU CB  HB3  sing N N 112 
GLU CG  CD   sing N N 113 
GLU CG  HG2  sing N N 114 
GLU CG  HG3  sing N N 115 
GLU CD  OE1  doub N N 116 
GLU CD  OE2  sing N N 117 
GLU OE2 HE2  sing N N 118 
GLU OXT HXT  sing N N 119 
GLY N   CA   sing N N 120 
GLY N   H    sing N N 121 
GLY N   H2   sing N N 122 
GLY CA  C    sing N N 123 
GLY CA  HA2  sing N N 124 
GLY CA  HA3  sing N N 125 
GLY C   O    doub N N 126 
GLY C   OXT  sing N N 127 
GLY OXT HXT  sing N N 128 
HIS N   CA   sing N N 129 
HIS N   H    sing N N 130 
HIS N   H2   sing N N 131 
HIS CA  C    sing N N 132 
HIS CA  CB   sing N N 133 
HIS CA  HA   sing N N 134 
HIS C   O    doub N N 135 
HIS C   OXT  sing N N 136 
HIS CB  CG   sing N N 137 
HIS CB  HB2  sing N N 138 
HIS CB  HB3  sing N N 139 
HIS CG  ND1  sing Y N 140 
HIS CG  CD2  doub Y N 141 
HIS ND1 CE1  doub Y N 142 
HIS ND1 HD1  sing N N 143 
HIS CD2 NE2  sing Y N 144 
HIS CD2 HD2  sing N N 145 
HIS CE1 NE2  sing Y N 146 
HIS CE1 HE1  sing N N 147 
HIS NE2 HE2  sing N N 148 
HIS OXT HXT  sing N N 149 
HOH O   H1   sing N N 150 
HOH O   H2   sing N N 151 
ILE N   CA   sing N N 152 
ILE N   H    sing N N 153 
ILE N   H2   sing N N 154 
ILE CA  C    sing N N 155 
ILE CA  CB   sing N N 156 
ILE CA  HA   sing N N 157 
ILE C   O    doub N N 158 
ILE C   OXT  sing N N 159 
ILE CB  CG1  sing N N 160 
ILE CB  CG2  sing N N 161 
ILE CB  HB   sing N N 162 
ILE CG1 CD1  sing N N 163 
ILE CG1 HG12 sing N N 164 
ILE CG1 HG13 sing N N 165 
ILE CG2 HG21 sing N N 166 
ILE CG2 HG22 sing N N 167 
ILE CG2 HG23 sing N N 168 
ILE CD1 HD11 sing N N 169 
ILE CD1 HD12 sing N N 170 
ILE CD1 HD13 sing N N 171 
ILE OXT HXT  sing N N 172 
LEU N   CA   sing N N 173 
LEU N   H    sing N N 174 
LEU N   H2   sing N N 175 
LEU CA  C    sing N N 176 
LEU CA  CB   sing N N 177 
LEU CA  HA   sing N N 178 
LEU C   O    doub N N 179 
LEU C   OXT  sing N N 180 
LEU CB  CG   sing N N 181 
LEU CB  HB2  sing N N 182 
LEU CB  HB3  sing N N 183 
LEU CG  CD1  sing N N 184 
LEU CG  CD2  sing N N 185 
LEU CG  HG   sing N N 186 
LEU CD1 HD11 sing N N 187 
LEU CD1 HD12 sing N N 188 
LEU CD1 HD13 sing N N 189 
LEU CD2 HD21 sing N N 190 
LEU CD2 HD22 sing N N 191 
LEU CD2 HD23 sing N N 192 
LEU OXT HXT  sing N N 193 
LYS N   CA   sing N N 194 
LYS N   H    sing N N 195 
LYS N   H2   sing N N 196 
LYS CA  C    sing N N 197 
LYS CA  CB   sing N N 198 
LYS CA  HA   sing N N 199 
LYS C   O    doub N N 200 
LYS C   OXT  sing N N 201 
LYS CB  CG   sing N N 202 
LYS CB  HB2  sing N N 203 
LYS CB  HB3  sing N N 204 
LYS CG  CD   sing N N 205 
LYS CG  HG2  sing N N 206 
LYS CG  HG3  sing N N 207 
LYS CD  CE   sing N N 208 
LYS CD  HD2  sing N N 209 
LYS CD  HD3  sing N N 210 
LYS CE  NZ   sing N N 211 
LYS CE  HE2  sing N N 212 
LYS CE  HE3  sing N N 213 
LYS NZ  HZ1  sing N N 214 
LYS NZ  HZ2  sing N N 215 
LYS NZ  HZ3  sing N N 216 
LYS OXT HXT  sing N N 217 
MET N   CA   sing N N 218 
MET N   H    sing N N 219 
MET N   H2   sing N N 220 
MET CA  C    sing N N 221 
MET CA  CB   sing N N 222 
MET CA  HA   sing N N 223 
MET C   O    doub N N 224 
MET C   OXT  sing N N 225 
MET CB  CG   sing N N 226 
MET CB  HB2  sing N N 227 
MET CB  HB3  sing N N 228 
MET CG  SD   sing N N 229 
MET CG  HG2  sing N N 230 
MET CG  HG3  sing N N 231 
MET SD  CE   sing N N 232 
MET CE  HE1  sing N N 233 
MET CE  HE2  sing N N 234 
MET CE  HE3  sing N N 235 
MET OXT HXT  sing N N 236 
NGA C1  C2   sing N N 237 
NGA C1  O1   sing N N 238 
NGA C1  O5   sing N N 239 
NGA C1  H1   sing N N 240 
NGA C2  C3   sing N N 241 
NGA C2  N2   sing N N 242 
NGA C2  H2   sing N N 243 
NGA C3  C4   sing N N 244 
NGA C3  O3   sing N N 245 
NGA C3  H3   sing N N 246 
NGA C4  C5   sing N N 247 
NGA C4  O4   sing N N 248 
NGA C4  H4   sing N N 249 
NGA C5  C6   sing N N 250 
NGA C5  O5   sing N N 251 
NGA C5  H5   sing N N 252 
NGA C6  O6   sing N N 253 
NGA C6  H61  sing N N 254 
NGA C6  H62  sing N N 255 
NGA C7  C8   sing N N 256 
NGA C7  N2   sing N N 257 
NGA C7  O7   doub N N 258 
NGA C8  H81  sing N N 259 
NGA C8  H82  sing N N 260 
NGA C8  H83  sing N N 261 
NGA N2  HN2  sing N N 262 
NGA O1  HO1  sing N N 263 
NGA O3  HO3  sing N N 264 
NGA O4  HO4  sing N N 265 
NGA O6  HO6  sing N N 266 
PHE N   CA   sing N N 267 
PHE N   H    sing N N 268 
PHE N   H2   sing N N 269 
PHE CA  C    sing N N 270 
PHE CA  CB   sing N N 271 
PHE CA  HA   sing N N 272 
PHE C   O    doub N N 273 
PHE C   OXT  sing N N 274 
PHE CB  CG   sing N N 275 
PHE CB  HB2  sing N N 276 
PHE CB  HB3  sing N N 277 
PHE CG  CD1  doub Y N 278 
PHE CG  CD2  sing Y N 279 
PHE CD1 CE1  sing Y N 280 
PHE CD1 HD1  sing N N 281 
PHE CD2 CE2  doub Y N 282 
PHE CD2 HD2  sing N N 283 
PHE CE1 CZ   doub Y N 284 
PHE CE1 HE1  sing N N 285 
PHE CE2 CZ   sing Y N 286 
PHE CE2 HE2  sing N N 287 
PHE CZ  HZ   sing N N 288 
PHE OXT HXT  sing N N 289 
PRO N   CA   sing N N 290 
PRO N   CD   sing N N 291 
PRO N   H    sing N N 292 
PRO CA  C    sing N N 293 
PRO CA  CB   sing N N 294 
PRO CA  HA   sing N N 295 
PRO C   O    doub N N 296 
PRO C   OXT  sing N N 297 
PRO CB  CG   sing N N 298 
PRO CB  HB2  sing N N 299 
PRO CB  HB3  sing N N 300 
PRO CG  CD   sing N N 301 
PRO CG  HG2  sing N N 302 
PRO CG  HG3  sing N N 303 
PRO CD  HD2  sing N N 304 
PRO CD  HD3  sing N N 305 
PRO OXT HXT  sing N N 306 
SER N   CA   sing N N 307 
SER N   H    sing N N 308 
SER N   H2   sing N N 309 
SER CA  C    sing N N 310 
SER CA  CB   sing N N 311 
SER CA  HA   sing N N 312 
SER C   O    doub N N 313 
SER C   OXT  sing N N 314 
SER CB  OG   sing N N 315 
SER CB  HB2  sing N N 316 
SER CB  HB3  sing N N 317 
SER OG  HG   sing N N 318 
SER OXT HXT  sing N N 319 
THR N   CA   sing N N 320 
THR N   H    sing N N 321 
THR N   H2   sing N N 322 
THR CA  C    sing N N 323 
THR CA  CB   sing N N 324 
THR CA  HA   sing N N 325 
THR C   O    doub N N 326 
THR C   OXT  sing N N 327 
THR CB  OG1  sing N N 328 
THR CB  CG2  sing N N 329 
THR CB  HB   sing N N 330 
THR OG1 HG1  sing N N 331 
THR CG2 HG21 sing N N 332 
THR CG2 HG22 sing N N 333 
THR CG2 HG23 sing N N 334 
THR OXT HXT  sing N N 335 
TRP N   CA   sing N N 336 
TRP N   H    sing N N 337 
TRP N   H2   sing N N 338 
TRP CA  C    sing N N 339 
TRP CA  CB   sing N N 340 
TRP CA  HA   sing N N 341 
TRP C   O    doub N N 342 
TRP C   OXT  sing N N 343 
TRP CB  CG   sing N N 344 
TRP CB  HB2  sing N N 345 
TRP CB  HB3  sing N N 346 
TRP CG  CD1  doub Y N 347 
TRP CG  CD2  sing Y N 348 
TRP CD1 NE1  sing Y N 349 
TRP CD1 HD1  sing N N 350 
TRP CD2 CE2  doub Y N 351 
TRP CD2 CE3  sing Y N 352 
TRP NE1 CE2  sing Y N 353 
TRP NE1 HE1  sing N N 354 
TRP CE2 CZ2  sing Y N 355 
TRP CE3 CZ3  doub Y N 356 
TRP CE3 HE3  sing N N 357 
TRP CZ2 CH2  doub Y N 358 
TRP CZ2 HZ2  sing N N 359 
TRP CZ3 CH2  sing Y N 360 
TRP CZ3 HZ3  sing N N 361 
TRP CH2 HH2  sing N N 362 
TRP OXT HXT  sing N N 363 
TYR N   CA   sing N N 364 
TYR N   H    sing N N 365 
TYR N   H2   sing N N 366 
TYR CA  C    sing N N 367 
TYR CA  CB   sing N N 368 
TYR CA  HA   sing N N 369 
TYR C   O    doub N N 370 
TYR C   OXT  sing N N 371 
TYR CB  CG   sing N N 372 
TYR CB  HB2  sing N N 373 
TYR CB  HB3  sing N N 374 
TYR CG  CD1  doub Y N 375 
TYR CG  CD2  sing Y N 376 
TYR CD1 CE1  sing Y N 377 
TYR CD1 HD1  sing N N 378 
TYR CD2 CE2  doub Y N 379 
TYR CD2 HD2  sing N N 380 
TYR CE1 CZ   doub Y N 381 
TYR CE1 HE1  sing N N 382 
TYR CE2 CZ   sing Y N 383 
TYR CE2 HE2  sing N N 384 
TYR CZ  OH   sing N N 385 
TYR OH  HH   sing N N 386 
TYR OXT HXT  sing N N 387 
VAL N   CA   sing N N 388 
VAL N   H    sing N N 389 
VAL N   H2   sing N N 390 
VAL CA  C    sing N N 391 
VAL CA  CB   sing N N 392 
VAL CA  HA   sing N N 393 
VAL C   O    doub N N 394 
VAL C   OXT  sing N N 395 
VAL CB  CG1  sing N N 396 
VAL CB  CG2  sing N N 397 
VAL CB  HB   sing N N 398 
VAL CG1 HG11 sing N N 399 
VAL CG1 HG12 sing N N 400 
VAL CG1 HG13 sing N N 401 
VAL CG2 HG21 sing N N 402 
VAL CG2 HG22 sing N N 403 
VAL CG2 HG23 sing N N 404 
VAL OXT HXT  sing N N 405 
# 
loop_
_pdbx_chem_comp_identifier.comp_id 
_pdbx_chem_comp_identifier.type 
_pdbx_chem_comp_identifier.program 
_pdbx_chem_comp_identifier.program_version 
_pdbx_chem_comp_identifier.identifier 
NGA 'CONDENSED IUPAC CARBOHYDRATE SYMBOL' GMML     1.0 DGalpNAcb                        
NGA 'COMMON NAME'                         GMML     1.0 N-acetyl-b-D-galactopyranosamine 
NGA 'IUPAC CARBOHYDRATE SYMBOL'           PDB-CARE 1.0 b-D-GalpNAc                      
NGA 'SNFG CARBOHYDRATE SYMBOL'            GMML     1.0 GalNAc                           
# 
_pdbx_entity_instance_feature.ordinal        1 
_pdbx_entity_instance_feature.comp_id        NGA 
_pdbx_entity_instance_feature.asym_id        ? 
_pdbx_entity_instance_feature.seq_num        ? 
_pdbx_entity_instance_feature.auth_comp_id   NGA 
_pdbx_entity_instance_feature.auth_asym_id   ? 
_pdbx_entity_instance_feature.auth_seq_num   ? 
_pdbx_entity_instance_feature.feature_type   'SUBJECT OF INVESTIGATION' 
_pdbx_entity_instance_feature.details        ? 
# 
loop_
_pdbx_entity_nonpoly.entity_id 
_pdbx_entity_nonpoly.name 
_pdbx_entity_nonpoly.comp_id 
2 2-acetamido-2-deoxy-beta-D-galactopyranose NGA 
3 water                                      HOH 
# 
_pdbx_initial_refinement_model.id               1 
_pdbx_initial_refinement_model.entity_id_list   ? 
_pdbx_initial_refinement_model.type             'experimental model' 
_pdbx_initial_refinement_model.source_name      PDB 
_pdbx_initial_refinement_model.accession_code   1QKQ 
_pdbx_initial_refinement_model.details          ? 
# 
_pdbx_struct_assembly_auth_evidence.id                     1 
_pdbx_struct_assembly_auth_evidence.assembly_id            1 
_pdbx_struct_assembly_auth_evidence.experimental_support   'light scattering' 
_pdbx_struct_assembly_auth_evidence.details                ? 
# 
